data_5ZEI
# 
_entry.id   5ZEI 
# 
_audit_conform.dict_name       mmcif_pdbx.dic 
_audit_conform.dict_version    5.380 
_audit_conform.dict_location   http://mmcif.pdb.org/dictionaries/ascii/mmcif_pdbx.dic 
# 
loop_
_database_2.database_id 
_database_2.database_code 
_database_2.pdbx_database_accession 
_database_2.pdbx_DOI 
PDB   5ZEI         pdb_00005zei 10.2210/pdb5zei/pdb 
WWPDB D_1300006929 ?            ?                   
# 
_pdbx_database_PDB_obs_spr.id               SPRSDE 
_pdbx_database_PDB_obs_spr.date             2018-03-21 
_pdbx_database_PDB_obs_spr.pdb_id           5ZEI 
_pdbx_database_PDB_obs_spr.replace_pdb_id   4WCQ 
_pdbx_database_PDB_obs_spr.details          ? 
# 
_pdbx_database_related.db_name        PDB 
_pdbx_database_related.details        . 
_pdbx_database_related.db_id          5ZEG 
_pdbx_database_related.content_type   unspecified 
# 
_pdbx_database_status.status_code                     REL 
_pdbx_database_status.status_code_sf                  REL 
_pdbx_database_status.status_code_mr                  ? 
_pdbx_database_status.entry_id                        5ZEI 
_pdbx_database_status.recvd_initial_deposition_date   2018-02-27 
_pdbx_database_status.SG_entry                        N 
_pdbx_database_status.deposit_site                    PDBJ 
_pdbx_database_status.process_site                    PDBJ 
_pdbx_database_status.status_code_cs                  ? 
_pdbx_database_status.methods_development_category    ? 
_pdbx_database_status.pdb_format_compatible           Y 
_pdbx_database_status.status_code_nmr_data            ? 
# 
loop_
_audit_author.name 
_audit_author.pdbx_ordinal 
_audit_author.identifier_ORCID 
'Kanazawa, H.' 1 ? 
'Baba, F.'     2 ? 
'Koganei, M.'  3 ? 
'Kondo, J.'    4 ? 
# 
_citation.abstract                  ? 
_citation.abstract_id_CAS           ? 
_citation.book_id_ISBN              ? 
_citation.book_publisher            ? 
_citation.book_publisher_city       ? 
_citation.book_title                ? 
_citation.coordinate_linkage        ? 
_citation.country                   UK 
_citation.database_id_Medline       ? 
_citation.details                   ? 
_citation.id                        primary 
_citation.journal_abbrev            'Nucleic Acids Res.' 
_citation.journal_id_ASTM           NARHAD 
_citation.journal_id_CSD            0389 
_citation.journal_id_ISSN           1362-4962 
_citation.journal_full              ? 
_citation.journal_issue             ? 
_citation.journal_volume            45 
_citation.language                  ? 
_citation.page_first                12529 
_citation.page_last                 12535 
_citation.title                     
'A structural basis for the antibiotic resistance conferred by an N1-methylation of A1408 in 16S rRNA.' 
_citation.year                      2017 
_citation.database_id_CSD           ? 
_citation.pdbx_database_id_DOI      10.1093/nar/gkx882 
_citation.pdbx_database_id_PubMed   29036479 
_citation.unpublished_flag          ? 
# 
loop_
_citation_author.citation_id 
_citation_author.name 
_citation_author.ordinal 
_citation_author.identifier_ORCID 
primary 'Kanazawa, H.' 1 ? 
primary 'Baba, F.'     2 ? 
primary 'Koganei, M.'  3 ? 
primary 'Kondo, J.'    4 ? 
# 
_cell.angle_alpha                  90.000 
_cell.angle_alpha_esd              ? 
_cell.angle_beta                   90.000 
_cell.angle_beta_esd               ? 
_cell.angle_gamma                  90.000 
_cell.angle_gamma_esd              ? 
_cell.entry_id                     5ZEI 
_cell.details                      ? 
_cell.formula_units_Z              ? 
_cell.length_a                     33.430 
_cell.length_a_esd                 ? 
_cell.length_b                     89.780 
_cell.length_b_esd                 ? 
_cell.length_c                     46.830 
_cell.length_c_esd                 ? 
_cell.volume                       ? 
_cell.volume_esd                   ? 
_cell.Z_PDB                        4 
_cell.reciprocal_angle_alpha       ? 
_cell.reciprocal_angle_beta        ? 
_cell.reciprocal_angle_gamma       ? 
_cell.reciprocal_angle_alpha_esd   ? 
_cell.reciprocal_angle_beta_esd    ? 
_cell.reciprocal_angle_gamma_esd   ? 
_cell.reciprocal_length_a          ? 
_cell.reciprocal_length_b          ? 
_cell.reciprocal_length_c          ? 
_cell.reciprocal_length_a_esd      ? 
_cell.reciprocal_length_b_esd      ? 
_cell.reciprocal_length_c_esd      ? 
_cell.pdbx_unique_axis             ? 
# 
_symmetry.entry_id                         5ZEI 
_symmetry.cell_setting                     ? 
_symmetry.Int_Tables_number                18 
_symmetry.space_group_name_Hall            ? 
_symmetry.space_group_name_H-M             'P 21 21 2' 
_symmetry.pdbx_full_space_group_name_H-M   ? 
# 
loop_
_entity.id 
_entity.type 
_entity.src_method 
_entity.pdbx_description 
_entity.formula_weight 
_entity.pdbx_number_of_molecules 
_entity.pdbx_ec 
_entity.pdbx_mutation 
_entity.pdbx_fragment 
_entity.details 
1 polymer     syn 
;RNA (5'-R(P*UP*GP*CP*GP*UP*CP*(1MA)P*CP*GP*UP*CP*GP*AP*CP*GP*AP*AP*GP*UP*CP*GP*C)-3')
;
7063.270 1   ? ? ? ? 
2 polymer     syn 
;RNA (5'-R(P*GP*CP*GP*UP*CP*(1MA)P*CP*GP*UP*CP*GP*AP*CP*GP*AP*AP*GP*UP*CP*GP*C)-3')
;
6757.104 1   ? ? ? ? 
3 non-polymer syn GENETICIN                                                                               496.552  2   ? ? ? ? 
4 water       nat water                                                                                   18.015   142 ? ? ? ? 
# 
loop_
_entity_poly.entity_id 
_entity_poly.type 
_entity_poly.nstd_linkage 
_entity_poly.nstd_monomer 
_entity_poly.pdbx_seq_one_letter_code 
_entity_poly.pdbx_seq_one_letter_code_can 
_entity_poly.pdbx_strand_id 
_entity_poly.pdbx_target_identifier 
1 polyribonucleotide no yes 'UGCGUC(1MA)CGUCGACGAAGUCGC' UGCGUCACGUCGACGAAGUCGC A ? 
2 polyribonucleotide no yes 'GCGUC(1MA)CGUCGACGAAGUCGC'  GCGUCACGUCGACGAAGUCGC  B ? 
# 
loop_
_entity_poly_seq.entity_id 
_entity_poly_seq.num 
_entity_poly_seq.mon_id 
_entity_poly_seq.hetero 
1 1  U   n 
1 2  G   n 
1 3  C   n 
1 4  G   n 
1 5  U   n 
1 6  C   n 
1 7  1MA n 
1 8  C   n 
1 9  G   n 
1 10 U   n 
1 11 C   n 
1 12 G   n 
1 13 A   n 
1 14 C   n 
1 15 G   n 
1 16 A   n 
1 17 A   n 
1 18 G   n 
1 19 U   n 
1 20 C   n 
1 21 G   n 
1 22 C   n 
2 1  G   n 
2 2  C   n 
2 3  G   n 
2 4  U   n 
2 5  C   n 
2 6  1MA n 
2 7  C   n 
2 8  G   n 
2 9  U   n 
2 10 C   n 
2 11 G   n 
2 12 A   n 
2 13 C   n 
2 14 G   n 
2 15 A   n 
2 16 A   n 
2 17 G   n 
2 18 U   n 
2 19 C   n 
2 20 G   n 
2 21 C   n 
# 
loop_
_pdbx_entity_src_syn.entity_id 
_pdbx_entity_src_syn.pdbx_src_id 
_pdbx_entity_src_syn.pdbx_alt_source_flag 
_pdbx_entity_src_syn.pdbx_beg_seq_num 
_pdbx_entity_src_syn.pdbx_end_seq_num 
_pdbx_entity_src_syn.organism_scientific 
_pdbx_entity_src_syn.organism_common_name 
_pdbx_entity_src_syn.ncbi_taxonomy_id 
_pdbx_entity_src_syn.details 
1 1 sample 1 22 'synthetic construct' ? 32630 ? 
2 1 sample 1 21 'synthetic construct' ? 32630 ? 
# 
loop_
_struct_ref.id 
_struct_ref.db_name 
_struct_ref.db_code 
_struct_ref.pdbx_db_accession 
_struct_ref.pdbx_db_isoform 
_struct_ref.entity_id 
_struct_ref.pdbx_seq_one_letter_code 
_struct_ref.pdbx_align_begin 
1 PDB 5ZEI 5ZEI ? 1 ? 1 
2 PDB 5ZEI 5ZEI ? 2 ? 1 
# 
loop_
_struct_ref_seq.align_id 
_struct_ref_seq.ref_id 
_struct_ref_seq.pdbx_PDB_id_code 
_struct_ref_seq.pdbx_strand_id 
_struct_ref_seq.seq_align_beg 
_struct_ref_seq.pdbx_seq_align_beg_ins_code 
_struct_ref_seq.seq_align_end 
_struct_ref_seq.pdbx_seq_align_end_ins_code 
_struct_ref_seq.pdbx_db_accession 
_struct_ref_seq.db_align_beg 
_struct_ref_seq.pdbx_db_align_beg_ins_code 
_struct_ref_seq.db_align_end 
_struct_ref_seq.pdbx_db_align_end_ins_code 
_struct_ref_seq.pdbx_auth_seq_align_beg 
_struct_ref_seq.pdbx_auth_seq_align_end 
1 1 5ZEI A 1 ? 22 ? 5ZEI 2  ? 23 ? 2  23 
2 2 5ZEI B 1 ? 21 ? 5ZEI 26 ? 46 ? 26 46 
# 
loop_
_chem_comp.id 
_chem_comp.type 
_chem_comp.mon_nstd_flag 
_chem_comp.name 
_chem_comp.pdbx_synonyms 
_chem_comp.formula 
_chem_comp.formula_weight 
1MA 'RNA linking' n "6-HYDRO-1-METHYLADENOSINE-5'-MONOPHOSPHATE" ?    'C11 H16 N5 O7 P' 361.248 
A   'RNA linking' y "ADENOSINE-5'-MONOPHOSPHATE"                 ?    'C10 H14 N5 O7 P' 347.221 
C   'RNA linking' y "CYTIDINE-5'-MONOPHOSPHATE"                  ?    'C9 H14 N3 O8 P'  323.197 
G   'RNA linking' y "GUANOSINE-5'-MONOPHOSPHATE"                 ?    'C10 H14 N5 O8 P' 363.221 
GET non-polymer   . GENETICIN                                    G418 'C20 H40 N4 O10'  496.552 
HOH non-polymer   . WATER                                        ?    'H2 O'            18.015  
U   'RNA linking' y "URIDINE-5'-MONOPHOSPHATE"                   ?    'C9 H13 N2 O9 P'  324.181 
# 
_exptl.absorpt_coefficient_mu     ? 
_exptl.absorpt_correction_T_max   ? 
_exptl.absorpt_correction_T_min   ? 
_exptl.absorpt_correction_type    ? 
_exptl.absorpt_process_details    ? 
_exptl.entry_id                   5ZEI 
_exptl.crystals_number            1 
_exptl.details                    ? 
_exptl.method                     'X-RAY DIFFRACTION' 
_exptl.method_details             ? 
# 
_exptl_crystal.colour                      ? 
_exptl_crystal.density_diffrn              ? 
_exptl_crystal.density_Matthews            2.54 
_exptl_crystal.density_method              ? 
_exptl_crystal.density_percent_sol         51.62 
_exptl_crystal.description                 ? 
_exptl_crystal.F_000                       ? 
_exptl_crystal.id                          1 
_exptl_crystal.preparation                 ? 
_exptl_crystal.size_max                    ? 
_exptl_crystal.size_mid                    ? 
_exptl_crystal.size_min                    ? 
_exptl_crystal.size_rad                    ? 
_exptl_crystal.colour_lustre               ? 
_exptl_crystal.colour_modifier             ? 
_exptl_crystal.colour_primary              ? 
_exptl_crystal.density_meas                ? 
_exptl_crystal.density_meas_esd            ? 
_exptl_crystal.density_meas_gt             ? 
_exptl_crystal.density_meas_lt             ? 
_exptl_crystal.density_meas_temp           ? 
_exptl_crystal.density_meas_temp_esd       ? 
_exptl_crystal.density_meas_temp_gt        ? 
_exptl_crystal.density_meas_temp_lt        ? 
_exptl_crystal.pdbx_crystal_image_url      ? 
_exptl_crystal.pdbx_crystal_image_format   ? 
_exptl_crystal.pdbx_mosaicity              ? 
_exptl_crystal.pdbx_mosaicity_esd          ? 
# 
_exptl_crystal_grow.apparatus       ? 
_exptl_crystal_grow.atmosphere      ? 
_exptl_crystal_grow.crystal_id      1 
_exptl_crystal_grow.details         ? 
_exptl_crystal_grow.method          'VAPOR DIFFUSION, HANGING DROP' 
_exptl_crystal_grow.method_ref      ? 
_exptl_crystal_grow.pH              7.0 
_exptl_crystal_grow.pressure        ? 
_exptl_crystal_grow.pressure_esd    ? 
_exptl_crystal_grow.seeding         ? 
_exptl_crystal_grow.seeding_ref     ? 
_exptl_crystal_grow.temp            293 
_exptl_crystal_grow.temp_details    ? 
_exptl_crystal_grow.temp_esd        ? 
_exptl_crystal_grow.time            ? 
_exptl_crystal_grow.pdbx_details    'Sodium cacodylate, Spermine, MPD, ammonium chloride' 
_exptl_crystal_grow.pdbx_pH_range   ? 
# 
_diffrn.ambient_environment    ? 
_diffrn.ambient_temp           100 
_diffrn.ambient_temp_details   ? 
_diffrn.ambient_temp_esd       ? 
_diffrn.crystal_id             1 
_diffrn.crystal_support        ? 
_diffrn.crystal_treatment      ? 
_diffrn.details                ? 
_diffrn.id                     1 
_diffrn.ambient_pressure       ? 
_diffrn.ambient_pressure_esd   ? 
_diffrn.ambient_pressure_gt    ? 
_diffrn.ambient_pressure_lt    ? 
_diffrn.ambient_temp_gt        ? 
_diffrn.ambient_temp_lt        ? 
# 
_diffrn_detector.details                      ? 
_diffrn_detector.detector                     CCD 
_diffrn_detector.diffrn_id                    1 
_diffrn_detector.type                         'ADSC QUANTUM 315r' 
_diffrn_detector.area_resol_mean              ? 
_diffrn_detector.dtime                        ? 
_diffrn_detector.pdbx_frames_total            ? 
_diffrn_detector.pdbx_collection_time_total   ? 
_diffrn_detector.pdbx_collection_date         2013-05-25 
# 
_diffrn_radiation.collimation                      ? 
_diffrn_radiation.diffrn_id                        1 
_diffrn_radiation.filter_edge                      ? 
_diffrn_radiation.inhomogeneity                    ? 
_diffrn_radiation.monochromator                    ? 
_diffrn_radiation.polarisn_norm                    ? 
_diffrn_radiation.polarisn_ratio                   ? 
_diffrn_radiation.probe                            ? 
_diffrn_radiation.type                             ? 
_diffrn_radiation.xray_symbol                      ? 
_diffrn_radiation.wavelength_id                    1 
_diffrn_radiation.pdbx_monochromatic_or_laue_m_l   M 
_diffrn_radiation.pdbx_wavelength_list             ? 
_diffrn_radiation.pdbx_wavelength                  ? 
_diffrn_radiation.pdbx_diffrn_protocol             'SINGLE WAVELENGTH' 
_diffrn_radiation.pdbx_analyzer                    ? 
_diffrn_radiation.pdbx_scattering_type             x-ray 
# 
_diffrn_radiation_wavelength.id           1 
_diffrn_radiation_wavelength.wavelength   0.98 
_diffrn_radiation_wavelength.wt           1.0 
# 
_diffrn_source.current                     ? 
_diffrn_source.details                     ? 
_diffrn_source.diffrn_id                   1 
_diffrn_source.power                       ? 
_diffrn_source.size                        ? 
_diffrn_source.source                      SYNCHROTRON 
_diffrn_source.target                      ? 
_diffrn_source.type                        'PHOTON FACTORY BEAMLINE BL-17A' 
_diffrn_source.voltage                     ? 
_diffrn_source.take-off_angle              ? 
_diffrn_source.pdbx_wavelength_list        0.98 
_diffrn_source.pdbx_wavelength             ? 
_diffrn_source.pdbx_synchrotron_beamline   BL-17A 
_diffrn_source.pdbx_synchrotron_site       'Photon Factory' 
# 
_reflns.B_iso_Wilson_estimate            ? 
_reflns.entry_id                         5ZEI 
_reflns.data_reduction_details           ? 
_reflns.data_reduction_method            ? 
_reflns.d_resolution_high                2.1 
_reflns.d_resolution_low                 44.9 
_reflns.details                          ? 
_reflns.limit_h_max                      ? 
_reflns.limit_h_min                      ? 
_reflns.limit_k_max                      ? 
_reflns.limit_k_min                      ? 
_reflns.limit_l_max                      ? 
_reflns.limit_l_min                      ? 
_reflns.number_all                       ? 
_reflns.number_obs                       8419 
_reflns.observed_criterion               ? 
_reflns.observed_criterion_F_max         ? 
_reflns.observed_criterion_F_min         ? 
_reflns.observed_criterion_I_max         ? 
_reflns.observed_criterion_I_min         ? 
_reflns.observed_criterion_sigma_F       ? 
_reflns.observed_criterion_sigma_I       ? 
_reflns.percent_possible_obs             96.6 
_reflns.R_free_details                   ? 
_reflns.Rmerge_F_all                     ? 
_reflns.Rmerge_F_obs                     ? 
_reflns.Friedel_coverage                 ? 
_reflns.number_gt                        ? 
_reflns.threshold_expression             ? 
_reflns.pdbx_redundancy                  6.4 
_reflns.pdbx_Rmerge_I_obs                0.059 
_reflns.pdbx_Rmerge_I_all                ? 
_reflns.pdbx_Rsym_value                  ? 
_reflns.pdbx_netI_over_av_sigmaI         ? 
_reflns.pdbx_netI_over_sigmaI            15.4 
_reflns.pdbx_res_netI_over_av_sigmaI_2   ? 
_reflns.pdbx_res_netI_over_sigmaI_2      ? 
_reflns.pdbx_chi_squared                 ? 
_reflns.pdbx_scaling_rejects             ? 
_reflns.pdbx_d_res_high_opt              ? 
_reflns.pdbx_d_res_low_opt               ? 
_reflns.pdbx_d_res_opt_method            ? 
_reflns.phase_calculation_details        ? 
_reflns.pdbx_Rrim_I_all                  ? 
_reflns.pdbx_Rpim_I_all                  ? 
_reflns.pdbx_d_opt                       ? 
_reflns.pdbx_number_measured_all         ? 
_reflns.pdbx_diffrn_id                   1 
_reflns.pdbx_ordinal                     1 
_reflns.pdbx_CC_half                     ? 
_reflns.pdbx_R_split                     ? 
# 
_reflns_shell.d_res_high                  2.1 
_reflns_shell.d_res_low                   2.2 
_reflns_shell.meanI_over_sigI_all         ? 
_reflns_shell.meanI_over_sigI_obs         ? 
_reflns_shell.number_measured_all         ? 
_reflns_shell.number_measured_obs         ? 
_reflns_shell.number_possible             ? 
_reflns_shell.number_unique_all           ? 
_reflns_shell.number_unique_obs           ? 
_reflns_shell.percent_possible_all        ? 
_reflns_shell.percent_possible_obs        ? 
_reflns_shell.Rmerge_F_all                ? 
_reflns_shell.Rmerge_F_obs                ? 
_reflns_shell.Rmerge_I_all                ? 
_reflns_shell.Rmerge_I_obs                0.365 
_reflns_shell.meanI_over_sigI_gt          ? 
_reflns_shell.meanI_over_uI_all           ? 
_reflns_shell.meanI_over_uI_gt            ? 
_reflns_shell.number_measured_gt          ? 
_reflns_shell.number_unique_gt            ? 
_reflns_shell.percent_possible_gt         ? 
_reflns_shell.Rmerge_F_gt                 ? 
_reflns_shell.Rmerge_I_gt                 ? 
_reflns_shell.pdbx_redundancy             ? 
_reflns_shell.pdbx_Rsym_value             ? 
_reflns_shell.pdbx_chi_squared            ? 
_reflns_shell.pdbx_netI_over_sigmaI_all   ? 
_reflns_shell.pdbx_netI_over_sigmaI_obs   ? 
_reflns_shell.pdbx_Rrim_I_all             ? 
_reflns_shell.pdbx_Rpim_I_all             ? 
_reflns_shell.pdbx_rejects                ? 
_reflns_shell.pdbx_ordinal                1 
_reflns_shell.pdbx_diffrn_id              1 
_reflns_shell.pdbx_CC_half                ? 
_reflns_shell.pdbx_R_split                ? 
# 
_refine.aniso_B[1][1]                            ? 
_refine.aniso_B[1][2]                            ? 
_refine.aniso_B[1][3]                            ? 
_refine.aniso_B[2][2]                            ? 
_refine.aniso_B[2][3]                            ? 
_refine.aniso_B[3][3]                            ? 
_refine.B_iso_max                                92.690 
_refine.B_iso_mean                               39.2100 
_refine.B_iso_min                                23.860 
_refine.correlation_coeff_Fo_to_Fc               ? 
_refine.correlation_coeff_Fo_to_Fc_free          ? 
_refine.details                                  ? 
_refine.diff_density_max                         ? 
_refine.diff_density_max_esd                     ? 
_refine.diff_density_min                         ? 
_refine.diff_density_min_esd                     ? 
_refine.diff_density_rms                         ? 
_refine.diff_density_rms_esd                     ? 
_refine.entry_id                                 5ZEI 
_refine.pdbx_refine_id                           'X-RAY DIFFRACTION' 
_refine.ls_abs_structure_details                 ? 
_refine.ls_abs_structure_Flack                   ? 
_refine.ls_abs_structure_Flack_esd               ? 
_refine.ls_abs_structure_Rogers                  ? 
_refine.ls_abs_structure_Rogers_esd              ? 
_refine.ls_d_res_high                            2.1000 
_refine.ls_d_res_low                             44.9 
_refine.ls_extinction_coef                       ? 
_refine.ls_extinction_coef_esd                   ? 
_refine.ls_extinction_expression                 ? 
_refine.ls_extinction_method                     ? 
_refine.ls_goodness_of_fit_all                   ? 
_refine.ls_goodness_of_fit_all_esd               ? 
_refine.ls_goodness_of_fit_obs                   ? 
_refine.ls_goodness_of_fit_obs_esd               ? 
_refine.ls_hydrogen_treatment                    ? 
_refine.ls_matrix_type                           ? 
_refine.ls_number_constraints                    ? 
_refine.ls_number_parameters                     ? 
_refine.ls_number_reflns_all                     ? 
_refine.ls_number_reflns_obs                     8418 
_refine.ls_number_reflns_R_free                  901 
_refine.ls_number_reflns_R_work                  ? 
_refine.ls_number_restraints                     ? 
_refine.ls_percent_reflns_obs                    96.5700 
_refine.ls_percent_reflns_R_free                 10.7000 
_refine.ls_R_factor_all                          ? 
_refine.ls_R_factor_obs                          0.2061 
_refine.ls_R_factor_R_free                       0.2501 
_refine.ls_R_factor_R_free_error                 ? 
_refine.ls_R_factor_R_free_error_details         ? 
_refine.ls_R_factor_R_work                       0.2007 
_refine.ls_R_Fsqd_factor_obs                     ? 
_refine.ls_R_I_factor_obs                        ? 
_refine.ls_redundancy_reflns_all                 ? 
_refine.ls_redundancy_reflns_obs                 ? 
_refine.ls_restrained_S_all                      ? 
_refine.ls_restrained_S_obs                      ? 
_refine.ls_shift_over_esd_max                    ? 
_refine.ls_shift_over_esd_mean                   ? 
_refine.ls_structure_factor_coef                 ? 
_refine.ls_weighting_details                     ? 
_refine.ls_weighting_scheme                      ? 
_refine.ls_wR_factor_all                         ? 
_refine.ls_wR_factor_obs                         ? 
_refine.ls_wR_factor_R_free                      ? 
_refine.ls_wR_factor_R_work                      ? 
_refine.occupancy_max                            ? 
_refine.occupancy_min                            ? 
_refine.solvent_model_details                    ? 
_refine.solvent_model_param_bsol                 ? 
_refine.solvent_model_param_ksol                 ? 
_refine.ls_R_factor_gt                           ? 
_refine.ls_goodness_of_fit_gt                    ? 
_refine.ls_goodness_of_fit_ref                   ? 
_refine.ls_shift_over_su_max                     ? 
_refine.ls_shift_over_su_max_lt                  ? 
_refine.ls_shift_over_su_mean                    ? 
_refine.ls_shift_over_su_mean_lt                 ? 
_refine.pdbx_ls_sigma_I                          ? 
_refine.pdbx_ls_sigma_F                          1.380 
_refine.pdbx_ls_sigma_Fsqd                       ? 
_refine.pdbx_data_cutoff_high_absF               ? 
_refine.pdbx_data_cutoff_high_rms_absF           ? 
_refine.pdbx_data_cutoff_low_absF                ? 
_refine.pdbx_isotropic_thermal_model             ? 
_refine.pdbx_ls_cross_valid_method               'FREE R-VALUE' 
_refine.pdbx_method_to_determine_struct          'MOLECULAR REPLACEMENT' 
_refine.pdbx_starting_model                      3TD1 
_refine.pdbx_stereochemistry_target_values       ? 
_refine.pdbx_R_Free_selection_details            ? 
_refine.pdbx_stereochem_target_val_spec_case     ? 
_refine.pdbx_overall_ESU_R                       ? 
_refine.pdbx_overall_ESU_R_Free                  ? 
_refine.pdbx_solvent_vdw_probe_radii             1.1100 
_refine.pdbx_solvent_ion_probe_radii             ? 
_refine.pdbx_solvent_shrinkage_radii             0.9000 
_refine.pdbx_real_space_R                        ? 
_refine.pdbx_density_correlation                 ? 
_refine.pdbx_pd_number_of_powder_patterns        ? 
_refine.pdbx_pd_number_of_points                 ? 
_refine.pdbx_pd_meas_number_of_points            ? 
_refine.pdbx_pd_proc_ls_prof_R_factor            ? 
_refine.pdbx_pd_proc_ls_prof_wR_factor           ? 
_refine.pdbx_pd_Marquardt_correlation_coeff      ? 
_refine.pdbx_pd_Fsqrd_R_factor                   ? 
_refine.pdbx_pd_ls_matrix_band_width             ? 
_refine.pdbx_overall_phase_error                 27.3900 
_refine.pdbx_overall_SU_R_free_Cruickshank_DPI   ? 
_refine.pdbx_overall_SU_R_free_Blow_DPI          ? 
_refine.pdbx_overall_SU_R_Blow_DPI               ? 
_refine.pdbx_TLS_residual_ADP_flag               ? 
_refine.pdbx_diffrn_id                           1 
_refine.overall_SU_B                             ? 
_refine.overall_SU_ML                            0.2600 
_refine.overall_SU_R_Cruickshank_DPI             ? 
_refine.overall_SU_R_free                        ? 
_refine.overall_FOM_free_R_set                   ? 
_refine.overall_FOM_work_R_set                   ? 
_refine.pdbx_average_fsc_overall                 ? 
_refine.pdbx_average_fsc_work                    ? 
_refine.pdbx_average_fsc_free                    ? 
# 
_refine_hist.cycle_id                         final 
_refine_hist.pdbx_refine_id                   'X-RAY DIFFRACTION' 
_refine_hist.d_res_high                       2.1000 
_refine_hist.d_res_low                        44.9 
_refine_hist.pdbx_number_atoms_ligand         68 
_refine_hist.number_atoms_solvent             142 
_refine_hist.number_atoms_total               1130 
_refine_hist.pdbx_number_residues_total       43 
_refine_hist.pdbx_B_iso_mean_ligand           32.63 
_refine_hist.pdbx_B_iso_mean_solvent          42.94 
_refine_hist.pdbx_number_atoms_protein        0 
_refine_hist.pdbx_number_atoms_nucleic_acid   920 
# 
loop_
_refine_ls_restr.pdbx_refine_id 
_refine_ls_restr.criterion 
_refine_ls_restr.dev_ideal 
_refine_ls_restr.dev_ideal_target 
_refine_ls_restr.number 
_refine_ls_restr.rejects 
_refine_ls_restr.type 
_refine_ls_restr.weight 
_refine_ls_restr.pdbx_restraint_function 
'X-RAY DIFFRACTION' ? 0.021  ? 1098 ? f_bond_d           ? ? 
'X-RAY DIFFRACTION' ? 1.621  ? 1706 ? f_angle_d          ? ? 
'X-RAY DIFFRACTION' ? 0.672  ? 243  ? f_chiral_restr     ? ? 
'X-RAY DIFFRACTION' ? 0.019  ? 43   ? f_plane_restr      ? ? 
'X-RAY DIFFRACTION' ? 12.953 ? 500  ? f_dihedral_angle_d ? ? 
# 
loop_
_refine_ls_shell.pdbx_refine_id 
_refine_ls_shell.d_res_high 
_refine_ls_shell.d_res_low 
_refine_ls_shell.number_reflns_all 
_refine_ls_shell.number_reflns_obs 
_refine_ls_shell.number_reflns_R_free 
_refine_ls_shell.number_reflns_R_work 
_refine_ls_shell.percent_reflns_obs 
_refine_ls_shell.percent_reflns_R_free 
_refine_ls_shell.R_factor_all 
_refine_ls_shell.R_factor_obs 
_refine_ls_shell.R_factor_R_free 
_refine_ls_shell.R_factor_R_free_error 
_refine_ls_shell.R_factor_R_work 
_refine_ls_shell.redundancy_reflns_all 
_refine_ls_shell.redundancy_reflns_obs 
_refine_ls_shell.wR_factor_all 
_refine_ls_shell.wR_factor_obs 
_refine_ls_shell.wR_factor_R_free 
_refine_ls_shell.wR_factor_R_work 
_refine_ls_shell.pdbx_total_number_of_bins_used 
_refine_ls_shell.pdbx_phase_error 
_refine_ls_shell.pdbx_fsc_work 
_refine_ls_shell.pdbx_fsc_free 
'X-RAY DIFFRACTION' 2.0999 2.2315  1385 . 138 1247 98.0000 . . . 0.3301 0.0000 0.2631 . . . . . . 6 . . . 
'X-RAY DIFFRACTION' 2.2315 2.4038  1368 . 157 1211 96.0000 . . . 0.3220 0.0000 0.2527 . . . . . . 6 . . . 
'X-RAY DIFFRACTION' 2.4038 2.6456  1369 . 134 1235 97.0000 . . . 0.3351 0.0000 0.2614 . . . . . . 6 . . . 
'X-RAY DIFFRACTION' 2.6456 3.0284  1378 . 138 1240 95.0000 . . . 0.3480 0.0000 0.2756 . . . . . . 6 . . . 
'X-RAY DIFFRACTION' 3.0284 3.8151  1409 . 159 1250 97.0000 . . . 0.2350 0.0000 0.1875 . . . . . . 6 . . . 
'X-RAY DIFFRACTION' 3.8151 44.9002 1509 . 175 1334 97.0000 . . . 0.1895 0.0000 0.1518 . . . . . . 6 . . . 
# 
_struct.entry_id                     5ZEI 
_struct.title                        
'Crystal structure of the bacterial A1408me1A-mutant ribosomal decoding site in complex with geneticin' 
_struct.pdbx_model_details           ? 
_struct.pdbx_formula_weight          ? 
_struct.pdbx_formula_weight_method   ? 
_struct.pdbx_model_type_details      ? 
_struct.pdbx_CASP_flag               N 
# 
_struct_keywords.entry_id        5ZEI 
_struct_keywords.text            'ribosome, RNA, aminoglycoside, antibiotic-resistance' 
_struct_keywords.pdbx_keywords   RNA 
# 
loop_
_struct_asym.id 
_struct_asym.pdbx_blank_PDB_chainid_flag 
_struct_asym.pdbx_modified 
_struct_asym.entity_id 
_struct_asym.details 
A N N 1 ? 
B N N 2 ? 
C N N 3 ? 
D N N 3 ? 
E N N 4 ? 
F N N 4 ? 
# 
loop_
_struct_conn.id 
_struct_conn.conn_type_id 
_struct_conn.pdbx_leaving_atom_flag 
_struct_conn.pdbx_PDB_id 
_struct_conn.ptnr1_label_asym_id 
_struct_conn.ptnr1_label_comp_id 
_struct_conn.ptnr1_label_seq_id 
_struct_conn.ptnr1_label_atom_id 
_struct_conn.pdbx_ptnr1_label_alt_id 
_struct_conn.pdbx_ptnr1_PDB_ins_code 
_struct_conn.pdbx_ptnr1_standard_comp_id 
_struct_conn.ptnr1_symmetry 
_struct_conn.ptnr2_label_asym_id 
_struct_conn.ptnr2_label_comp_id 
_struct_conn.ptnr2_label_seq_id 
_struct_conn.ptnr2_label_atom_id 
_struct_conn.pdbx_ptnr2_label_alt_id 
_struct_conn.pdbx_ptnr2_PDB_ins_code 
_struct_conn.ptnr1_auth_asym_id 
_struct_conn.ptnr1_auth_comp_id 
_struct_conn.ptnr1_auth_seq_id 
_struct_conn.ptnr2_auth_asym_id 
_struct_conn.ptnr2_auth_comp_id 
_struct_conn.ptnr2_auth_seq_id 
_struct_conn.ptnr2_symmetry 
_struct_conn.pdbx_ptnr3_label_atom_id 
_struct_conn.pdbx_ptnr3_label_seq_id 
_struct_conn.pdbx_ptnr3_label_comp_id 
_struct_conn.pdbx_ptnr3_label_asym_id 
_struct_conn.pdbx_ptnr3_label_alt_id 
_struct_conn.pdbx_ptnr3_PDB_ins_code 
_struct_conn.details 
_struct_conn.pdbx_dist_value 
_struct_conn.pdbx_value_order 
_struct_conn.pdbx_role 
covale1  covale both ? A C   6  "O3'" ? ? ? 1_555 A 1MA 7  P  ? ? A C   7  A 1MA 8  1_555 ? ? ? ? ? ? ?             1.605 ? ? 
covale2  covale both ? A 1MA 7  "O3'" ? ? ? 1_555 A C   8  P  ? ? A 1MA 8  A C   9  1_555 ? ? ? ? ? ? ?             1.602 ? ? 
covale3  covale both ? B C   5  "O3'" ? ? ? 1_555 B 1MA 6  P  ? ? B C   30 B 1MA 31 1_555 ? ? ? ? ? ? ?             1.607 ? ? 
covale4  covale both ? B 1MA 6  "O3'" ? ? ? 1_555 B C   7  P  ? ? B 1MA 31 B C   32 1_555 ? ? ? ? ? ? ?             1.609 ? ? 
hydrog1  hydrog ?    ? A G   2  N1    ? ? ? 1_555 B C   21 N3 ? ? A G   3  B C   46 1_555 ? ? ? ? ? ? WATSON-CRICK  ?     ? ? 
hydrog2  hydrog ?    ? A G   2  N2    ? ? ? 1_555 B C   21 O2 ? ? A G   3  B C   46 1_555 ? ? ? ? ? ? WATSON-CRICK  ?     ? ? 
hydrog3  hydrog ?    ? A G   2  O6    ? ? ? 1_555 B C   21 N4 ? ? A G   3  B C   46 1_555 ? ? ? ? ? ? WATSON-CRICK  ?     ? ? 
hydrog4  hydrog ?    ? A C   3  N3    ? ? ? 1_555 B G   20 N1 ? ? A C   4  B G   45 1_555 ? ? ? ? ? ? WATSON-CRICK  ?     ? ? 
hydrog5  hydrog ?    ? A C   3  N4    ? ? ? 1_555 B G   20 O6 ? ? A C   4  B G   45 1_555 ? ? ? ? ? ? WATSON-CRICK  ?     ? ? 
hydrog6  hydrog ?    ? A C   3  O2    ? ? ? 1_555 B G   20 N2 ? ? A C   4  B G   45 1_555 ? ? ? ? ? ? WATSON-CRICK  ?     ? ? 
hydrog7  hydrog ?    ? A G   4  N1    ? ? ? 1_555 B C   19 N3 ? ? A G   5  B C   44 1_555 ? ? ? ? ? ? WATSON-CRICK  ?     ? ? 
hydrog8  hydrog ?    ? A G   4  N2    ? ? ? 1_555 B C   19 O2 ? ? A G   5  B C   44 1_555 ? ? ? ? ? ? WATSON-CRICK  ?     ? ? 
hydrog9  hydrog ?    ? A G   4  O6    ? ? ? 1_555 B C   19 N4 ? ? A G   5  B C   44 1_555 ? ? ? ? ? ? WATSON-CRICK  ?     ? ? 
hydrog10 hydrog ?    ? A U   5  O4    ? ? ? 1_555 B U   18 N3 ? ? A U   6  B U   43 1_555 ? ? ? ? ? ? 'U-U MISPAIR' ?     ? ? 
hydrog11 hydrog ?    ? A C   6  N3    ? ? ? 1_555 B G   17 N1 ? ? A C   7  B G   42 1_555 ? ? ? ? ? ? WATSON-CRICK  ?     ? ? 
hydrog12 hydrog ?    ? A C   6  N4    ? ? ? 1_555 B G   17 O6 ? ? A C   7  B G   42 1_555 ? ? ? ? ? ? WATSON-CRICK  ?     ? ? 
hydrog13 hydrog ?    ? A C   6  O2    ? ? ? 1_555 B G   17 N2 ? ? A C   7  B G   42 1_555 ? ? ? ? ? ? WATSON-CRICK  ?     ? ? 
hydrog14 hydrog ?    ? A C   8  N3    ? ? ? 1_555 B G   14 N1 ? ? A C   9  B G   39 1_555 ? ? ? ? ? ? WATSON-CRICK  ?     ? ? 
hydrog15 hydrog ?    ? A C   8  N4    ? ? ? 1_555 B G   14 O6 ? ? A C   9  B G   39 1_555 ? ? ? ? ? ? WATSON-CRICK  ?     ? ? 
hydrog16 hydrog ?    ? A C   8  O2    ? ? ? 1_555 B G   14 N2 ? ? A C   9  B G   39 1_555 ? ? ? ? ? ? WATSON-CRICK  ?     ? ? 
hydrog17 hydrog ?    ? A G   9  N1    ? ? ? 1_555 B C   13 N3 ? ? A G   10 B C   38 1_555 ? ? ? ? ? ? WATSON-CRICK  ?     ? ? 
hydrog18 hydrog ?    ? A G   9  N2    ? ? ? 1_555 B C   13 O2 ? ? A G   10 B C   38 1_555 ? ? ? ? ? ? WATSON-CRICK  ?     ? ? 
hydrog19 hydrog ?    ? A G   9  O6    ? ? ? 1_555 B C   13 N4 ? ? A G   10 B C   38 1_555 ? ? ? ? ? ? WATSON-CRICK  ?     ? ? 
hydrog20 hydrog ?    ? A U   10 N3    ? ? ? 1_555 B A   12 N1 ? ? A U   11 B A   37 1_555 ? ? ? ? ? ? WATSON-CRICK  ?     ? ? 
hydrog21 hydrog ?    ? A U   10 O4    ? ? ? 1_555 B A   12 N6 ? ? A U   11 B A   37 1_555 ? ? ? ? ? ? WATSON-CRICK  ?     ? ? 
hydrog22 hydrog ?    ? A C   11 N3    ? ? ? 1_555 B G   11 N1 ? ? A C   12 B G   36 1_555 ? ? ? ? ? ? WATSON-CRICK  ?     ? ? 
hydrog23 hydrog ?    ? A C   11 N4    ? ? ? 1_555 B G   11 O6 ? ? A C   12 B G   36 1_555 ? ? ? ? ? ? WATSON-CRICK  ?     ? ? 
hydrog24 hydrog ?    ? A C   11 O2    ? ? ? 1_555 B G   11 N2 ? ? A C   12 B G   36 1_555 ? ? ? ? ? ? WATSON-CRICK  ?     ? ? 
hydrog25 hydrog ?    ? A G   12 N1    ? ? ? 1_555 B C   10 N3 ? ? A G   13 B C   35 1_555 ? ? ? ? ? ? WATSON-CRICK  ?     ? ? 
hydrog26 hydrog ?    ? A G   12 N2    ? ? ? 1_555 B C   10 O2 ? ? A G   13 B C   35 1_555 ? ? ? ? ? ? WATSON-CRICK  ?     ? ? 
hydrog27 hydrog ?    ? A G   12 O6    ? ? ? 1_555 B C   10 N4 ? ? A G   13 B C   35 1_555 ? ? ? ? ? ? WATSON-CRICK  ?     ? ? 
hydrog28 hydrog ?    ? A A   13 N1    ? ? ? 1_555 B U   9  N3 ? ? A A   14 B U   34 1_555 ? ? ? ? ? ? WATSON-CRICK  ?     ? ? 
hydrog29 hydrog ?    ? A A   13 N6    ? ? ? 1_555 B U   9  O4 ? ? A A   14 B U   34 1_555 ? ? ? ? ? ? WATSON-CRICK  ?     ? ? 
hydrog30 hydrog ?    ? A C   14 N3    ? ? ? 1_555 B G   8  N1 ? ? A C   15 B G   33 1_555 ? ? ? ? ? ? WATSON-CRICK  ?     ? ? 
hydrog31 hydrog ?    ? A C   14 N4    ? ? ? 1_555 B G   8  O6 ? ? A C   15 B G   33 1_555 ? ? ? ? ? ? WATSON-CRICK  ?     ? ? 
hydrog32 hydrog ?    ? A C   14 O2    ? ? ? 1_555 B G   8  N2 ? ? A C   15 B G   33 1_555 ? ? ? ? ? ? WATSON-CRICK  ?     ? ? 
hydrog33 hydrog ?    ? A G   15 N1    ? ? ? 1_555 B C   7  N3 ? ? A G   16 B C   32 1_555 ? ? ? ? ? ? WATSON-CRICK  ?     ? ? 
hydrog34 hydrog ?    ? A G   15 N2    ? ? ? 1_555 B C   7  O2 ? ? A G   16 B C   32 1_555 ? ? ? ? ? ? WATSON-CRICK  ?     ? ? 
hydrog35 hydrog ?    ? A G   15 O6    ? ? ? 1_555 B C   7  N4 ? ? A G   16 B C   32 1_555 ? ? ? ? ? ? WATSON-CRICK  ?     ? ? 
hydrog36 hydrog ?    ? A G   18 N1    ? ? ? 1_555 B C   5  N3 ? ? A G   19 B C   30 1_555 ? ? ? ? ? ? WATSON-CRICK  ?     ? ? 
hydrog37 hydrog ?    ? A G   18 N2    ? ? ? 1_555 B C   5  O2 ? ? A G   19 B C   30 1_555 ? ? ? ? ? ? WATSON-CRICK  ?     ? ? 
hydrog38 hydrog ?    ? A G   18 O6    ? ? ? 1_555 B C   5  N4 ? ? A G   19 B C   30 1_555 ? ? ? ? ? ? WATSON-CRICK  ?     ? ? 
hydrog39 hydrog ?    ? A U   19 N3    ? ? ? 1_555 B U   4  O4 ? ? A U   20 B U   29 1_555 ? ? ? ? ? ? TYPE_16_PAIR  ?     ? ? 
hydrog40 hydrog ?    ? A U   19 O2    ? ? ? 1_555 B U   4  N3 ? ? A U   20 B U   29 1_555 ? ? ? ? ? ? TYPE_16_PAIR  ?     ? ? 
hydrog41 hydrog ?    ? A C   20 N3    ? ? ? 1_555 B G   3  N1 ? ? A C   21 B G   28 1_555 ? ? ? ? ? ? WATSON-CRICK  ?     ? ? 
hydrog42 hydrog ?    ? A C   20 N4    ? ? ? 1_555 B G   3  O6 ? ? A C   21 B G   28 1_555 ? ? ? ? ? ? WATSON-CRICK  ?     ? ? 
hydrog43 hydrog ?    ? A C   20 O2    ? ? ? 1_555 B G   3  N2 ? ? A C   21 B G   28 1_555 ? ? ? ? ? ? WATSON-CRICK  ?     ? ? 
hydrog44 hydrog ?    ? A C   20 N3    ? ? ? 1_555 B U   4  N3 ? ? A C   21 B U   29 1_555 ? ? ? ? ? ? TYPE_18_PAIR  ?     ? ? 
hydrog45 hydrog ?    ? A C   20 N4    ? ? ? 1_555 B U   4  O4 ? ? A C   21 B U   29 1_555 ? ? ? ? ? ? TYPE_18_PAIR  ?     ? ? 
hydrog46 hydrog ?    ? A G   21 N1    ? ? ? 1_555 B C   2  N3 ? ? A G   22 B C   27 1_555 ? ? ? ? ? ? WATSON-CRICK  ?     ? ? 
hydrog47 hydrog ?    ? A G   21 N2    ? ? ? 1_555 B C   2  O2 ? ? A G   22 B C   27 1_555 ? ? ? ? ? ? WATSON-CRICK  ?     ? ? 
hydrog48 hydrog ?    ? A G   21 O6    ? ? ? 1_555 B C   2  N4 ? ? A G   22 B C   27 1_555 ? ? ? ? ? ? WATSON-CRICK  ?     ? ? 
hydrog49 hydrog ?    ? A C   22 N3    ? ? ? 1_555 B G   1  N1 ? ? A C   23 B G   26 1_555 ? ? ? ? ? ? WATSON-CRICK  ?     ? ? 
hydrog50 hydrog ?    ? A C   22 N4    ? ? ? 1_555 B G   1  O6 ? ? A C   23 B G   26 1_555 ? ? ? ? ? ? WATSON-CRICK  ?     ? ? 
hydrog51 hydrog ?    ? A C   22 O2    ? ? ? 1_555 B G   1  N2 ? ? A C   23 B G   26 1_555 ? ? ? ? ? ? WATSON-CRICK  ?     ? ? 
# 
loop_
_struct_conn_type.id 
_struct_conn_type.criteria 
_struct_conn_type.reference 
covale ? ? 
hydrog ? ? 
# 
loop_
_struct_site.id 
_struct_site.pdbx_evidence_code 
_struct_site.pdbx_auth_asym_id 
_struct_site.pdbx_auth_comp_id 
_struct_site.pdbx_auth_seq_id 
_struct_site.pdbx_auth_ins_code 
_struct_site.pdbx_num_residues 
_struct_site.details 
AC1 Software A GET 101 ? 17 'binding site for residue GET A 101' 
AC2 Software B GET 101 ? 16 'binding site for residue GET B 101' 
# 
loop_
_struct_site_gen.id 
_struct_site_gen.site_id 
_struct_site_gen.pdbx_num_res 
_struct_site_gen.label_comp_id 
_struct_site_gen.label_asym_id 
_struct_site_gen.label_seq_id 
_struct_site_gen.pdbx_auth_ins_code 
_struct_site_gen.auth_comp_id 
_struct_site_gen.auth_asym_id 
_struct_site_gen.auth_seq_id 
_struct_site_gen.label_atom_id 
_struct_site_gen.label_alt_id 
_struct_site_gen.symmetry 
_struct_site_gen.details 
1  AC1 17 G   A 15 ? G   A 16  . ? 1_555 ? 
2  AC1 17 A   A 16 ? A   A 17  . ? 1_555 ? 
3  AC1 17 A   A 17 ? A   A 18  . ? 1_555 ? 
4  AC1 17 G   A 18 ? G   A 19  . ? 1_555 ? 
5  AC1 17 U   A 19 ? U   A 20  . ? 1_555 ? 
6  AC1 17 HOH E .  ? HOH A 212 . ? 1_555 ? 
7  AC1 17 HOH E .  ? HOH A 214 . ? 1_555 ? 
8  AC1 17 HOH E .  ? HOH A 238 . ? 1_555 ? 
9  AC1 17 HOH E .  ? HOH A 240 . ? 1_555 ? 
10 AC1 17 HOH E .  ? HOH A 242 . ? 1_555 ? 
11 AC1 17 HOH E .  ? HOH A 252 . ? 1_555 ? 
12 AC1 17 C   B 2  ? C   B 27  . ? 1_555 ? 
13 AC1 17 G   B 3  ? G   B 28  . ? 1_555 ? 
14 AC1 17 U   B 4  ? U   B 29  . ? 1_555 ? 
15 AC1 17 C   B 5  ? C   B 30  . ? 1_555 ? 
16 AC1 17 1MA B 6  ? 1MA B 31  . ? 1_555 ? 
17 AC1 17 C   B 7  ? C   B 32  . ? 1_555 ? 
18 AC2 16 C   A 3  ? C   A 4   . ? 1_555 ? 
19 AC2 16 G   A 4  ? G   A 5   . ? 1_555 ? 
20 AC2 16 U   A 5  ? U   A 6   . ? 1_555 ? 
21 AC2 16 C   A 6  ? C   A 7   . ? 1_555 ? 
22 AC2 16 1MA A 7  ? 1MA A 8   . ? 1_555 ? 
23 AC2 16 C   A 8  ? C   A 9   . ? 1_555 ? 
24 AC2 16 G   B 14 ? G   B 39  . ? 1_555 ? 
25 AC2 16 A   B 15 ? A   B 40  . ? 1_555 ? 
26 AC2 16 A   B 16 ? A   B 41  . ? 1_555 ? 
27 AC2 16 G   B 17 ? G   B 42  . ? 1_555 ? 
28 AC2 16 U   B 18 ? U   B 43  . ? 1_555 ? 
29 AC2 16 HOH F .  ? HOH B 206 . ? 1_555 ? 
30 AC2 16 HOH F .  ? HOH B 211 . ? 1_555 ? 
31 AC2 16 HOH F .  ? HOH B 213 . ? 1_555 ? 
32 AC2 16 HOH F .  ? HOH B 215 . ? 1_555 ? 
33 AC2 16 HOH F .  ? HOH B 238 . ? 1_555 ? 
# 
_atom_sites.entry_id                    5ZEI 
_atom_sites.fract_transf_matrix[1][1]   -0.01501614 
_atom_sites.fract_transf_matrix[1][2]   -0.02446732 
_atom_sites.fract_transf_matrix[1][3]   0.00840555 
_atom_sites.fract_transf_matrix[2][1]   -0.00870051 
_atom_sites.fract_transf_matrix[2][2]   0.00322281 
_atom_sites.fract_transf_matrix[2][3]   -0.00616195 
_atom_sites.fract_transf_matrix[3][1]   0.00792686 
_atom_sites.fract_transf_matrix[3][2]   -0.01061777 
_atom_sites.fract_transf_matrix[3][3]   -0.01674578 
_atom_sites.fract_transf_vector[1]      0.061439 
_atom_sites.fract_transf_vector[2]      0.127773 
_atom_sites.fract_transf_vector[3]      0.478002 
# 
loop_
_atom_type.symbol 
C 
N 
O 
P 
# 
loop_
_atom_site.group_PDB 
_atom_site.id 
_atom_site.type_symbol 
_atom_site.label_atom_id 
_atom_site.label_alt_id 
_atom_site.label_comp_id 
_atom_site.label_asym_id 
_atom_site.label_entity_id 
_atom_site.label_seq_id 
_atom_site.pdbx_PDB_ins_code 
_atom_site.Cartn_x 
_atom_site.Cartn_y 
_atom_site.Cartn_z 
_atom_site.occupancy 
_atom_site.B_iso_or_equiv 
_atom_site.pdbx_formal_charge 
_atom_site.auth_seq_id 
_atom_site.auth_comp_id 
_atom_site.auth_asym_id 
_atom_site.auth_atom_id 
_atom_site.pdbx_PDB_model_num 
ATOM   1    P P     . U   A 1 1  ? 13.714  -9.137  -28.048 1.00 92.69 ? 2   U   A P     1 
ATOM   2    O OP1   . U   A 1 1  ? 12.292  -9.685  -27.977 1.00 73.12 ? 2   U   A OP1   1 
ATOM   3    O OP2   . U   A 1 1  ? 14.768  -10.151 -27.612 1.00 73.42 ? 2   U   A OP2   1 
ATOM   4    O "O5'" . U   A 1 1  ? 13.779  -7.928  -26.957 1.00 68.83 ? 2   U   A "O5'" 1 
ATOM   5    C "C5'" . U   A 1 1  ? 14.108  -6.595  -27.372 1.00 61.21 ? 2   U   A "C5'" 1 
ATOM   6    C "C4'" . U   A 1 1  ? 13.441  -5.587  -26.472 1.00 56.77 ? 2   U   A "C4'" 1 
ATOM   7    O "O4'" . U   A 1 1  ? 13.270  -4.367  -27.240 1.00 58.60 ? 2   U   A "O4'" 1 
ATOM   8    C "C3'" . U   A 1 1  ? 12.041  -5.950  -25.989 1.00 53.44 ? 2   U   A "C3'" 1 
ATOM   9    O "O3'" . U   A 1 1  ? 11.731  -5.221  -24.803 1.00 54.98 ? 2   U   A "O3'" 1 
ATOM   10   C "C2'" . U   A 1 1  ? 11.170  -5.455  -27.134 1.00 52.39 ? 2   U   A "C2'" 1 
ATOM   11   O "O2'" . U   A 1 1  ? 9.845   -5.162  -26.737 1.00 54.99 ? 2   U   A "O2'" 1 
ATOM   12   C "C1'" . U   A 1 1  ? 11.899  -4.172  -27.534 1.00 54.18 ? 2   U   A "C1'" 1 
ATOM   13   N N1    . U   A 1 1  ? 11.769  -3.869  -28.966 1.00 50.22 ? 2   U   A N1    1 
ATOM   14   C C2    . U   A 1 1  ? 10.860  -2.892  -29.332 1.00 49.61 ? 2   U   A C2    1 
ATOM   15   O O2    . U   A 1 1  ? 10.201  -2.262  -28.518 1.00 50.04 ? 2   U   A O2    1 
ATOM   16   N N3    . U   A 1 1  ? 10.755  -2.677  -30.686 1.00 43.73 ? 2   U   A N3    1 
ATOM   17   C C4    . U   A 1 1  ? 11.454  -3.323  -31.684 1.00 44.45 ? 2   U   A C4    1 
ATOM   18   O O4    . U   A 1 1  ? 11.229  -3.038  -32.856 1.00 43.64 ? 2   U   A O4    1 
ATOM   19   C C5    . U   A 1 1  ? 12.385  -4.309  -31.223 1.00 45.68 ? 2   U   A C5    1 
ATOM   20   C C6    . U   A 1 1  ? 12.509  -4.540  -29.911 1.00 48.90 ? 2   U   A C6    1 
ATOM   21   P P     . G   A 1 2  ? 10.907  -5.928  -23.614 1.00 55.10 ? 3   G   A P     1 
ATOM   22   O OP1   . G   A 1 2  ? 10.488  -7.274  -24.083 1.00 54.48 ? 3   G   A OP1   1 
ATOM   23   O OP2   . G   A 1 2  ? 9.880   -4.971  -23.124 1.00 57.36 ? 3   G   A OP2   1 
ATOM   24   O "O5'" . G   A 1 2  ? 11.994  -6.111  -22.462 1.00 47.40 ? 3   G   A "O5'" 1 
ATOM   25   C "C5'" . G   A 1 2  ? 12.920  -7.190  -22.492 1.00 48.81 ? 3   G   A "C5'" 1 
ATOM   26   C "C4'" . G   A 1 2  ? 14.240  -6.760  -21.902 1.00 44.45 ? 3   G   A "C4'" 1 
ATOM   27   O "O4'" . G   A 1 2  ? 14.914  -5.850  -22.810 1.00 49.86 ? 3   G   A "O4'" 1 
ATOM   28   C "C3'" . G   A 1 2  ? 14.155  -6.000  -20.590 1.00 44.89 ? 3   G   A "C3'" 1 
ATOM   29   O "O3'" . G   A 1 2  ? 14.047  -6.886  -19.485 1.00 42.64 ? 3   G   A "O3'" 1 
ATOM   30   C "C2'" . G   A 1 2  ? 15.467  -5.224  -20.580 1.00 45.53 ? 3   G   A "C2'" 1 
ATOM   31   O "O2'" . G   A 1 2  ? 16.576  -5.966  -20.118 1.00 42.01 ? 3   G   A "O2'" 1 
ATOM   32   C "C1'" . G   A 1 2  ? 15.615  -4.866  -22.061 1.00 44.08 ? 3   G   A "C1'" 1 
ATOM   33   N N9    . G   A 1 2  ? 15.038  -3.561  -22.361 1.00 41.92 ? 3   G   A N9    1 
ATOM   34   C C8    . G   A 1 2  ? 13.898  -3.301  -23.083 1.00 41.37 ? 3   G   A C8    1 
ATOM   35   N N7    . G   A 1 2  ? 13.624  -2.029  -23.169 1.00 43.26 ? 3   G   A N7    1 
ATOM   36   C C5    . G   A 1 2  ? 14.648  -1.408  -22.464 1.00 42.79 ? 3   G   A C5    1 
ATOM   37   C C6    . G   A 1 2  ? 14.889  -0.033  -22.215 1.00 42.71 ? 3   G   A C6    1 
ATOM   38   O O6    . G   A 1 2  ? 14.221  0.944   -22.580 1.00 44.77 ? 3   G   A O6    1 
ATOM   39   N N1    . G   A 1 2  ? 16.043  0.156   -21.459 1.00 39.57 ? 3   G   A N1    1 
ATOM   40   C C2    . G   A 1 2  ? 16.861  -0.851  -21.003 1.00 44.36 ? 3   G   A C2    1 
ATOM   41   N N2    . G   A 1 2  ? 17.939  -0.470  -20.292 1.00 46.47 ? 3   G   A N2    1 
ATOM   42   N N3    . G   A 1 2  ? 16.645  -2.137  -21.228 1.00 40.68 ? 3   G   A N3    1 
ATOM   43   C C4    . G   A 1 2  ? 15.529  -2.341  -21.961 1.00 42.19 ? 3   G   A C4    1 
ATOM   44   P P     . C   A 1 3  ? 13.312  -6.396  -18.139 1.00 48.21 ? 4   C   A P     1 
ATOM   45   O OP1   . C   A 1 3  ? 13.178  -7.591  -17.260 1.00 45.25 ? 4   C   A OP1   1 
ATOM   46   O OP2   . C   A 1 3  ? 12.100  -5.607  -18.502 1.00 46.69 ? 4   C   A OP2   1 
ATOM   47   O "O5'" . C   A 1 3  ? 14.365  -5.412  -17.467 1.00 45.37 ? 4   C   A "O5'" 1 
ATOM   48   C "C5'" . C   A 1 3  ? 15.592  -5.914  -16.956 1.00 44.27 ? 4   C   A "C5'" 1 
ATOM   49   C "C4'" . C   A 1 3  ? 16.440  -4.785  -16.443 1.00 40.45 ? 4   C   A "C4'" 1 
ATOM   50   O "O4'" . C   A 1 3  ? 16.826  -3.918  -17.544 1.00 45.48 ? 4   C   A "O4'" 1 
ATOM   51   C "C3'" . C   A 1 3  ? 15.753  -3.841  -15.480 1.00 41.43 ? 4   C   A "C3'" 1 
ATOM   52   O "O3'" . C   A 1 3  ? 15.694  -4.383  -14.170 1.00 38.23 ? 4   C   A "O3'" 1 
ATOM   53   C "C2'" . C   A 1 3  ? 16.656  -2.625  -15.580 1.00 43.71 ? 4   C   A "C2'" 1 
ATOM   54   O "O2'" . C   A 1 3  ? 17.896  -2.833  -14.934 1.00 45.91 ? 4   C   A "O2'" 1 
ATOM   55   C "C1'" . C   A 1 3  ? 16.865  -2.568  -17.094 1.00 45.35 ? 4   C   A "C1'" 1 
ATOM   56   N N1    . C   A 1 3  ? 15.796  -1.825  -17.779 1.00 44.37 ? 4   C   A N1    1 
ATOM   57   C C2    . C   A 1 3  ? 15.792  -0.429  -17.709 1.00 46.13 ? 4   C   A C2    1 
ATOM   58   O O2    . C   A 1 3  ? 16.691  0.141   -17.078 1.00 45.91 ? 4   C   A O2    1 
ATOM   59   N N3    . C   A 1 3  ? 14.806  0.264   -18.326 1.00 44.32 ? 4   C   A N3    1 
ATOM   60   C C4    . C   A 1 3  ? 13.853  -0.386  -18.996 1.00 42.09 ? 4   C   A C4    1 
ATOM   61   N N4    . C   A 1 3  ? 12.902  0.339   -19.595 1.00 40.57 ? 4   C   A N4    1 
ATOM   62   C C5    . C   A 1 3  ? 13.833  -1.810  -19.085 1.00 45.32 ? 4   C   A C5    1 
ATOM   63   C C6    . C   A 1 3  ? 14.816  -2.483  -18.468 1.00 44.05 ? 4   C   A C6    1 
ATOM   64   P P     . G   A 1 4  ? 14.412  -4.090  -13.252 1.00 43.56 ? 5   G   A P     1 
ATOM   65   O OP1   . G   A 1 4  ? 14.492  -5.001  -12.087 1.00 44.45 ? 5   G   A OP1   1 
ATOM   66   O OP2   . G   A 1 4  ? 13.191  -4.097  -14.107 1.00 40.17 ? 5   G   A OP2   1 
ATOM   67   O "O5'" . G   A 1 4  ? 14.638  -2.602  -12.735 1.00 49.10 ? 5   G   A "O5'" 1 
ATOM   68   C "C5'" . G   A 1 4  ? 15.706  -2.297  -11.842 1.00 44.65 ? 5   G   A "C5'" 1 
ATOM   69   C "C4'" . G   A 1 4  ? 15.895  -0.802  -11.742 1.00 42.33 ? 5   G   A "C4'" 1 
ATOM   70   O "O4'" . G   A 1 4  ? 16.241  -0.255  -13.046 1.00 45.24 ? 5   G   A "O4'" 1 
ATOM   71   C "C3'" . G   A 1 4  ? 14.687  0.022   -11.338 1.00 44.99 ? 5   G   A "C3'" 1 
ATOM   72   O "O3'" . G   A 1 4  ? 14.467  -0.010  -9.939  1.00 46.95 ? 5   G   A "O3'" 1 
ATOM   73   C "C2'" . G   A 1 4  ? 15.119  1.401   -11.809 1.00 46.77 ? 5   G   A "C2'" 1 
ATOM   74   O "O2'" . G   A 1 4  ? 16.139  1.973   -11.016 1.00 46.40 ? 5   G   A "O2'" 1 
ATOM   75   C "C1'" . G   A 1 4  ? 15.690  1.051   -13.177 1.00 43.84 ? 5   G   A "C1'" 1 
ATOM   76   N N9    . G   A 1 4  ? 14.642  1.010   -14.192 1.00 46.36 ? 5   G   A N9    1 
ATOM   77   C C8    . G   A 1 4  ? 14.152  -0.104  -14.827 1.00 46.87 ? 5   G   A C8    1 
ATOM   78   N N7    . G   A 1 4  ? 13.203  0.171   -15.681 1.00 46.46 ? 5   G   A N7    1 
ATOM   79   C C5    . G   A 1 4  ? 13.060  1.550   -15.609 1.00 45.30 ? 5   G   A C5    1 
ATOM   80   C C6    . G   A 1 4  ? 12.186  2.416   -16.310 1.00 43.28 ? 5   G   A C6    1 
ATOM   81   O O6    . G   A 1 4  ? 11.337  2.126   -17.164 1.00 40.65 ? 5   G   A O6    1 
ATOM   82   N N1    . G   A 1 4  ? 12.370  3.744   -15.934 1.00 44.63 ? 5   G   A N1    1 
ATOM   83   C C2    . G   A 1 4  ? 13.283  4.183   -15.003 1.00 48.28 ? 5   G   A C2    1 
ATOM   84   N N2    . G   A 1 4  ? 13.312  5.509   -14.774 1.00 44.04 ? 5   G   A N2    1 
ATOM   85   N N3    . G   A 1 4  ? 14.107  3.380   -14.343 1.00 49.22 ? 5   G   A N3    1 
ATOM   86   C C4    . G   A 1 4  ? 13.942  2.086   -14.694 1.00 49.59 ? 5   G   A C4    1 
ATOM   87   P P     . U   A 1 5  ? 12.986  0.227   -9.362  1.00 48.66 ? 6   U   A P     1 
ATOM   88   O OP1   . U   A 1 5  ? 13.036  -0.046  -7.904  1.00 58.74 ? 6   U   A OP1   1 
ATOM   89   O OP2   . U   A 1 5  ? 12.033  -0.526  -10.214 1.00 47.63 ? 6   U   A OP2   1 
ATOM   90   O "O5'" . U   A 1 5  ? 12.725  1.789   -9.541  1.00 43.39 ? 6   U   A "O5'" 1 
ATOM   91   C "C5'" . U   A 1 5  ? 13.511  2.737   -8.829  1.00 48.30 ? 6   U   A "C5'" 1 
ATOM   92   C "C4'" . U   A 1 5  ? 13.114  4.146   -9.198  1.00 47.58 ? 6   U   A "C4'" 1 
ATOM   93   O "O4'" . U   A 1 5  ? 13.313  4.371   -10.620 1.00 51.63 ? 6   U   A "O4'" 1 
ATOM   94   C "C3'" . U   A 1 5  ? 11.658  4.528   -9.019  1.00 53.50 ? 6   U   A "C3'" 1 
ATOM   95   O "O3'" . U   A 1 5  ? 11.303  4.769   -7.666  1.00 53.31 ? 6   U   A "O3'" 1 
ATOM   96   C "C2'" . U   A 1 5  ? 11.588  5.803   -9.846  1.00 53.44 ? 6   U   A "C2'" 1 
ATOM   97   O "O2'" . U   A 1 5  ? 12.108  6.940   -9.189  1.00 54.32 ? 6   U   A "O2'" 1 
ATOM   98   C "C1'" . U   A 1 5  ? 12.445  5.412   -11.052 1.00 52.40 ? 6   U   A "C1'" 1 
ATOM   99   N N1    . U   A 1 5  ? 11.583  4.903   -12.126 1.00 53.03 ? 6   U   A N1    1 
ATOM   100  C C2    . U   A 1 5  ? 10.875  5.837   -12.857 1.00 49.95 ? 6   U   A C2    1 
ATOM   101  O O2    . U   A 1 5  ? 10.995  7.035   -12.687 1.00 55.59 ? 6   U   A O2    1 
ATOM   102  N N3    . U   A 1 5  ? 10.019  5.316   -13.793 1.00 48.37 ? 6   U   A N3    1 
ATOM   103  C C4    . U   A 1 5  ? 9.813   3.985   -14.075 1.00 46.82 ? 6   U   A C4    1 
ATOM   104  O O4    . U   A 1 5  ? 8.924   3.672   -14.864 1.00 46.20 ? 6   U   A O4    1 
ATOM   105  C C5    . U   A 1 5  ? 10.619  3.076   -13.307 1.00 48.83 ? 6   U   A C5    1 
ATOM   106  C C6    . U   A 1 5  ? 11.456  3.555   -12.382 1.00 48.14 ? 6   U   A C6    1 
ATOM   107  P P     . C   A 1 6  ? 9.775   4.589   -7.209  1.00 53.32 ? 7   C   A P     1 
ATOM   108  O OP1   . C   A 1 6  ? 9.651   5.005   -5.788  1.00 64.00 ? 7   C   A OP1   1 
ATOM   109  O OP2   . C   A 1 6  ? 9.353   3.223   -7.611  1.00 52.14 ? 7   C   A OP2   1 
ATOM   110  O "O5'" . C   A 1 6  ? 8.971   5.633   -8.102  1.00 51.75 ? 7   C   A "O5'" 1 
ATOM   111  C "C5'" . C   A 1 6  ? 9.192   7.029   -7.979  1.00 48.89 ? 7   C   A "C5'" 1 
ATOM   112  C "C4'" . C   A 1 6  ? 8.195   7.785   -8.823  1.00 50.95 ? 7   C   A "C4'" 1 
ATOM   113  O "O4'" . C   A 1 6  ? 8.397   7.455   -10.222 1.00 49.50 ? 7   C   A "O4'" 1 
ATOM   114  C "C3'" . C   A 1 6  ? 6.736   7.444   -8.574  1.00 52.22 ? 7   C   A "C3'" 1 
ATOM   115  O "O3'" . C   A 1 6  ? 6.213   8.189   -7.483  1.00 59.21 ? 7   C   A "O3'" 1 
ATOM   116  C "C2'" . C   A 1 6  ? 6.081   7.862   -9.881  1.00 51.64 ? 7   C   A "C2'" 1 
ATOM   117  O "O2'" . C   A 1 6  ? 5.798   9.245   -9.953  1.00 53.69 ? 7   C   A "O2'" 1 
ATOM   118  C "C1'" . C   A 1 6  ? 7.148   7.458   -10.898 1.00 50.77 ? 7   C   A "C1'" 1 
ATOM   119  N N1    . C   A 1 6  ? 6.919   6.113   -11.445 1.00 46.66 ? 7   C   A N1    1 
ATOM   120  C C2    . C   A 1 6  ? 5.819   5.905   -12.281 1.00 48.18 ? 7   C   A C2    1 
ATOM   121  O O2    . C   A 1 6  ? 5.074   6.863   -12.539 1.00 46.02 ? 7   C   A O2    1 
ATOM   122  N N3    . C   A 1 6  ? 5.593   4.665   -12.781 1.00 46.59 ? 7   C   A N3    1 
ATOM   123  C C4    . C   A 1 6  ? 6.418   3.660   -12.475 1.00 44.60 ? 7   C   A C4    1 
ATOM   124  N N4    . C   A 1 6  ? 6.159   2.454   -12.992 1.00 43.29 ? 7   C   A N4    1 
ATOM   125  C C5    . C   A 1 6  ? 7.547   3.846   -11.626 1.00 47.28 ? 7   C   A C5    1 
ATOM   126  C C6    . C   A 1 6  ? 7.759   5.079   -11.142 1.00 45.97 ? 7   C   A C6    1 
HETATM 127  P P     . 1MA A 1 7  ? 4.914   7.648   -6.710  1.00 59.18 ? 8   1MA A P     1 
HETATM 128  O OP1   . 1MA A 1 7  ? 4.592   8.620   -5.634  1.00 62.68 ? 8   1MA A OP1   1 
HETATM 129  O OP2   . 1MA A 1 7  ? 5.128   6.215   -6.375  1.00 47.11 ? 8   1MA A OP2   1 
HETATM 130  O "O5'" . 1MA A 1 7  ? 3.759   7.733   -7.796  1.00 52.79 ? 8   1MA A "O5'" 1 
HETATM 131  C "C5'" . 1MA A 1 7  ? 3.165   8.975   -8.137  1.00 53.73 ? 8   1MA A "C5'" 1 
HETATM 132  C "C4'" . 1MA A 1 7  ? 2.018   8.745   -9.086  1.00 51.92 ? 8   1MA A "C4'" 1 
HETATM 133  O "O4'" . 1MA A 1 7  ? 2.540   8.194   -10.327 1.00 56.32 ? 8   1MA A "O4'" 1 
HETATM 134  C "C3'" . 1MA A 1 7  ? 1.007   7.713   -8.618  1.00 50.97 ? 8   1MA A "C3'" 1 
HETATM 135  O "O3'" . 1MA A 1 7  ? 0.024   8.285   -7.775  1.00 49.45 ? 8   1MA A "O3'" 1 
HETATM 136  C "C2'" . 1MA A 1 7  ? 0.430   7.217   -9.932  1.00 49.65 ? 8   1MA A "C2'" 1 
HETATM 137  O "O2'" . 1MA A 1 7  ? -0.496  8.111   -10.506 1.00 54.34 ? 8   1MA A "O2'" 1 
HETATM 138  C "C1'" . 1MA A 1 7  ? 1.693   7.149   -10.785 1.00 52.15 ? 8   1MA A "C1'" 1 
HETATM 139  N N9    . 1MA A 1 7  ? 2.398   5.885   -10.593 1.00 50.06 ? 8   1MA A N9    1 
HETATM 140  C C8    . 1MA A 1 7  ? 3.424   5.622   -9.723  1.00 49.34 ? 8   1MA A C8    1 
HETATM 141  N N7    . 1MA A 1 7  ? 3.842   4.384   -9.757  1.00 46.65 ? 8   1MA A N7    1 
HETATM 142  C C5    . 1MA A 1 7  ? 3.038   3.790   -10.718 1.00 46.89 ? 8   1MA A C5    1 
HETATM 143  C C6    . 1MA A 1 7  ? 2.981   2.490   -11.218 1.00 43.77 ? 8   1MA A C6    1 
HETATM 144  N N6    . 1MA A 1 7  ? 3.766   1.496   -10.796 1.00 42.30 ? 8   1MA A N6    1 
HETATM 145  N N1    . 1MA A 1 7  ? 2.074   2.233   -12.176 1.00 40.84 ? 8   1MA A N1    1 
HETATM 146  C CM1   . 1MA A 1 7  ? 1.973   0.924   -12.736 1.00 43.78 ? 8   1MA A CM1   1 
HETATM 147  C C2    . 1MA A 1 7  ? 1.276   3.214   -12.600 1.00 44.40 ? 8   1MA A C2    1 
HETATM 148  N N3    . 1MA A 1 7  ? 1.227   4.479   -12.202 1.00 48.68 ? 8   1MA A N3    1 
HETATM 149  C C4    . 1MA A 1 7  ? 2.149   4.706   -11.247 1.00 47.86 ? 8   1MA A C4    1 
ATOM   150  P P     . C   A 1 8  ? -0.675  7.373   -6.659  1.00 53.39 ? 9   C   A P     1 
ATOM   151  O OP1   . C   A 1 8  ? -1.530  8.252   -5.826  1.00 55.37 ? 9   C   A OP1   1 
ATOM   152  O OP2   . C   A 1 8  ? 0.375   6.542   -6.014  1.00 49.92 ? 9   C   A OP2   1 
ATOM   153  O "O5'" . C   A 1 8  ? -1.626  6.415   -7.501  1.00 49.80 ? 9   C   A "O5'" 1 
ATOM   154  C "C5'" . C   A 1 8  ? -2.760  6.938   -8.182  1.00 48.57 ? 9   C   A "C5'" 1 
ATOM   155  C "C4'" . C   A 1 8  ? -3.538  5.825   -8.834  1.00 47.59 ? 9   C   A "C4'" 1 
ATOM   156  O "O4'" . C   A 1 8  ? -2.740  5.210   -9.883  1.00 50.40 ? 9   C   A "O4'" 1 
ATOM   157  C "C3'" . C   A 1 8  ? -3.894  4.649   -7.944  1.00 47.54 ? 9   C   A "C3'" 1 
ATOM   158  O "O3'" . C   A 1 8  ? -5.030  4.918   -7.137  1.00 49.47 ? 9   C   A "O3'" 1 
ATOM   159  C "C2'" . C   A 1 8  ? -4.199  3.583   -8.981  1.00 43.93 ? 9   C   A "C2'" 1 
ATOM   160  O "O2'" . C   A 1 8  ? -5.456  3.781   -9.584  1.00 48.45 ? 9   C   A "O2'" 1 
ATOM   161  C "C1'" . C   A 1 8  ? -3.074  3.835   -9.984  1.00 40.84 ? 9   C   A "C1'" 1 
ATOM   162  N N1    . C   A 1 8  ? -1.882  3.051   -9.649  1.00 42.17 ? 9   C   A N1    1 
ATOM   163  C C2    . C   A 1 8  ? -1.880  1.687   -9.936  1.00 39.24 ? 9   C   A C2    1 
ATOM   164  O O2    . C   A 1 8  ? -2.880  1.190   -10.485 1.00 38.91 ? 9   C   A O2    1 
ATOM   165  N N3    . C   A 1 8  ? -0.798  0.946   -9.612  1.00 37.59 ? 9   C   A N3    1 
ATOM   166  C C4    . C   A 1 8  ? 0.255   1.520   -9.028  1.00 38.68 ? 9   C   A C4    1 
ATOM   167  N N4    . C   A 1 8  ? 1.298   0.749   -8.724  1.00 39.04 ? 9   C   A N4    1 
ATOM   168  C C5    . C   A 1 8  ? 0.283   2.912   -8.729  1.00 41.83 ? 9   C   A C5    1 
ATOM   169  C C6    . C   A 1 8  ? -0.796  3.634   -9.057  1.00 42.82 ? 9   C   A C6    1 
ATOM   170  P P     . G   A 1 9  ? -5.187  4.176   -5.719  1.00 49.83 ? 10  G   A P     1 
ATOM   171  O OP1   . G   A 1 9  ? -6.360  4.787   -5.041  1.00 53.40 ? 10  G   A OP1   1 
ATOM   172  O OP2   . G   A 1 9  ? -3.863  4.173   -5.043  1.00 46.58 ? 10  G   A OP2   1 
ATOM   173  O "O5'" . G   A 1 9  ? -5.554  2.676   -6.105  1.00 46.77 ? 10  G   A "O5'" 1 
ATOM   174  C "C5'" . G   A 1 9  ? -6.762  2.375   -6.792  1.00 49.65 ? 10  G   A "C5'" 1 
ATOM   175  C "C4'" . G   A 1 9  ? -6.804  0.910   -7.146  1.00 46.15 ? 10  G   A "C4'" 1 
ATOM   176  O "O4'" . G   A 1 9  ? -5.681  0.598   -8.013  1.00 43.82 ? 10  G   A "O4'" 1 
ATOM   177  C "C3'" . G   A 1 9  ? -6.610  -0.042  -5.981  1.00 49.39 ? 10  G   A "C3'" 1 
ATOM   178  O "O3'" . G   A 1 9  ? -7.808  -0.234  -5.247  1.00 48.76 ? 10  G   A "O3'" 1 
ATOM   179  C "C2'" . G   A 1 9  ? -6.155  -1.308  -6.688  1.00 46.00 ? 10  G   A "C2'" 1 
ATOM   180  O "O2'" . G   A 1 9  ? -7.206  -2.014  -7.311  1.00 51.11 ? 10  G   A "O2'" 1 
ATOM   181  C "C1'" . G   A 1 9  ? -5.238  -0.724  -7.756  1.00 44.31 ? 10  G   A "C1'" 1 
ATOM   182  N N9    . G   A 1 9  ? -3.841  -0.670  -7.345  1.00 40.70 ? 10  G   A N9    1 
ATOM   183  C C8    . G   A 1 9  ? -3.122  0.441   -6.985  1.00 41.05 ? 10  G   A C8    1 
ATOM   184  N N7    . G   A 1 9  ? -1.872  0.175   -6.723  1.00 43.42 ? 10  G   A N7    1 
ATOM   185  C C5    . G   A 1 9  ? -1.764  -1.196  -6.915  1.00 38.22 ? 10  G   A C5    1 
ATOM   186  C C6    . G   A 1 9  ? -0.644  -2.058  -6.798  1.00 37.13 ? 10  G   A C6    1 
ATOM   187  O O6    . G   A 1 9  ? 0.529   -1.770  -6.521  1.00 38.27 ? 10  G   A O6    1 
ATOM   188  N N1    . G   A 1 9  ? -0.988  -3.380  -7.059  1.00 37.43 ? 10  G   A N1    1 
ATOM   189  C C2    . G   A 1 9  ? -2.241  -3.814  -7.401  1.00 37.10 ? 10  G   A C2    1 
ATOM   190  N N2    . G   A 1 9  ? -2.370  -5.129  -7.613  1.00 41.72 ? 10  G   A N2    1 
ATOM   191  N N3    . G   A 1 9  ? -3.288  -3.021  -7.527  1.00 38.95 ? 10  G   A N3    1 
ATOM   192  C C4    . G   A 1 9  ? -2.978  -1.734  -7.273  1.00 37.12 ? 10  G   A C4    1 
ATOM   193  P P     . U   A 1 10 ? -7.723  -0.615  -3.687  1.00 49.12 ? 11  U   A P     1 
ATOM   194  O OP1   . U   A 1 10 ? -9.105  -0.597  -3.146  1.00 51.75 ? 11  U   A OP1   1 
ATOM   195  O OP2   . U   A 1 10 ? -6.679  0.233   -3.060  1.00 54.01 ? 11  U   A OP2   1 
ATOM   196  O "O5'" . U   A 1 10 ? -7.227  -2.126  -3.697  1.00 47.21 ? 11  U   A "O5'" 1 
ATOM   197  C "C5'" . U   A 1 10 ? -8.068  -3.140  -4.227  1.00 45.75 ? 11  U   A "C5'" 1 
ATOM   198  C "C4'" . U   A 1 10 ? -7.354  -4.460  -4.238  1.00 41.87 ? 11  U   A "C4'" 1 
ATOM   199  O "O4'" . U   A 1 10 ? -6.198  -4.377  -5.108  1.00 44.52 ? 11  U   A "O4'" 1 
ATOM   200  C "C3'" . U   A 1 10 ? -6.768  -4.918  -2.919  1.00 42.64 ? 11  U   A "C3'" 1 
ATOM   201  O "O3'" . U   A 1 10 ? -7.762  -5.500  -2.089  1.00 47.66 ? 11  U   A "O3'" 1 
ATOM   202  C "C2'" . U   A 1 10 ? -5.763  -5.954  -3.396  1.00 41.09 ? 11  U   A "C2'" 1 
ATOM   203  O "O2'" . U   A 1 10 ? -6.383  -7.156  -3.802  1.00 42.01 ? 11  U   A "O2'" 1 
ATOM   204  C "C1'" . U   A 1 10 ? -5.183  -5.243  -4.621  1.00 42.90 ? 11  U   A "C1'" 1 
ATOM   205  N N1    . U   A 1 10 ? -4.001  -4.431  -4.305  1.00 38.65 ? 11  U   A N1    1 
ATOM   206  C C2    . U   A 1 10 ? -2.798  -5.089  -4.160  1.00 37.63 ? 11  U   A C2    1 
ATOM   207  O O2    . U   A 1 10 ? -2.693  -6.306  -4.253  1.00 37.26 ? 11  U   A O2    1 
ATOM   208  N N3    . U   A 1 10 ? -1.722  -4.277  -3.900  1.00 33.63 ? 11  U   A N3    1 
ATOM   209  C C4    . U   A 1 10 ? -1.733  -2.904  -3.766  1.00 38.23 ? 11  U   A C4    1 
ATOM   210  O O4    . U   A 1 10 ? -0.676  -2.311  -3.539  1.00 36.54 ? 11  U   A O4    1 
ATOM   211  C C5    . U   A 1 10 ? -3.025  -2.297  -3.912  1.00 39.13 ? 11  U   A C5    1 
ATOM   212  C C6    . U   A 1 10 ? -4.087  -3.063  -4.168  1.00 36.97 ? 11  U   A C6    1 
ATOM   213  P P     . C   A 1 11 ? -7.644  -5.358  -0.493  1.00 40.18 ? 12  C   A P     1 
ATOM   214  O OP1   . C   A 1 11 ? -8.939  -5.815  0.045   1.00 45.62 ? 12  C   A OP1   1 
ATOM   215  O OP2   . C   A 1 11 ? -7.149  -4.003  -0.154  1.00 44.11 ? 12  C   A OP2   1 
ATOM   216  O "O5'" . C   A 1 11 ? -6.521  -6.413  -0.105  1.00 39.62 ? 12  C   A "O5'" 1 
ATOM   217  C "C5'" . C   A 1 11 ? -6.723  -7.796  -0.351  1.00 36.91 ? 12  C   A "C5'" 1 
ATOM   218  C "C4'" . C   A 1 11 ? -5.434  -8.546  -0.178  1.00 37.84 ? 12  C   A "C4'" 1 
ATOM   219  O "O4'" . C   A 1 11 ? -4.467  -8.122  -1.176  1.00 40.15 ? 12  C   A "O4'" 1 
ATOM   220  C "C3'" . C   A 1 11 ? -4.699  -8.306  1.126   1.00 41.40 ? 12  C   A "C3'" 1 
ATOM   221  O "O3'" . C   A 1 11 ? -5.283  -9.018  2.207   1.00 46.67 ? 12  C   A "O3'" 1 
ATOM   222  C "C2'" . C   A 1 11 ? -3.314  -8.811  0.766   1.00 37.75 ? 12  C   A "C2'" 1 
ATOM   223  O "O2'" . C   A 1 11 ? -3.264  -10.221 0.692   1.00 43.44 ? 12  C   A "O2'" 1 
ATOM   224  C "C1'" . C   A 1 11 ? -3.157  -8.212  -0.633  1.00 37.54 ? 12  C   A "C1'" 1 
ATOM   225  N N1    . C   A 1 11 ? -2.579  -6.858  -0.589  1.00 36.05 ? 12  C   A N1    1 
ATOM   226  C C2    . C   A 1 11 ? -1.188  -6.725  -0.477  1.00 34.64 ? 12  C   A C2    1 
ATOM   227  O O2    . C   A 1 11 ? -0.483  -7.750  -0.445  1.00 36.50 ? 12  C   A O2    1 
ATOM   228  N N3    . C   A 1 11 ? -0.646  -5.492  -0.411  1.00 30.79 ? 12  C   A N3    1 
ATOM   229  C C4    . C   A 1 11 ? -1.425  -4.418  -0.461  1.00 33.98 ? 12  C   A C4    1 
ATOM   230  N N4    . C   A 1 11 ? -0.831  -3.219  -0.384  1.00 35.80 ? 12  C   A N4    1 
ATOM   231  C C5    . C   A 1 11 ? -2.846  -4.518  -0.591  1.00 35.15 ? 12  C   A C5    1 
ATOM   232  C C6    . C   A 1 11 ? -3.375  -5.749  -0.649  1.00 34.39 ? 12  C   A C6    1 
ATOM   233  P P     . G   A 1 12 ? -5.157  -8.433  3.702   1.00 44.64 ? 13  G   A P     1 
ATOM   234  O OP1   . G   A 1 12 ? -6.049  -9.247  4.570   1.00 44.13 ? 13  G   A OP1   1 
ATOM   235  O OP2   . G   A 1 12 ? -5.336  -6.959  3.645   1.00 35.86 ? 13  G   A OP2   1 
ATOM   236  O "O5'" . G   A 1 12 ? -3.645  -8.748  4.098   1.00 34.70 ? 13  G   A "O5'" 1 
ATOM   237  C "C5'" . G   A 1 12 ? -3.148  -10.077 4.036   1.00 35.85 ? 13  G   A "C5'" 1 
ATOM   238  C "C4'" . G   A 1 12 ? -1.638  -10.082 4.118   1.00 39.35 ? 13  G   A "C4'" 1 
ATOM   239  O "O4'" . G   A 1 12 ? -1.063  -9.405  2.966   1.00 41.00 ? 13  G   A "O4'" 1 
ATOM   240  C "C3'" . G   A 1 12 ? -1.019  -9.348  5.296   1.00 36.98 ? 13  G   A "C3'" 1 
ATOM   241  O "O3'" . G   A 1 12 ? -1.044  -10.147 6.467   1.00 37.19 ? 13  G   A "O3'" 1 
ATOM   242  C "C2'" . G   A 1 12 ? 0.409   -9.167  4.811   1.00 37.88 ? 13  G   A "C2'" 1 
ATOM   243  O "O2'" . G   A 1 12 ? 1.164   -10.358 4.910   1.00 38.48 ? 13  G   A "O2'" 1 
ATOM   244  C "C1'" . G   A 1 12 ? 0.173   -8.807  3.342   1.00 38.37 ? 13  G   A "C1'" 1 
ATOM   245  N N9    . G   A 1 12 ? 0.074   -7.364  3.147   1.00 36.93 ? 13  G   A N9    1 
ATOM   246  C C8    . G   A 1 12 ? -1.065  -6.617  2.943   1.00 33.77 ? 13  G   A C8    1 
ATOM   247  N N7    . G   A 1 12 ? -0.821  -5.341  2.797   1.00 32.45 ? 13  G   A N7    1 
ATOM   248  C C5    . G   A 1 12 ? 0.563   -5.240  2.912   1.00 29.72 ? 13  G   A C5    1 
ATOM   249  C C6    . G   A 1 12 ? 1.413   -4.106  2.830   1.00 31.56 ? 13  G   A C6    1 
ATOM   250  O O6    . G   A 1 12 ? 1.106   -2.924  2.611   1.00 33.33 ? 13  G   A O6    1 
ATOM   251  N N1    . G   A 1 12 ? 2.749   -4.451  3.024   1.00 28.78 ? 13  G   A N1    1 
ATOM   252  C C2    . G   A 1 12 ? 3.210   -5.718  3.255   1.00 32.22 ? 13  G   A C2    1 
ATOM   253  N N2    . G   A 1 12 ? 4.534   -5.839  3.437   1.00 28.48 ? 13  G   A N2    1 
ATOM   254  N N3    . G   A 1 12 ? 2.429   -6.792  3.313   1.00 34.31 ? 13  G   A N3    1 
ATOM   255  C C4    . G   A 1 12 ? 1.127   -6.478  3.137   1.00 33.34 ? 13  G   A C4    1 
ATOM   256  P P     . A   A 1 13 ? -0.991  -9.445  7.908   1.00 37.03 ? 14  A   A P     1 
ATOM   257  O OP1   . A   A 1 13 ? -1.359  -10.487 8.903   1.00 37.37 ? 14  A   A OP1   1 
ATOM   258  O OP2   . A   A 1 13 ? -1.754  -8.169  7.868   1.00 34.02 ? 14  A   A OP2   1 
ATOM   259  O "O5'" . A   A 1 13 ? 0.543   -9.066  8.095   1.00 37.11 ? 14  A   A "O5'" 1 
ATOM   260  C "C5'" . A   A 1 13 ? 1.525   -10.074 8.250   1.00 38.20 ? 14  A   A "C5'" 1 
ATOM   261  C "C4'" . A   A 1 13 ? 2.881   -9.445  8.395   1.00 33.20 ? 14  A   A "C4'" 1 
ATOM   262  O "O4'" . A   A 1 13 ? 3.216   -8.738  7.170   1.00 35.56 ? 14  A   A "O4'" 1 
ATOM   263  C "C3'" . A   A 1 13 ? 2.981   -8.376  9.466   1.00 33.76 ? 14  A   A "C3'" 1 
ATOM   264  O "O3'" . A   A 1 13 ? 3.195   -8.973  10.738  1.00 36.07 ? 14  A   A "O3'" 1 
ATOM   265  C "C2'" . A   A 1 13 ? 4.199   -7.601  8.990   1.00 33.70 ? 14  A   A "C2'" 1 
ATOM   266  O "O2'" . A   A 1 13 ? 5.393   -8.311  9.219   1.00 35.98 ? 14  A   A "O2'" 1 
ATOM   267  C "C1'" . A   A 1 13 ? 3.942   -7.561  7.482   1.00 33.52 ? 14  A   A "C1'" 1 
ATOM   268  N N9    . A   A 1 13 ? 3.136   -6.410  7.090   1.00 31.02 ? 14  A   A N9    1 
ATOM   269  C C8    . A   A 1 13 ? 1.772   -6.357  6.934   1.00 31.74 ? 14  A   A C8    1 
ATOM   270  N N7    . A   A 1 13 ? 1.328   -5.172  6.588   1.00 32.46 ? 14  A   A N7    1 
ATOM   271  C C5    . A   A 1 13 ? 2.475   -4.394  6.505   1.00 32.20 ? 14  A   A C5    1 
ATOM   272  C C6    . A   A 1 13 ? 2.679   -3.038  6.187   1.00 31.55 ? 14  A   A C6    1 
ATOM   273  N N6    . A   A 1 13 ? 1.689   -2.193  5.874   1.00 29.49 ? 14  A   A N6    1 
ATOM   274  N N1    . A   A 1 13 ? 3.950   -2.573  6.203   1.00 29.12 ? 14  A   A N1    1 
ATOM   275  C C2    . A   A 1 13 ? 4.937   -3.421  6.520   1.00 31.61 ? 14  A   A C2    1 
ATOM   276  N N3    . A   A 1 13 ? 4.869   -4.715  6.838   1.00 30.89 ? 14  A   A N3    1 
ATOM   277  C C4    . A   A 1 13 ? 3.596   -5.145  6.811   1.00 29.15 ? 14  A   A C4    1 
ATOM   278  P P     . C   A 1 14 ? 2.563   -8.298  12.051  1.00 35.89 ? 15  C   A P     1 
ATOM   279  O OP1   . C   A 1 14 ? 2.820   -9.232  13.179  1.00 40.90 ? 15  C   A OP1   1 
ATOM   280  O OP2   . C   A 1 14 ? 1.172   -7.857  11.763  1.00 34.32 ? 15  C   A OP2   1 
ATOM   281  O "O5'" . C   A 1 14 ? 3.461   -7.004  12.281  1.00 33.57 ? 15  C   A "O5'" 1 
ATOM   282  C "C5'" . C   A 1 14 ? 4.860   -7.127  12.486  1.00 32.34 ? 15  C   A "C5'" 1 
ATOM   283  C "C4'" . C   A 1 14 ? 5.532   -5.786  12.329  1.00 33.13 ? 15  C   A "C4'" 1 
ATOM   284  O "O4'" . C   A 1 14 ? 5.468   -5.334  10.944  1.00 32.89 ? 15  C   A "O4'" 1 
ATOM   285  C "C3'" . C   A 1 14 ? 4.931   -4.630  13.105  1.00 29.44 ? 15  C   A "C3'" 1 
ATOM   286  O "O3'" . C   A 1 14 ? 5.341   -4.666  14.459  1.00 32.70 ? 15  C   A "O3'" 1 
ATOM   287  C "C2'" . C   A 1 14 ? 5.547   -3.451  12.374  1.00 29.06 ? 15  C   A "C2'" 1 
ATOM   288  O "O2'" . C   A 1 14 ? 6.907   -3.240  12.716  1.00 31.34 ? 15  C   A "O2'" 1 
ATOM   289  C "C1'" . C   A 1 14 ? 5.408   -3.916  10.920  1.00 29.14 ? 15  C   A "C1'" 1 
ATOM   290  N N1    . C   A 1 14 ? 4.106   -3.509  10.376  1.00 29.22 ? 15  C   A N1    1 
ATOM   291  C C2    . C   A 1 14 ? 3.966   -2.201  9.914   1.00 31.63 ? 15  C   A C2    1 
ATOM   292  O O2    . C   A 1 14 ? 4.959   -1.461  9.915   1.00 27.57 ? 15  C   A O2    1 
ATOM   293  N N3    . C   A 1 14 ? 2.757   -1.773  9.479   1.00 28.38 ? 15  C   A N3    1 
ATOM   294  C C4    . C   A 1 14 ? 1.715   -2.604  9.485   1.00 28.66 ? 15  C   A C4    1 
ATOM   295  N N4    . C   A 1 14 ? 0.532   -2.122  9.074   1.00 26.83 ? 15  C   A N4    1 
ATOM   296  C C5    . C   A 1 14 ? 1.833   -3.960  9.918   1.00 27.21 ? 15  C   A C5    1 
ATOM   297  C C6    . C   A 1 14 ? 3.040   -4.368  10.348  1.00 31.87 ? 15  C   A C6    1 
ATOM   298  P P     . G   A 1 15 ? 4.381   -4.071  15.597  1.00 33.03 ? 16  G   A P     1 
ATOM   299  O OP1   . G   A 1 15 ? 4.936   -4.477  16.909  1.00 29.45 ? 16  G   A OP1   1 
ATOM   300  O OP2   . G   A 1 15 ? 2.980   -4.414  15.253  1.00 32.41 ? 16  G   A OP2   1 
ATOM   301  O "O5'" . G   A 1 15 ? 4.505   -2.483  15.458  1.00 30.08 ? 16  G   A "O5'" 1 
ATOM   302  C "C5'" . G   A 1 15 ? 5.768   -1.825  15.479  1.00 26.84 ? 16  G   A "C5'" 1 
ATOM   303  C "C4'" . G   A 1 15 ? 5.605   -0.370  15.075  1.00 27.50 ? 16  G   A "C4'" 1 
ATOM   304  O "O4'" . G   A 1 15 ? 5.277   -0.231  13.665  1.00 30.04 ? 16  G   A "O4'" 1 
ATOM   305  C "C3'" . G   A 1 15 ? 4.479   0.360   15.771  1.00 27.33 ? 16  G   A "C3'" 1 
ATOM   306  O "O3'" . G   A 1 15 ? 4.911   0.704   17.068  1.00 31.42 ? 16  G   A "O3'" 1 
ATOM   307  C "C2'" . G   A 1 15 ? 4.278   1.565   14.861  1.00 30.64 ? 16  G   A "C2'" 1 
ATOM   308  O "O2'" . G   A 1 15 ? 5.197   2.627   15.086  1.00 27.14 ? 16  G   A "O2'" 1 
ATOM   309  C "C1'" . G   A 1 15 ? 4.465   0.925   13.480  1.00 29.21 ? 16  G   A "C1'" 1 
ATOM   310  N N9    . G   A 1 15 ? 3.195   0.512   12.885  1.00 25.88 ? 16  G   A N9    1 
ATOM   311  C C8    . G   A 1 15 ? 2.582   -0.710  13.002  1.00 27.04 ? 16  G   A C8    1 
ATOM   312  N N7    . G   A 1 15 ? 1.418   -0.764  12.404  1.00 27.86 ? 16  G   A N7    1 
ATOM   313  C C5    . G   A 1 15 ? 1.258   0.496   11.849  1.00 27.92 ? 16  G   A C5    1 
ATOM   314  C C6    . G   A 1 15 ? 0.186   1.036   11.093  1.00 29.12 ? 16  G   A C6    1 
ATOM   315  O O6    . G   A 1 15 ? -0.872  0.498   10.768  1.00 27.10 ? 16  G   A O6    1 
ATOM   316  N N1    . G   A 1 15 ? 0.436   2.352   10.717  1.00 26.16 ? 16  G   A N1    1 
ATOM   317  C C2    . G   A 1 15 ? 1.563   3.065   11.033  1.00 27.75 ? 16  G   A C2    1 
ATOM   318  N N2    . G   A 1 15 ? 1.598   4.329   10.582  1.00 23.86 ? 16  G   A N2    1 
ATOM   319  N N3    . G   A 1 15 ? 2.576   2.574   11.742  1.00 25.50 ? 16  G   A N3    1 
ATOM   320  C C4    . G   A 1 15 ? 2.354   1.293   12.118  1.00 26.76 ? 16  G   A C4    1 
ATOM   321  P P     . A   A 1 16 ? 3.894   0.588   18.302  1.00 33.14 ? 17  A   A P     1 
ATOM   322  O OP1   . A   A 1 16 ? 4.610   -0.065  19.402  1.00 38.12 ? 17  A   A OP1   1 
ATOM   323  O OP2   . A   A 1 16 ? 2.583   0.058   17.876  1.00 30.48 ? 17  A   A OP2   1 
ATOM   324  O "O5'" . A   A 1 16 ? 3.679   2.129   18.617  1.00 41.49 ? 17  A   A "O5'" 1 
ATOM   325  C "C5'" . A   A 1 16 ? 3.696   2.606   19.926  1.00 35.48 ? 17  A   A "C5'" 1 
ATOM   326  C "C4'" . A   A 1 16 ? 2.296   2.902   20.366  1.00 31.69 ? 17  A   A "C4'" 1 
ATOM   327  O "O4'" . A   A 1 16 ? 2.342   2.940   21.801  1.00 29.72 ? 17  A   A "O4'" 1 
ATOM   328  C "C3'" . A   A 1 16 ? 1.646   4.214   19.901  1.00 30.57 ? 17  A   A "C3'" 1 
ATOM   329  O "O3'" . A   A 1 16 ? 0.220   4.037   19.841  1.00 33.10 ? 17  A   A "O3'" 1 
ATOM   330  C "C2'" . A   A 1 16 ? 2.047   5.157   21.035  1.00 32.33 ? 17  A   A "C2'" 1 
ATOM   331  O "O2'" . A   A 1 16 ? 1.160   6.234   21.241  1.00 32.66 ? 17  A   A "O2'" 1 
ATOM   332  C "C1'" . A   A 1 16 ? 1.990   4.221   22.245  1.00 35.28 ? 17  A   A "C1'" 1 
ATOM   333  N N9    . A   A 1 16 ? 2.909   4.582   23.314  1.00 31.87 ? 17  A   A N9    1 
ATOM   334  C C8    . A   A 1 16 ? 4.274   4.679   23.263  1.00 33.67 ? 17  A   A C8    1 
ATOM   335  N N7    . A   A 1 16 ? 4.816   5.078   24.385  1.00 37.90 ? 17  A   A N7    1 
ATOM   336  C C5    . A   A 1 16 ? 3.732   5.244   25.235  1.00 37.49 ? 17  A   A C5    1 
ATOM   337  C C6    . A   A 1 16 ? 3.631   5.672   26.569  1.00 35.51 ? 17  A   A C6    1 
ATOM   338  N N6    . A   A 1 16 ? 4.676   6.058   27.307  1.00 39.76 ? 17  A   A N6    1 
ATOM   339  N N1    . A   A 1 16 ? 2.400   5.705   27.124  1.00 34.84 ? 17  A   A N1    1 
ATOM   340  C C2    . A   A 1 16 ? 1.349   5.348   26.375  1.00 35.83 ? 17  A   A C2    1 
ATOM   341  N N3    . A   A 1 16 ? 1.316   4.948   25.107  1.00 35.27 ? 17  A   A N3    1 
ATOM   342  C C4    . A   A 1 16 ? 2.554   4.920   24.590  1.00 34.35 ? 17  A   A C4    1 
ATOM   343  P P     . A   A 1 17 ? -0.692  4.904   18.812  1.00 31.48 ? 18  A   A P     1 
ATOM   344  O OP1   . A   A 1 17 ? -1.860  4.048   18.488  1.00 29.34 ? 18  A   A OP1   1 
ATOM   345  O OP2   . A   A 1 17 ? 0.103   5.488   17.710  1.00 31.20 ? 18  A   A OP2   1 
ATOM   346  O "O5'" . A   A 1 17 ? -1.257  6.088   19.710  1.00 34.07 ? 18  A   A "O5'" 1 
ATOM   347  C "C5'" . A   A 1 17 ? -2.290  5.838   20.657  1.00 34.49 ? 18  A   A "C5'" 1 
ATOM   348  C "C4'" . A   A 1 17 ? -2.984  7.123   21.020  1.00 34.30 ? 18  A   A "C4'" 1 
ATOM   349  O "O4'" . A   A 1 17 ? -2.081  7.960   21.791  1.00 33.98 ? 18  A   A "O4'" 1 
ATOM   350  C "C3'" . A   A 1 17 ? -3.454  7.978   19.849  1.00 33.10 ? 18  A   A "C3'" 1 
ATOM   351  O "O3'" . A   A 1 17 ? -4.637  8.659   20.237  1.00 34.81 ? 18  A   A "O3'" 1 
ATOM   352  C "C2'" . A   A 1 17 ? -2.317  8.984   19.702  1.00 35.93 ? 18  A   A "C2'" 1 
ATOM   353  O "O2'" . A   A 1 17 ? -2.724  10.197  19.099  1.00 35.99 ? 18  A   A "O2'" 1 
ATOM   354  C "C1'" . A   A 1 17 ? -1.944  9.216   21.165  1.00 32.90 ? 18  A   A "C1'" 1 
ATOM   355  N N9    . A   A 1 17 ? -0.567  9.656   21.367  1.00 34.89 ? 18  A   A N9    1 
ATOM   356  C C8    . A   A 1 17 ? 0.556   9.247   20.694  1.00 35.04 ? 18  A   A C8    1 
ATOM   357  N N7    . A   A 1 17 ? 1.661   9.801   21.126  1.00 36.09 ? 18  A   A N7    1 
ATOM   358  C C5    . A   A 1 17 ? 1.236   10.635  22.156  1.00 37.15 ? 18  A   A C5    1 
ATOM   359  C C6    . A   A 1 17 ? 1.929   11.502  23.028  1.00 35.93 ? 18  A   A C6    1 
ATOM   360  N N6    . A   A 1 17 ? 3.257   11.660  23.016  1.00 34.52 ? 18  A   A N6    1 
ATOM   361  N N1    . A   A 1 17 ? 1.200   12.204  23.928  1.00 31.20 ? 18  A   A N1    1 
ATOM   362  C C2    . A   A 1 17 ? -0.124  12.034  23.949  1.00 33.08 ? 18  A   A C2    1 
ATOM   363  N N3    . A   A 1 17 ? -0.886  11.244  23.190  1.00 34.57 ? 18  A   A N3    1 
ATOM   364  C C4    . A   A 1 17 ? -0.136  10.565  22.304  1.00 33.85 ? 18  A   A C4    1 
ATOM   365  P P     . G   A 1 18 ? -6.048  8.238   19.595  1.00 43.18 ? 19  G   A P     1 
ATOM   366  O OP1   . G   A 1 18 ? -7.066  9.081   20.275  1.00 44.23 ? 19  G   A OP1   1 
ATOM   367  O OP2   . G   A 1 18 ? -6.181  6.759   19.604  1.00 39.61 ? 19  G   A OP2   1 
ATOM   368  O "O5'" . G   A 1 18 ? -5.941  8.690   18.077  1.00 39.49 ? 19  G   A "O5'" 1 
ATOM   369  C "C5'" . G   A 1 18 ? -6.004  10.056  17.718  1.00 38.27 ? 19  G   A "C5'" 1 
ATOM   370  C "C4'" . G   A 1 18 ? -6.535  10.186  16.315  1.00 34.47 ? 19  G   A "C4'" 1 
ATOM   371  O "O4'" . G   A 1 18 ? -5.634  9.513   15.390  1.00 36.66 ? 19  G   A "O4'" 1 
ATOM   372  C "C3'" . G   A 1 18 ? -7.871  9.509   16.056  1.00 33.38 ? 19  G   A "C3'" 1 
ATOM   373  O "O3'" . G   A 1 18 ? -8.958  10.309  16.511  1.00 34.07 ? 19  G   A "O3'" 1 
ATOM   374  C "C2'" . G   A 1 18 ? -7.832  9.368   14.541  1.00 34.35 ? 19  G   A "C2'" 1 
ATOM   375  O "O2'" . G   A 1 18 ? -8.034  10.586  13.860  1.00 34.21 ? 19  G   A "O2'" 1 
ATOM   376  C "C1'" . G   A 1 18 ? -6.385  8.925   14.338  1.00 36.52 ? 19  G   A "C1'" 1 
ATOM   377  N N9    . G   A 1 18 ? -6.254  7.475   14.428  1.00 32.36 ? 19  G   A N9    1 
ATOM   378  C C8    . G   A 1 18 ? -5.503  6.751   15.323  1.00 30.62 ? 19  G   A C8    1 
ATOM   379  N N7    . G   A 1 18 ? -5.613  5.461   15.154  1.00 33.87 ? 19  G   A N7    1 
ATOM   380  C C5    . G   A 1 18 ? -6.487  5.327   14.083  1.00 32.33 ? 19  G   A C5    1 
ATOM   381  C C6    . G   A 1 18 ? -6.996  4.162   13.442  1.00 31.57 ? 19  G   A C6    1 
ATOM   382  O O6    . G   A 1 18 ? -6.768  2.970   13.705  1.00 29.98 ? 19  G   A O6    1 
ATOM   383  N N1    . G   A 1 18 ? -7.858  4.489   12.397  1.00 29.94 ? 19  G   A N1    1 
ATOM   384  C C2    . G   A 1 18 ? -8.190  5.767   12.016  1.00 30.43 ? 19  G   A C2    1 
ATOM   385  N N2    . G   A 1 18 ? -9.044  5.879   10.991  1.00 30.33 ? 19  G   A N2    1 
ATOM   386  N N3    . G   A 1 18 ? -7.720  6.857   12.601  1.00 33.32 ? 19  G   A N3    1 
ATOM   387  C C4    . G   A 1 18 ? -6.883  6.564   13.620  1.00 33.47 ? 19  G   A C4    1 
ATOM   388  P P     . U   A 1 19 ? -10.342 9.611   16.952  1.00 34.66 ? 20  U   A P     1 
ATOM   389  O OP1   . U   A 1 19 ? -11.283 10.714  17.247  1.00 32.26 ? 20  U   A OP1   1 
ATOM   390  O OP2   . U   A 1 19 ? -10.100 8.568   17.973  1.00 36.94 ? 20  U   A OP2   1 
ATOM   391  O "O5'" . U   A 1 19 ? -10.829 8.855   15.637  1.00 36.43 ? 20  U   A "O5'" 1 
ATOM   392  C "C5'" . U   A 1 19 ? -11.363 9.573   14.535  1.00 32.95 ? 20  U   A "C5'" 1 
ATOM   393  C "C4'" . U   A 1 19 ? -12.158 8.645   13.647  1.00 30.52 ? 20  U   A "C4'" 1 
ATOM   394  O "O4'" . U   A 1 19 ? -11.283 7.662   13.032  1.00 32.11 ? 20  U   A "O4'" 1 
ATOM   395  C "C3'" . U   A 1 19 ? -13.227 7.811   14.331  1.00 30.60 ? 20  U   A "C3'" 1 
ATOM   396  O "O3'" . U   A 1 19 ? -14.413 8.591   14.468  1.00 31.32 ? 20  U   A "O3'" 1 
ATOM   397  C "C2'" . U   A 1 19 ? -13.420 6.695   13.312  1.00 30.13 ? 20  U   A "C2'" 1 
ATOM   398  O "O2'" . U   A 1 19 ? -14.133 7.148   12.189  1.00 28.11 ? 20  U   A "O2'" 1 
ATOM   399  C "C1'" . U   A 1 19 ? -11.976 6.434   12.882  1.00 30.53 ? 20  U   A "C1'" 1 
ATOM   400  N N1    . U   A 1 19 ? -11.292 5.414   13.691  1.00 31.80 ? 20  U   A N1    1 
ATOM   401  C C2    . U   A 1 19 ? -11.564 4.084   13.421  1.00 30.44 ? 20  U   A C2    1 
ATOM   402  O O2    . U   A 1 19 ? -12.366 3.727   12.571  1.00 28.67 ? 20  U   A O2    1 
ATOM   403  N N3    . U   A 1 19 ? -10.867 3.180   14.189  1.00 30.34 ? 20  U   A N3    1 
ATOM   404  C C4    . U   A 1 19 ? -9.958  3.467   15.194  1.00 32.68 ? 20  U   A C4    1 
ATOM   405  O O4    . U   A 1 19 ? -9.397  2.539   15.787  1.00 27.96 ? 20  U   A O4    1 
ATOM   406  C C5    . U   A 1 19 ? -9.749  4.867   15.430  1.00 33.06 ? 20  U   A C5    1 
ATOM   407  C C6    . U   A 1 19 ? -10.403 5.770   14.685  1.00 31.38 ? 20  U   A C6    1 
ATOM   408  P P     . C   A 1 20 ? -15.314 8.471   15.795  1.00 31.96 ? 21  C   A P     1 
ATOM   409  O OP1   . C   A 1 20 ? -16.008 9.771   15.927  1.00 34.69 ? 21  C   A OP1   1 
ATOM   410  O OP2   . C   A 1 20 ? -14.507 7.955   16.929  1.00 31.95 ? 21  C   A OP2   1 
ATOM   411  O "O5'" . C   A 1 20 ? -16.392 7.366   15.416  1.00 32.14 ? 21  C   A "O5'" 1 
ATOM   412  C "C5'" . C   A 1 20 ? -17.157 7.488   14.225  1.00 30.22 ? 21  C   A "C5'" 1 
ATOM   413  C "C4'" . C   A 1 20 ? -17.461 6.126   13.657  1.00 33.02 ? 21  C   A "C4'" 1 
ATOM   414  O "O4'" . C   A 1 20 ? -16.218 5.477   13.299  1.00 29.58 ? 21  C   A "O4'" 1 
ATOM   415  C "C3'" . C   A 1 20 ? -18.128 5.126   14.587  1.00 27.68 ? 21  C   A "C3'" 1 
ATOM   416  O "O3'" . C   A 1 20 ? -19.534 5.316   14.627  1.00 31.06 ? 21  C   A "O3'" 1 
ATOM   417  C "C2'" . C   A 1 20 ? -17.793 3.816   13.898  1.00 32.51 ? 21  C   A "C2'" 1 
ATOM   418  O "O2'" . C   A 1 20 ? -18.614 3.599   12.765  1.00 32.98 ? 21  C   A "O2'" 1 
ATOM   419  C "C1'" . C   A 1 20 ? -16.352 4.080   13.457  1.00 28.05 ? 21  C   A "C1'" 1 
ATOM   420  N N1    . C   A 1 20 ? -15.346 3.633   14.425  1.00 27.23 ? 21  C   A N1    1 
ATOM   421  C C2    . C   A 1 20 ? -14.946 2.305   14.395  1.00 32.15 ? 21  C   A C2    1 
ATOM   422  O O2    . C   A 1 20 ? -15.477 1.541   13.571  1.00 29.69 ? 21  C   A O2    1 
ATOM   423  N N3    . C   A 1 20 ? -13.996 1.877   15.260  1.00 32.66 ? 21  C   A N3    1 
ATOM   424  C C4    . C   A 1 20 ? -13.456 2.728   16.133  1.00 31.67 ? 21  C   A C4    1 
ATOM   425  N N4    . C   A 1 20 ? -12.515 2.260   16.951  1.00 31.59 ? 21  C   A N4    1 
ATOM   426  C C5    . C   A 1 20 ? -13.857 4.093   16.200  1.00 31.73 ? 21  C   A C5    1 
ATOM   427  C C6    . C   A 1 20 ? -14.800 4.499   15.333  1.00 29.95 ? 21  C   A C6    1 
ATOM   428  P P     . G   A 1 21 ? -20.386 4.713   15.856  1.00 36.28 ? 22  G   A P     1 
ATOM   429  O OP1   . G   A 1 21 ? -21.756 5.270   15.732  1.00 37.00 ? 22  G   A OP1   1 
ATOM   430  O OP2   . G   A 1 21 ? -19.619 4.922   17.111  1.00 35.29 ? 22  G   A OP2   1 
ATOM   431  O "O5'" . G   A 1 21 ? -20.441 3.150   15.561  1.00 31.06 ? 22  G   A "O5'" 1 
ATOM   432  C "C5'" . G   A 1 21 ? -21.121 2.643   14.417  1.00 32.60 ? 22  G   A "C5'" 1 
ATOM   433  C "C4'" . G   A 1 21 ? -21.061 1.134   14.407  1.00 34.19 ? 22  G   A "C4'" 1 
ATOM   434  O "O4'" . G   A 1 21 ? -19.687 0.701   14.192  1.00 31.51 ? 22  G   A "O4'" 1 
ATOM   435  C "C3'" . G   A 1 21 ? -21.463 0.442   15.705  1.00 34.76 ? 22  G   A "C3'" 1 
ATOM   436  O "O3'" . G   A 1 21 ? -22.874 0.270   15.789  1.00 36.40 ? 22  G   A "O3'" 1 
ATOM   437  C "C2'" . G   A 1 21 ? -20.783 -0.904  15.545  1.00 35.12 ? 22  G   A "C2'" 1 
ATOM   438  O "O2'" . G   A 1 21 ? -21.489 -1.717  14.634  1.00 34.12 ? 22  G   A "O2'" 1 
ATOM   439  C "C1'" . G   A 1 21 ? -19.442 -0.482  14.940  1.00 34.15 ? 22  G   A "C1'" 1 
ATOM   440  N N9    . G   A 1 21 ? -18.421 -0.189  15.942  1.00 33.90 ? 22  G   A N9    1 
ATOM   441  C C8    . G   A 1 21 ? -18.054 1.049   16.420  1.00 32.17 ? 22  G   A C8    1 
ATOM   442  N N7    . G   A 1 21 ? -17.076 0.995   17.288  1.00 34.57 ? 22  G   A N7    1 
ATOM   443  C C5    . G   A 1 21 ? -16.783 -0.358  17.392  1.00 35.04 ? 22  G   A C5    1 
ATOM   444  C C6    . G   A 1 21 ? -15.798 -1.028  18.168  1.00 36.64 ? 22  G   A C6    1 
ATOM   445  O O6    . G   A 1 21 ? -14.937 -0.536  18.910  1.00 37.38 ? 22  G   A O6    1 
ATOM   446  N N1    . G   A 1 21 ? -15.870 -2.412  18.005  1.00 33.97 ? 22  G   A N1    1 
ATOM   447  C C2    . G   A 1 21 ? -16.765 -3.064  17.188  1.00 36.85 ? 22  G   A C2    1 
ATOM   448  N N2    . G   A 1 21 ? -16.708 -4.410  17.195  1.00 34.97 ? 22  G   A N2    1 
ATOM   449  N N3    . G   A 1 21 ? -17.660 -2.446  16.427  1.00 31.85 ? 22  G   A N3    1 
ATOM   450  C C4    . G   A 1 21 ? -17.618 -1.105  16.584  1.00 36.29 ? 22  G   A C4    1 
ATOM   451  P P     . C   A 1 22 ? -23.590 0.235   17.229  1.00 36.18 ? 23  C   A P     1 
ATOM   452  O OP1   . C   A 1 22 ? -25.039 0.065   16.964  1.00 42.66 ? 23  C   A OP1   1 
ATOM   453  O OP2   . C   A 1 22 ? -23.126 1.390   18.031  1.00 36.31 ? 23  C   A OP2   1 
ATOM   454  O "O5'" . C   A 1 22 ? -23.053 -1.093  17.920  1.00 35.41 ? 23  C   A "O5'" 1 
ATOM   455  C "C5'" . C   A 1 22 ? -23.366 -2.374  17.387  1.00 37.78 ? 23  C   A "C5'" 1 
ATOM   456  C "C4'" . C   A 1 22 ? -22.618 -3.444  18.144  1.00 39.36 ? 23  C   A "C4'" 1 
ATOM   457  O "O4'" . C   A 1 22 ? -21.194 -3.231  17.992  1.00 39.99 ? 23  C   A "O4'" 1 
ATOM   458  C "C3'" . C   A 1 22 ? -22.807 -3.429  19.651  1.00 40.45 ? 23  C   A "C3'" 1 
ATOM   459  O "O3'" . C   A 1 22 ? -24.035 -3.985  20.101  1.00 41.09 ? 23  C   A "O3'" 1 
ATOM   460  C "C2'" . C   A 1 22 ? -21.588 -4.196  20.138  1.00 42.53 ? 23  C   A "C2'" 1 
ATOM   461  O "O2'" . C   A 1 22 ? -21.792 -5.594  20.095  1.00 42.13 ? 23  C   A "O2'" 1 
ATOM   462  C "C1'" . C   A 1 22 ? -20.521 -3.753  19.127  1.00 41.72 ? 23  C   A "C1'" 1 
ATOM   463  N N1    . C   A 1 22 ? -19.644 -2.704  19.660  1.00 38.76 ? 23  C   A N1    1 
ATOM   464  C C2    . C   A 1 22 ? -18.493 -3.083  20.341  1.00 41.84 ? 23  C   A C2    1 
ATOM   465  O O2    . C   A 1 22 ? -18.235 -4.293  20.444  1.00 41.93 ? 23  C   A O2    1 
ATOM   466  N N3    . C   A 1 22 ? -17.687 -2.131  20.866  1.00 37.17 ? 23  C   A N3    1 
ATOM   467  C C4    . C   A 1 22 ? -17.997 -0.840  20.719  1.00 41.22 ? 23  C   A C4    1 
ATOM   468  N N4    . C   A 1 22 ? -17.175 0.066   21.255  1.00 42.40 ? 23  C   A N4    1 
ATOM   469  C C5    . C   A 1 22 ? -19.164 -0.422  20.011  1.00 40.85 ? 23  C   A C5    1 
ATOM   470  C C6    . C   A 1 22 ? -19.952 -1.381  19.503  1.00 41.11 ? 23  C   A C6    1 
ATOM   471  P P     . G   B 2 1  ? -8.791  -1.684  26.733  1.00 72.15 ? 26  G   B P     1 
ATOM   472  O OP1   . G   B 2 1  ? -7.338  -1.597  27.193  1.00 65.48 ? 26  G   B OP1   1 
ATOM   473  O OP2   . G   B 2 1  ? -9.769  -1.116  27.751  1.00 56.71 ? 26  G   B OP2   1 
ATOM   474  O "O5'" . G   B 2 1  ? -9.144  -3.276  26.580  1.00 70.46 ? 26  G   B "O5'" 1 
ATOM   475  C "C5'" . G   B 2 1  ? -8.583  -4.063  25.504  1.00 57.80 ? 26  G   B "C5'" 1 
ATOM   476  C "C4'" . G   B 2 1  ? -9.336  -5.366  25.332  1.00 50.99 ? 26  G   B "C4'" 1 
ATOM   477  O "O4'" . G   B 2 1  ? -10.652 -5.276  25.938  1.00 52.93 ? 26  G   B "O4'" 1 
ATOM   478  C "C3'" . G   B 2 1  ? -9.542  -5.772  23.877  1.00 49.02 ? 26  G   B "C3'" 1 
ATOM   479  O "O3'" . G   B 2 1  ? -8.590  -6.751  23.488  1.00 45.86 ? 26  G   B "O3'" 1 
ATOM   480  C "C2'" . G   B 2 1  ? -10.964 -6.329  23.837  1.00 50.50 ? 26  G   B "C2'" 1 
ATOM   481  O "O2'" . G   B 2 1  ? -11.035 -7.727  24.033  1.00 48.75 ? 26  G   B "O2'" 1 
ATOM   482  C "C1'" . G   B 2 1  ? -11.646 -5.570  24.974  1.00 51.78 ? 26  G   B "C1'" 1 
ATOM   483  N N9    . G   B 2 1  ? -12.290 -4.315  24.585  1.00 52.42 ? 26  G   B N9    1 
ATOM   484  C C8    . G   B 2 1  ? -11.905 -3.051  24.963  1.00 53.40 ? 26  G   B C8    1 
ATOM   485  N N7    . G   B 2 1  ? -12.684 -2.114  24.496  1.00 50.91 ? 26  G   B N7    1 
ATOM   486  C C5    . G   B 2 1  ? -13.641 -2.797  23.757  1.00 51.80 ? 26  G   B C5    1 
ATOM   487  C C6    . G   B 2 1  ? -14.752 -2.307  23.024  1.00 48.35 ? 26  G   B C6    1 
ATOM   488  O O6    . G   B 2 1  ? -15.120 -1.135  22.878  1.00 47.70 ? 26  G   B O6    1 
ATOM   489  N N1    . G   B 2 1  ? -15.466 -3.341  22.425  1.00 46.67 ? 26  G   B N1    1 
ATOM   490  C C2    . G   B 2 1  ? -15.150 -4.674  22.515  1.00 44.45 ? 26  G   B C2    1 
ATOM   491  N N2    . G   B 2 1  ? -15.963 -5.519  21.862  1.00 41.13 ? 26  G   B N2    1 
ATOM   492  N N3    . G   B 2 1  ? -14.115 -5.145  23.197  1.00 47.60 ? 26  G   B N3    1 
ATOM   493  C C4    . G   B 2 1  ? -13.409 -4.157  23.791  1.00 50.10 ? 26  G   B C4    1 
ATOM   494  P P     . C   B 2 2  ? -8.104  -6.818  21.958  1.00 49.94 ? 27  C   B P     1 
ATOM   495  O OP1   . C   B 2 2  ? -7.122  -7.919  21.804  1.00 48.13 ? 27  C   B OP1   1 
ATOM   496  O OP2   . C   B 2 2  ? -7.736  -5.437  21.545  1.00 51.67 ? 27  C   B OP2   1 
ATOM   497  O "O5'" . C   B 2 2  ? -9.411  -7.262  21.168  1.00 49.84 ? 27  C   B "O5'" 1 
ATOM   498  C "C5'" . C   B 2 2  ? -9.801  -8.627  21.127  1.00 48.11 ? 27  C   B "C5'" 1 
ATOM   499  C "C4'" . C   B 2 2  ? -10.992 -8.793  20.224  1.00 45.53 ? 27  C   B "C4'" 1 
ATOM   500  O "O4'" . C   B 2 2  ? -12.135 -8.095  20.790  1.00 45.39 ? 27  C   B "O4'" 1 
ATOM   501  C "C3'" . C   B 2 2  ? -10.857 -8.165  18.851  1.00 45.72 ? 27  C   B "C3'" 1 
ATOM   502  O "O3'" . C   B 2 2  ? -10.100 -8.970  17.969  1.00 50.73 ? 27  C   B "O3'" 1 
ATOM   503  C "C2'" . C   B 2 2  ? -12.314 -8.065  18.437  1.00 49.92 ? 27  C   B "C2'" 1 
ATOM   504  O "O2'" . C   B 2 2  ? -12.859 -9.326  18.092  1.00 44.73 ? 27  C   B "O2'" 1 
ATOM   505  C "C1'" . C   B 2 2  ? -12.931 -7.565  19.741  1.00 45.46 ? 27  C   B "C1'" 1 
ATOM   506  N N1    . C   B 2 2  ? -12.922 -6.098  19.856  1.00 45.64 ? 27  C   B N1    1 
ATOM   507  C C2    . C   B 2 2  ? -13.997 -5.378  19.325  1.00 42.24 ? 27  C   B C2    1 
ATOM   508  O O2    . C   B 2 2  ? -14.890 -5.994  18.726  1.00 41.87 ? 27  C   B O2    1 
ATOM   509  N N3    . C   B 2 2  ? -14.029 -4.036  19.471  1.00 40.49 ? 27  C   B N3    1 
ATOM   510  C C4    . C   B 2 2  ? -13.025 -3.407  20.086  1.00 42.57 ? 27  C   B C4    1 
ATOM   511  N N4    . C   B 2 2  ? -13.095 -2.076  20.200  1.00 41.94 ? 27  C   B N4    1 
ATOM   512  C C5    . C   B 2 2  ? -11.903 -4.112  20.612  1.00 42.75 ? 27  C   B C5    1 
ATOM   513  C C6    . C   B 2 2  ? -11.895 -5.445  20.478  1.00 46.21 ? 27  C   B C6    1 
ATOM   514  P P     . G   B 2 3  ? -9.353  -8.287  16.721  1.00 45.47 ? 28  G   B P     1 
ATOM   515  O OP1   . G   B 2 3  ? -8.662  -9.385  15.999  1.00 50.33 ? 28  G   B OP1   1 
ATOM   516  O OP2   . G   B 2 3  ? -8.578  -7.117  17.198  1.00 46.03 ? 28  G   B OP2   1 
ATOM   517  O "O5'" . G   B 2 3  ? -10.544 -7.754  15.807  1.00 45.01 ? 28  G   B "O5'" 1 
ATOM   518  C "C5'" . G   B 2 3  ? -11.425 -8.665  15.158  1.00 42.61 ? 28  G   B "C5'" 1 
ATOM   519  C "C4'" . G   B 2 3  ? -12.569 -7.919  14.517  1.00 40.35 ? 28  G   B "C4'" 1 
ATOM   520  O "O4'" . G   B 2 3  ? -13.357 -7.225  15.528  1.00 42.26 ? 28  G   B "O4'" 1 
ATOM   521  C "C3'" . G   B 2 3  ? -12.179 -6.803  13.569  1.00 35.85 ? 28  G   B "C3'" 1 
ATOM   522  O "O3'" . G   B 2 3  ? -11.781 -7.313  12.307  1.00 39.58 ? 28  G   B "O3'" 1 
ATOM   523  C "C2'" . G   B 2 3  ? -13.477 -6.016  13.500  1.00 38.73 ? 28  G   B "C2'" 1 
ATOM   524  O "O2'" . G   B 2 3  ? -14.466 -6.633  12.698  1.00 39.22 ? 28  G   B "O2'" 1 
ATOM   525  C "C1'" . G   B 2 3  ? -13.882 -6.021  14.975  1.00 39.46 ? 28  G   B "C1'" 1 
ATOM   526  N N9    . G   B 2 3  ? -13.280 -4.894  15.678  1.00 39.25 ? 28  G   B N9    1 
ATOM   527  C C8    . G   B 2 3  ? -12.243 -4.930  16.582  1.00 38.57 ? 28  G   B C8    1 
ATOM   528  N N7    . G   B 2 3  ? -11.891 -3.744  17.008  1.00 36.68 ? 28  G   B N7    1 
ATOM   529  C C5    . G   B 2 3  ? -12.753 -2.871  16.349  1.00 37.24 ? 28  G   B C5    1 
ATOM   530  C C6    . G   B 2 3  ? -12.846 -1.448  16.394  1.00 34.41 ? 28  G   B C6    1 
ATOM   531  O O6    . G   B 2 3  ? -12.174 -0.651  17.053  1.00 35.21 ? 28  G   B O6    1 
ATOM   532  N N1    . G   B 2 3  ? -13.854 -0.975  15.558  1.00 32.65 ? 28  G   B N1    1 
ATOM   533  C C2    . G   B 2 3  ? -14.676 -1.762  14.788  1.00 34.88 ? 28  G   B C2    1 
ATOM   534  N N2    . G   B 2 3  ? -15.596 -1.119  14.045  1.00 33.68 ? 28  G   B N2    1 
ATOM   535  N N3    . G   B 2 3  ? -14.607 -3.083  14.746  1.00 35.84 ? 28  G   B N3    1 
ATOM   536  C C4    . G   B 2 3  ? -13.626 -3.567  15.537  1.00 38.15 ? 28  G   B C4    1 
ATOM   537  P P     . U   B 2 4  ? -10.828 -6.429  11.362  1.00 40.06 ? 29  U   B P     1 
ATOM   538  O OP1   . U   B 2 4  ? -10.400 -7.295  10.236  1.00 41.12 ? 29  U   B OP1   1 
ATOM   539  O OP2   . U   B 2 4  ? -9.806  -5.758  12.204  1.00 41.32 ? 29  U   B OP2   1 
ATOM   540  O "O5'" . U   B 2 4  ? -11.808 -5.314  10.779  1.00 39.87 ? 29  U   B "O5'" 1 
ATOM   541  C "C5'" . U   B 2 4  ? -12.927 -5.671  9.968   1.00 35.17 ? 29  U   B "C5'" 1 
ATOM   542  C "C4'" . U   B 2 4  ? -13.688 -4.432  9.550   1.00 35.35 ? 29  U   B "C4'" 1 
ATOM   543  O "O4'" . U   B 2 4  ? -14.226 -3.775  10.729  1.00 37.34 ? 29  U   B "O4'" 1 
ATOM   544  C "C3'" . U   B 2 4  ? -12.868 -3.329  8.903   1.00 32.98 ? 29  U   B "C3'" 1 
ATOM   545  O "O3'" . U   B 2 4  ? -12.540 -3.588  7.544   1.00 38.54 ? 29  U   B "O3'" 1 
ATOM   546  C "C2'" . U   B 2 4  ? -13.781 -2.124  9.086   1.00 32.46 ? 29  U   B "C2'" 1 
ATOM   547  O "O2'" . U   B 2 4  ? -14.862 -2.036  8.188   1.00 35.25 ? 29  U   B "O2'" 1 
ATOM   548  C "C1'" . U   B 2 4  ? -14.300 -2.372  10.498  1.00 34.19 ? 29  U   B "C1'" 1 
ATOM   549  N N1    . U   B 2 4  ? -13.436 -1.687  11.464  1.00 33.77 ? 29  U   B N1    1 
ATOM   550  C C2    . U   B 2 4  ? -13.674 -0.348  11.673  1.00 32.07 ? 29  U   B C2    1 
ATOM   551  O O2    . U   B 2 4  ? -14.579 0.260   11.121  1.00 31.18 ? 29  U   B O2    1 
ATOM   552  N N3    . U   B 2 4  ? -12.820 0.259   12.550  1.00 31.95 ? 29  U   B N3    1 
ATOM   553  C C4    . U   B 2 4  ? -11.781 -0.325  13.234  1.00 31.13 ? 29  U   B C4    1 
ATOM   554  O O4    . U   B 2 4  ? -11.108 0.362   14.003  1.00 32.83 ? 29  U   B O4    1 
ATOM   555  C C5    . U   B 2 4  ? -11.605 -1.718  12.975  1.00 32.31 ? 29  U   B C5    1 
ATOM   556  C C6    . U   B 2 4  ? -12.421 -2.338  12.119  1.00 33.25 ? 29  U   B C6    1 
ATOM   557  P P     . C   B 2 5  ? -11.169 -2.997  6.929   1.00 35.97 ? 30  C   B P     1 
ATOM   558  O OP1   . C   B 2 5  ? -11.150 -3.376  5.496   1.00 40.13 ? 30  C   B OP1   1 
ATOM   559  O OP2   . C   B 2 5  ? -10.040 -3.377  7.811   1.00 33.09 ? 30  C   B OP2   1 
ATOM   560  O "O5'" . C   B 2 5  ? -11.353 -1.415  6.998   1.00 35.23 ? 30  C   B "O5'" 1 
ATOM   561  C "C5'" . C   B 2 5  ? -12.386 -0.776  6.254   1.00 31.17 ? 30  C   B "C5'" 1 
ATOM   562  C "C4'" . C   B 2 5  ? -12.385 0.710   6.516   1.00 33.66 ? 30  C   B "C4'" 1 
ATOM   563  O "O4'" . C   B 2 5  ? -12.617 0.975   7.929   1.00 31.70 ? 30  C   B "O4'" 1 
ATOM   564  C "C3'" . C   B 2 5  ? -11.090 1.441   6.217   1.00 32.79 ? 30  C   B "C3'" 1 
ATOM   565  O "O3'" . C   B 2 5  ? -11.005 1.751   4.834   1.00 31.68 ? 30  C   B "O3'" 1 
ATOM   566  C "C2'" . C   B 2 5  ? -11.255 2.706   7.048   1.00 31.59 ? 30  C   B "C2'" 1 
ATOM   567  O "O2'" . C   B 2 5  ? -12.105 3.650   6.424   1.00 33.19 ? 30  C   B "O2'" 1 
ATOM   568  C "C1'" . C   B 2 5  ? -11.920 2.152   8.311   1.00 32.41 ? 30  C   B "C1'" 1 
ATOM   569  N N1    . C   B 2 5  ? -10.947 1.796   9.357   1.00 31.80 ? 30  C   B N1    1 
ATOM   570  C C2    . C   B 2 5  ? -10.302 2.820   10.060  1.00 31.39 ? 30  C   B C2    1 
ATOM   571  O O2    . C   B 2 5  ? -10.575 4.003   9.789   1.00 28.41 ? 30  C   B O2    1 
ATOM   572  N N3    . C   B 2 5  ? -9.405  2.497   11.019  1.00 29.69 ? 30  C   B N3    1 
ATOM   573  C C4    . C   B 2 5  ? -9.148  1.215   11.285  1.00 30.30 ? 30  C   B C4    1 
ATOM   574  N N4    . C   B 2 5  ? -8.260  0.943   12.246  1.00 32.22 ? 30  C   B N4    1 
ATOM   575  C C5    . C   B 2 5  ? -9.788  0.155   10.584  1.00 29.49 ? 30  C   B C5    1 
ATOM   576  C C6    . C   B 2 5  ? -10.673 0.486   9.639   1.00 30.72 ? 30  C   B C6    1 
HETATM 577  P P     . 1MA B 2 6  ? -9.563  1.920   4.147   1.00 32.77 ? 31  1MA B P     1 
HETATM 578  O OP1   . 1MA B 2 6  ? -9.783  2.182   2.705   1.00 39.15 ? 31  1MA B OP1   1 
HETATM 579  O OP2   . 1MA B 2 6  ? -8.694  0.796   4.570   1.00 34.84 ? 31  1MA B OP2   1 
HETATM 580  O "O5'" . 1MA B 2 6  ? -8.966  3.231   4.812   1.00 33.37 ? 31  1MA B "O5'" 1 
HETATM 581  C "C5'" . 1MA B 2 6  ? -9.534  4.505   4.564   1.00 29.90 ? 31  1MA B "C5'" 1 
HETATM 582  C "C4'" . 1MA B 2 6  ? -8.847  5.529   5.424   1.00 32.97 ? 31  1MA B "C4'" 1 
HETATM 583  O "O4'" . 1MA B 2 6  ? -9.098  5.188   6.813   1.00 28.76 ? 31  1MA B "O4'" 1 
HETATM 584  C "C3'" . 1MA B 2 6  ? -7.324  5.520   5.329   1.00 32.98 ? 31  1MA B "C3'" 1 
HETATM 585  O "O3'" . 1MA B 2 6  ? -6.847  6.301   4.245   1.00 37.82 ? 31  1MA B "O3'" 1 
HETATM 586  C "C2'" . 1MA B 2 6  ? -6.938  6.154   6.652   1.00 32.05 ? 31  1MA B "C2'" 1 
HETATM 587  O "O2'" . 1MA B 2 6  ? -7.080  7.556   6.646   1.00 29.87 ? 31  1MA B "O2'" 1 
HETATM 588  C "C1'" . 1MA B 2 6  ? -7.947  5.495   7.593   1.00 32.16 ? 31  1MA B "C1'" 1 
HETATM 589  N N9    . 1MA B 2 6  ? -7.406  4.247   8.121   1.00 29.57 ? 31  1MA B N9    1 
HETATM 590  C C8    . 1MA B 2 6  ? -7.646  2.967   7.695   1.00 30.74 ? 31  1MA B C8    1 
HETATM 591  N N7    . 1MA B 2 6  ? -6.974  2.057   8.352   1.00 34.32 ? 31  1MA B N7    1 
HETATM 592  C C5    . 1MA B 2 6  ? -6.244  2.788   9.279   1.00 30.40 ? 31  1MA B C5    1 
HETATM 593  C C6    . 1MA B 2 6  ? -5.319  2.415   10.264  1.00 32.59 ? 31  1MA B C6    1 
HETATM 594  N N6    . 1MA B 2 6  ? -4.949  1.154   10.508  1.00 29.15 ? 31  1MA B N6    1 
HETATM 595  N N1    . 1MA B 2 6  ? -4.772  3.399   11.004  1.00 33.38 ? 31  1MA B N1    1 
HETATM 596  C CM1   . 1MA B 2 6  ? -3.814  3.092   12.019  1.00 31.21 ? 31  1MA B CM1   1 
HETATM 597  C C2    . 1MA B 2 6  ? -5.132  4.664   10.776  1.00 32.90 ? 31  1MA B C2    1 
HETATM 598  N N3    . 1MA B 2 6  ? -5.989  5.140   9.885   1.00 31.36 ? 31  1MA B N3    1 
HETATM 599  C C4    . 1MA B 2 6  ? -6.513  4.137   9.155   1.00 31.20 ? 31  1MA B C4    1 
ATOM   600  P P     . C   B 2 7  ? -5.424  5.956   3.578   1.00 33.99 ? 32  C   B P     1 
ATOM   601  O OP1   . C   B 2 7  ? -5.325  6.797   2.370   1.00 36.14 ? 32  C   B OP1   1 
ATOM   602  O OP2   . C   B 2 7  ? -5.257  4.485   3.466   1.00 31.05 ? 32  C   B OP2   1 
ATOM   603  O "O5'" . C   B 2 7  ? -4.369  6.457   4.653   1.00 32.93 ? 32  C   B "O5'" 1 
ATOM   604  C "C5'" . C   B 2 7  ? -4.259  7.832   4.975   1.00 33.23 ? 32  C   B "C5'" 1 
ATOM   605  C "C4'" . C   B 2 7  ? -3.176  8.027   6.001   1.00 27.98 ? 32  C   B "C4'" 1 
ATOM   606  O "O4'" . C   B 2 7  ? -3.539  7.322   7.221   1.00 35.30 ? 32  C   B "O4'" 1 
ATOM   607  C "C3'" . C   B 2 7  ? -1.834  7.413   5.653   1.00 30.85 ? 32  C   B "C3'" 1 
ATOM   608  O "O3'" . C   B 2 7  ? -1.094  8.228   4.760   1.00 34.05 ? 32  C   B "O3'" 1 
ATOM   609  C "C2'" . C   B 2 7  ? -1.181  7.347   7.020   1.00 31.53 ? 32  C   B "C2'" 1 
ATOM   610  O "O2'" . C   B 2 7  ? -0.750  8.610   7.485   1.00 29.29 ? 32  C   B "O2'" 1 
ATOM   611  C "C1'" . C   B 2 7  ? -2.357  6.869   7.869   1.00 32.13 ? 32  C   B "C1'" 1 
ATOM   612  N N1    . C   B 2 7  ? -2.409  5.401   7.998   1.00 28.48 ? 32  C   B N1    1 
ATOM   613  C C2    . C   B 2 7  ? -1.502  4.785   8.861   1.00 33.31 ? 32  C   B C2    1 
ATOM   614  O O2    . C   B 2 7  ? -0.667  5.495   9.455   1.00 29.44 ? 32  C   B O2    1 
ATOM   615  N N3    . C   B 2 7  ? -1.552  3.439   9.027   1.00 30.98 ? 32  C   B N3    1 
ATOM   616  C C4    . C   B 2 7  ? -2.461  2.720   8.361   1.00 32.77 ? 32  C   B C4    1 
ATOM   617  N N4    . C   B 2 7  ? -2.489  1.401   8.563   1.00 29.57 ? 32  C   B N4    1 
ATOM   618  C C5    . C   B 2 7  ? -3.385  3.325   7.460   1.00 27.28 ? 32  C   B C5    1 
ATOM   619  C C6    . C   B 2 7  ? -3.319  4.654   7.308   1.00 27.28 ? 32  C   B C6    1 
ATOM   620  P P     . G   B 2 8  ? -0.063  7.548   3.738   1.00 32.01 ? 33  G   B P     1 
ATOM   621  O OP1   . G   B 2 8  ? 0.275   8.589   2.734   1.00 38.98 ? 33  G   B OP1   1 
ATOM   622  O OP2   . G   B 2 8  ? -0.582  6.235   3.288   1.00 32.96 ? 33  G   B OP2   1 
ATOM   623  O "O5'" . G   B 2 8  ? 1.227   7.259   4.627   1.00 32.56 ? 33  G   B "O5'" 1 
ATOM   624  C "C5'" . G   B 2 8  ? 1.924   8.314   5.282   1.00 27.91 ? 33  G   B "C5'" 1 
ATOM   625  C "C4'" . G   B 2 8  ? 3.059   7.744   6.099   1.00 27.72 ? 33  G   B "C4'" 1 
ATOM   626  O "O4'" . G   B 2 8  ? 2.520   7.005   7.229   1.00 29.07 ? 33  G   B "O4'" 1 
ATOM   627  C "C3'" . G   B 2 8  ? 3.922   6.724   5.369   1.00 31.02 ? 33  G   B "C3'" 1 
ATOM   628  O "O3'" . G   B 2 8  ? 4.925   7.363   4.591   1.00 29.79 ? 33  G   B "O3'" 1 
ATOM   629  C "C2'" . G   B 2 8  ? 4.510   5.932   6.528   1.00 28.90 ? 33  G   B "C2'" 1 
ATOM   630  O "O2'" . G   B 2 8  ? 5.537   6.648   7.182   1.00 29.44 ? 33  G   B "O2'" 1 
ATOM   631  C "C1'" . G   B 2 8  ? 3.298   5.844   7.455   1.00 30.37 ? 33  G   B "C1'" 1 
ATOM   632  N N9    . G   B 2 8  ? 2.458   4.672   7.239   1.00 29.21 ? 33  G   B N9    1 
ATOM   633  C C8    . G   B 2 8  ? 1.243   4.617   6.593   1.00 30.24 ? 33  G   B C8    1 
ATOM   634  N N7    . G   B 2 8  ? 0.708   3.424   6.607   1.00 30.77 ? 33  G   B N7    1 
ATOM   635  C C5    . G   B 2 8  ? 1.629   2.643   7.294   1.00 31.07 ? 33  G   B C5    1 
ATOM   636  C C6    . G   B 2 8  ? 1.590   1.267   7.645   1.00 27.18 ? 33  G   B C6    1 
ATOM   637  O O6    . G   B 2 8  ? 0.702   0.450   7.426   1.00 27.52 ? 33  G   B O6    1 
ATOM   638  N N1    . G   B 2 8  ? 2.737   0.878   8.335   1.00 26.33 ? 33  G   B N1    1 
ATOM   639  C C2    . G   B 2 8  ? 3.783   1.720   8.663   1.00 31.41 ? 33  G   B C2    1 
ATOM   640  N N2    . G   B 2 8  ? 4.809   1.177   9.355   1.00 27.94 ? 33  G   B N2    1 
ATOM   641  N N3    . G   B 2 8  ? 3.822   3.005   8.347   1.00 28.24 ? 33  G   B N3    1 
ATOM   642  C C4    . G   B 2 8  ? 2.722   3.396   7.673   1.00 29.74 ? 33  G   B C4    1 
ATOM   643  P P     . U   B 2 9  ? 5.404   6.696   3.212   1.00 32.89 ? 34  U   B P     1 
ATOM   644  O OP1   . U   B 2 9  ? 6.200   7.731   2.510   1.00 33.05 ? 34  U   B OP1   1 
ATOM   645  O OP2   . U   B 2 9  ? 4.241   6.083   2.532   1.00 32.58 ? 34  U   B OP2   1 
ATOM   646  O "O5'" . U   B 2 9  ? 6.375   5.510   3.673   1.00 31.06 ? 34  U   B "O5'" 1 
ATOM   647  C "C5'" . U   B 2 9  ? 7.575   5.781   4.393   1.00 26.30 ? 34  U   B "C5'" 1 
ATOM   648  C "C4'" . U   B 2 9  ? 8.167   4.499   4.929   1.00 31.12 ? 34  U   B "C4'" 1 
ATOM   649  O "O4'" . U   B 2 9  ? 7.308   3.945   5.966   1.00 36.23 ? 34  U   B "O4'" 1 
ATOM   650  C "C3'" . U   B 2 9  ? 8.305   3.349   3.947   1.00 30.55 ? 34  U   B "C3'" 1 
ATOM   651  O "O3'" . U   B 2 9  ? 9.430   3.500   3.099   1.00 33.28 ? 34  U   B "O3'" 1 
ATOM   652  C "C2'" . U   B 2 9  ? 8.442   2.166   4.893   1.00 31.13 ? 34  U   B "C2'" 1 
ATOM   653  O "O2'" . U   B 2 9  ? 9.718   2.077   5.503   1.00 30.29 ? 34  U   B "O2'" 1 
ATOM   654  C "C1'" . U   B 2 9  ? 7.387   2.525   5.940   1.00 28.55 ? 34  U   B "C1'" 1 
ATOM   655  N N1    . U   B 2 9  ? 6.056   1.990   5.612   1.00 30.37 ? 34  U   B N1    1 
ATOM   656  C C2    . U   B 2 9  ? 5.806   0.676   5.943   1.00 30.66 ? 34  U   B C2    1 
ATOM   657  O O2    . U   B 2 9  ? 6.636   -0.034  6.494   1.00 30.25 ? 34  U   B O2    1 
ATOM   658  N N3    . U   B 2 9  ? 4.552   0.221   5.610   1.00 32.44 ? 34  U   B N3    1 
ATOM   659  C C4    . U   B 2 9  ? 3.543   0.939   4.994   1.00 31.28 ? 34  U   B C4    1 
ATOM   660  O O4    . U   B 2 9  ? 2.447   0.403   4.792   1.00 30.45 ? 34  U   B O4    1 
ATOM   661  C C5    . U   B 2 9  ? 3.886   2.294   4.684   1.00 30.74 ? 34  U   B C5    1 
ATOM   662  C C6    . U   B 2 9  ? 5.099   2.761   4.996   1.00 27.58 ? 34  U   B C6    1 
ATOM   663  P P     . C   B 2 10 ? 9.344   2.991   1.575   1.00 37.42 ? 35  C   B P     1 
ATOM   664  O OP1   . C   B 2 10 ? 10.581  3.463   0.892   1.00 38.32 ? 35  C   B OP1   1 
ATOM   665  O OP2   . C   B 2 10 ? 8.017   3.376   1.031   1.00 31.56 ? 35  C   B OP2   1 
ATOM   666  O "O5'" . C   B 2 10 ? 9.393   1.398   1.712   1.00 36.75 ? 35  C   B "O5'" 1 
ATOM   667  C "C5'" . C   B 2 10 ? 10.532  0.750   2.282   1.00 34.12 ? 35  C   B "C5'" 1 
ATOM   668  C "C4'" . C   B 2 10 ? 10.216  -0.693  2.620   1.00 35.19 ? 35  C   B "C4'" 1 
ATOM   669  O "O4'" . C   B 2 10 ? 9.094   -0.762  3.542   1.00 34.02 ? 35  C   B "O4'" 1 
ATOM   670  C "C3'" . C   B 2 10 ? 9.760   -1.573  1.474   1.00 33.49 ? 35  C   B "C3'" 1 
ATOM   671  O "O3'" . C   B 2 10 ? 10.855  -2.012  0.695   1.00 40.91 ? 35  C   B "O3'" 1 
ATOM   672  C "C2'" . C   B 2 10 ? 9.105   -2.725  2.218   1.00 36.91 ? 35  C   B "C2'" 1 
ATOM   673  O "O2'" . C   B 2 10 ? 10.032  -3.644  2.774   1.00 38.69 ? 35  C   B "O2'" 1 
ATOM   674  C "C1'" . C   B 2 10 ? 8.373   -1.970  3.325   1.00 31.24 ? 35  C   B "C1'" 1 
ATOM   675  N N1    . C   B 2 10 ? 6.997   -1.624  2.939   1.00 32.30 ? 35  C   B N1    1 
ATOM   676  C C2    . C   B 2 10 ? 5.999   -2.601  3.047   1.00 34.13 ? 35  C   B C2    1 
ATOM   677  O O2    . C   B 2 10 ? 6.304   -3.729  3.457   1.00 34.32 ? 35  C   B O2    1 
ATOM   678  N N3    . C   B 2 10 ? 4.729   -2.289  2.697   1.00 32.34 ? 35  C   B N3    1 
ATOM   679  C C4    . C   B 2 10 ? 4.443   -1.064  2.247   1.00 29.43 ? 35  C   B C4    1 
ATOM   680  N N4    . C   B 2 10 ? 3.181   -0.802  1.908   1.00 31.99 ? 35  C   B N4    1 
ATOM   681  C C5    . C   B 2 10 ? 5.442   -0.054  2.123   1.00 29.86 ? 35  C   B C5    1 
ATOM   682  C C6    . C   B 2 10 ? 6.693   -0.375  2.478   1.00 31.96 ? 35  C   B C6    1 
ATOM   683  P P     . G   B 2 11 ? 10.625  -2.354  -0.857  1.00 41.74 ? 36  G   B P     1 
ATOM   684  O OP1   . G   B 2 11 ? 11.972  -2.565  -1.436  1.00 43.07 ? 36  G   B OP1   1 
ATOM   685  O OP2   . G   B 2 11 ? 9.726   -1.318  -1.432  1.00 38.45 ? 36  G   B OP2   1 
ATOM   686  O "O5'" . G   B 2 11 ? 9.838   -3.737  -0.819  1.00 34.39 ? 36  G   B "O5'" 1 
ATOM   687  C "C5'" . G   B 2 11 ? 10.441  -4.887  -0.243  1.00 38.15 ? 36  G   B "C5'" 1 
ATOM   688  C "C4'" . G   B 2 11 ? 9.443   -6.016  -0.152  1.00 41.68 ? 36  G   B "C4'" 1 
ATOM   689  O "O4'" . G   B 2 11 ? 8.358   -5.667  0.746   1.00 38.00 ? 36  G   B "O4'" 1 
ATOM   690  C "C3'" . G   B 2 11 ? 8.718   -6.407  -1.430  1.00 43.63 ? 36  G   B "C3'" 1 
ATOM   691  O "O3'" . G   B 2 11 ? 9.545   -7.212  -2.260  1.00 42.48 ? 36  G   B "O3'" 1 
ATOM   692  C "C2'" . G   B 2 11 ? 7.554   -7.209  -0.867  1.00 41.74 ? 36  G   B "C2'" 1 
ATOM   693  O "O2'" . G   B 2 11 ? 7.935   -8.507  -0.463  1.00 43.92 ? 36  G   B "O2'" 1 
ATOM   694  C "C1'" . G   B 2 11 ? 7.188   -6.372  0.362   1.00 38.42 ? 36  G   B "C1'" 1 
ATOM   695  N N9    . G   B 2 11 ? 6.150   -5.393  0.068   1.00 35.51 ? 36  G   B N9    1 
ATOM   696  C C8    . G   B 2 11 ? 6.325   -4.058  -0.195  1.00 34.81 ? 36  G   B C8    1 
ATOM   697  N N7    . G   B 2 11 ? 5.204   -3.431  -0.423  1.00 33.44 ? 36  G   B N7    1 
ATOM   698  C C5    . G   B 2 11 ? 4.230   -4.413  -0.302  1.00 33.43 ? 36  G   B C5    1 
ATOM   699  C C6    . G   B 2 11 ? 2.822   -4.331  -0.438  1.00 33.10 ? 36  G   B C6    1 
ATOM   700  O O6    . G   B 2 11 ? 2.133   -3.340  -0.691  1.00 33.18 ? 36  G   B O6    1 
ATOM   701  N N1    . G   B 2 11 ? 2.216   -5.568  -0.243  1.00 31.87 ? 36  G   B N1    1 
ATOM   702  C C2    . G   B 2 11 ? 2.875   -6.730  0.044   1.00 33.12 ? 36  G   B C2    1 
ATOM   703  N N2    . G   B 2 11 ? 2.110   -7.820  0.182   1.00 36.13 ? 36  G   B N2    1 
ATOM   704  N N3    . G   B 2 11 ? 4.189   -6.822  0.181   1.00 36.25 ? 36  G   B N3    1 
ATOM   705  C C4    . G   B 2 11 ? 4.797   -5.632  -0.004  1.00 35.51 ? 36  G   B C4    1 
ATOM   706  P P     . A   B 2 12 ? 9.330   -7.198  -3.852  1.00 42.99 ? 37  A   B P     1 
ATOM   707  O OP1   . A   B 2 12 ? 10.451  -7.989  -4.419  1.00 46.95 ? 37  A   B OP1   1 
ATOM   708  O OP2   . A   B 2 12 ? 9.110   -5.807  -4.313  1.00 43.16 ? 37  A   B OP2   1 
ATOM   709  O "O5'" . A   B 2 12 ? 7.984   -8.020  -4.059  1.00 40.84 ? 37  A   B "O5'" 1 
ATOM   710  C "C5'" . A   B 2 12 ? 7.945   -9.410  -3.756  1.00 43.80 ? 37  A   B "C5'" 1 
ATOM   711  C "C4'" . A   B 2 12 ? 6.529   -9.916  -3.813  1.00 40.96 ? 37  A   B "C4'" 1 
ATOM   712  O "O4'" . A   B 2 12 ? 5.720   -9.208  -2.839  1.00 39.70 ? 37  A   B "O4'" 1 
ATOM   713  C "C3'" . A   B 2 12 ? 5.795   -9.664  -5.115  1.00 41.43 ? 37  A   B "C3'" 1 
ATOM   714  O "O3'" . A   B 2 12 ? 6.153   -10.618 -6.097  1.00 42.42 ? 37  A   B "O3'" 1 
ATOM   715  C "C2'" . A   B 2 12 ? 4.351   -9.809  -4.671  1.00 41.73 ? 37  A   B "C2'" 1 
ATOM   716  O "O2'" . A   B 2 12 ? 3.971   -11.151 -4.475  1.00 43.37 ? 37  A   B "O2'" 1 
ATOM   717  C "C1'" . A   B 2 12 ? 4.397   -9.086  -3.326  1.00 40.46 ? 37  A   B "C1'" 1 
ATOM   718  N N9    . A   B 2 12 ? 4.097   -7.669  -3.474  1.00 36.67 ? 37  A   B N9    1 
ATOM   719  C C8    . A   B 2 12 ? 4.966   -6.622  -3.640  1.00 36.17 ? 37  A   B C8    1 
ATOM   720  N N7    . A   B 2 12 ? 4.372   -5.461  -3.763  1.00 34.56 ? 37  A   B N7    1 
ATOM   721  C C5    . A   B 2 12 ? 3.022   -5.767  -3.666  1.00 33.65 ? 37  A   B C5    1 
ATOM   722  C C6    . A   B 2 12 ? 1.866   -4.978  -3.733  1.00 33.81 ? 37  A   B C6    1 
ATOM   723  N N6    . A   B 2 12 ? 1.881   -3.654  -3.909  1.00 34.74 ? 37  A   B N6    1 
ATOM   724  N N1    . A   B 2 12 ? 0.674   -5.602  -3.618  1.00 34.14 ? 37  A   B N1    1 
ATOM   725  C C2    . A   B 2 12 ? 0.657   -6.927  -3.450  1.00 32.56 ? 37  A   B C2    1 
ATOM   726  N N3    . A   B 2 12 ? 1.673   -7.773  -3.367  1.00 33.69 ? 37  A   B N3    1 
ATOM   727  C C4    . A   B 2 12 ? 2.841   -7.121  -3.486  1.00 35.08 ? 37  A   B C4    1 
ATOM   728  P P     . C   B 2 13 ? 6.159   -10.190 -7.645  1.00 49.78 ? 38  C   B P     1 
ATOM   729  O OP1   . C   B 2 13 ? 6.756   -11.320 -8.405  1.00 45.61 ? 38  C   B OP1   1 
ATOM   730  O OP2   . C   B 2 13 ? 6.748   -8.830  -7.768  1.00 42.53 ? 38  C   B OP2   1 
ATOM   731  O "O5'" . C   B 2 13 ? 4.615   -10.082 -8.001  1.00 40.04 ? 38  C   B "O5'" 1 
ATOM   732  C "C5'" . C   B 2 13 ? 3.762   -11.195 -7.821  1.00 38.91 ? 38  C   B "C5'" 1 
ATOM   733  C "C4'" . C   B 2 13 ? 2.328   -10.751 -7.825  1.00 37.63 ? 38  C   B "C4'" 1 
ATOM   734  O "O4'" . C   B 2 13 ? 2.093   -9.831  -6.727  1.00 40.80 ? 38  C   B "O4'" 1 
ATOM   735  C "C3'" . C   B 2 13 ? 1.859   -9.949  -9.025  1.00 39.76 ? 38  C   B "C3'" 1 
ATOM   736  O "O3'" . C   B 2 13 ? 1.633   -10.779 -10.162 1.00 40.15 ? 38  C   B "O3'" 1 
ATOM   737  C "C2'" . C   B 2 13 ? 0.567   -9.371  -8.473  1.00 37.90 ? 38  C   B "C2'" 1 
ATOM   738  O "O2'" . C   B 2 13 ? -0.435  -10.360 -8.399  1.00 38.30 ? 38  C   B "O2'" 1 
ATOM   739  C "C1'" . C   B 2 13 ? 1.005   -8.981  -7.056  1.00 39.41 ? 38  C   B "C1'" 1 
ATOM   740  N N1    . C   B 2 13 ? 1.467   -7.588  -6.993  1.00 36.45 ? 38  C   B N1    1 
ATOM   741  C C2    . C   B 2 13 ? 0.513   -6.579  -6.901  1.00 37.30 ? 38  C   B C2    1 
ATOM   742  O O2    . C   B 2 13 ? -0.681  -6.894  -6.818  1.00 40.41 ? 38  C   B O2    1 
ATOM   743  N N3    . C   B 2 13 ? 0.911   -5.288  -6.905  1.00 37.36 ? 38  C   B N3    1 
ATOM   744  C C4    . C   B 2 13 ? 2.210   -4.992  -6.990  1.00 33.66 ? 38  C   B C4    1 
ATOM   745  N N4    . C   B 2 13 ? 2.555   -3.699  -7.018  1.00 36.70 ? 38  C   B N4    1 
ATOM   746  C C5    . C   B 2 13 ? 3.209   -6.004  -7.057  1.00 35.23 ? 38  C   B C5    1 
ATOM   747  C C6    . C   B 2 13 ? 2.796   -7.280  -7.051  1.00 36.00 ? 38  C   B C6    1 
ATOM   748  P P     . G   B 2 14 ? 1.724   -10.148 -11.644 1.00 40.48 ? 39  G   B P     1 
ATOM   749  O OP1   . G   B 2 14 ? 1.583   -11.266 -12.610 1.00 43.83 ? 39  G   B OP1   1 
ATOM   750  O OP2   . G   B 2 14 ? 2.895   -9.245  -11.743 1.00 37.43 ? 39  G   B OP2   1 
ATOM   751  O "O5'" . G   B 2 14 ? 0.418   -9.258  -11.745 1.00 37.60 ? 39  G   B "O5'" 1 
ATOM   752  C "C5'" . G   B 2 14 ? -0.857  -9.863  -11.736 1.00 37.94 ? 39  G   B "C5'" 1 
ATOM   753  C "C4'" . G   B 2 14 ? -1.916  -8.813  -11.866 1.00 38.16 ? 39  G   B "C4'" 1 
ATOM   754  O "O4'" . G   B 2 14 ? -1.889  -7.948  -10.702 1.00 37.43 ? 39  G   B "O4'" 1 
ATOM   755  C "C3'" . G   B 2 14 ? -1.726  -7.852  -13.025 1.00 37.19 ? 39  G   B "C3'" 1 
ATOM   756  O "O3'" . G   B 2 14 ? -2.200  -8.439  -14.231 1.00 38.59 ? 39  G   B "O3'" 1 
ATOM   757  C "C2'" . G   B 2 14 ? -2.598  -6.691  -12.584 1.00 38.68 ? 39  G   B "C2'" 1 
ATOM   758  O "O2'" . G   B 2 14 ? -3.966  -6.962  -12.794 1.00 40.70 ? 39  G   B "O2'" 1 
ATOM   759  C "C1'" . G   B 2 14 ? -2.283  -6.638  -11.084 1.00 39.26 ? 39  G   B "C1'" 1 
ATOM   760  N N9    . G   B 2 14 ? -1.182  -5.727  -10.778 1.00 33.20 ? 39  G   B N9    1 
ATOM   761  C C8    . G   B 2 14 ? 0.145   -6.042  -10.639 1.00 33.34 ? 39  G   B C8    1 
ATOM   762  N N7    . G   B 2 14 ? 0.897   -5.002  -10.406 1.00 29.95 ? 39  G   B N7    1 
ATOM   763  C C5    . G   B 2 14 ? 0.007   -3.939  -10.379 1.00 34.56 ? 39  G   B C5    1 
ATOM   764  C C6    . G   B 2 14 ? 0.232   -2.554  -10.177 1.00 33.32 ? 39  G   B C6    1 
ATOM   765  O O6    . G   B 2 14 ? 1.301   -1.964  -9.987  1.00 31.22 ? 39  G   B O6    1 
ATOM   766  N N1    . G   B 2 14 ? -0.955  -1.835  -10.226 1.00 34.94 ? 39  G   B N1    1 
ATOM   767  C C2    . G   B 2 14 ? -2.192  -2.371  -10.453 1.00 33.93 ? 39  G   B C2    1 
ATOM   768  N N2    . G   B 2 14 ? -3.214  -1.508  -10.473 1.00 38.10 ? 39  G   B N2    1 
ATOM   769  N N3    . G   B 2 14 ? -2.415  -3.653  -10.650 1.00 35.44 ? 39  G   B N3    1 
ATOM   770  C C4    . G   B 2 14 ? -1.280  -4.375  -10.598 1.00 32.12 ? 39  G   B C4    1 
ATOM   771  P P     . A   B 2 15 ? -1.367  -8.245  -15.591 1.00 39.84 ? 40  A   B P     1 
ATOM   772  O OP1   . A   B 2 15 ? -1.836  -9.257  -16.561 1.00 42.02 ? 40  A   B OP1   1 
ATOM   773  O OP2   . A   B 2 15 ? 0.077   -8.155  -15.270 1.00 44.63 ? 40  A   B OP2   1 
ATOM   774  O "O5'" . A   B 2 15 ? -1.835  -6.814  -16.108 1.00 49.75 ? 40  A   B "O5'" 1 
ATOM   775  C "C5'" . A   B 2 15 ? -2.998  -6.684  -16.904 1.00 38.95 ? 40  A   B "C5'" 1 
ATOM   776  C "C4'" . A   B 2 15 ? -2.616  -6.545  -18.356 1.00 35.30 ? 40  A   B "C4'" 1 
ATOM   777  O "O4'" . A   B 2 15 ? -3.720  -7.002  -19.166 1.00 37.17 ? 40  A   B "O4'" 1 
ATOM   778  C "C3'" . A   B 2 15 ? -2.280  -5.149  -18.871 1.00 34.08 ? 40  A   B "C3'" 1 
ATOM   779  O "O3'" . A   B 2 15 ? -0.880  -4.899  -18.738 1.00 35.57 ? 40  A   B "O3'" 1 
ATOM   780  C "C2'" . A   B 2 15 ? -2.617  -5.255  -20.357 1.00 34.17 ? 40  A   B "C2'" 1 
ATOM   781  O "O2'" . A   B 2 15 ? -1.530  -5.761  -21.096 1.00 32.95 ? 40  A   B "O2'" 1 
ATOM   782  C "C1'" . A   B 2 15 ? -3.750  -6.283  -20.374 1.00 35.43 ? 40  A   B "C1'" 1 
ATOM   783  N N9    . A   B 2 15 ? -5.099  -5.749  -20.531 1.00 33.30 ? 40  A   B N9    1 
ATOM   784  C C8    . A   B 2 15 ? -5.919  -5.222  -19.567 1.00 35.69 ? 40  A   B C8    1 
ATOM   785  N N7    . A   B 2 15 ? -7.111  -4.899  -20.008 1.00 32.15 ? 40  A   B N7    1 
ATOM   786  C C5    . A   B 2 15 ? -7.064  -5.221  -21.358 1.00 33.81 ? 40  A   B C5    1 
ATOM   787  C C6    . A   B 2 15 ? -8.019  -5.133  -22.388 1.00 35.21 ? 40  A   B C6    1 
ATOM   788  N N6    . A   B 2 15 ? -9.261  -4.693  -22.207 1.00 35.96 ? 40  A   B N6    1 
ATOM   789  N N1    . A   B 2 15 ? -7.648  -5.526  -23.623 1.00 39.02 ? 40  A   B N1    1 
ATOM   790  C C2    . A   B 2 15 ? -6.403  -5.989  -23.801 1.00 41.86 ? 40  A   B C2    1 
ATOM   791  N N3    . A   B 2 15 ? -5.423  -6.131  -22.911 1.00 35.63 ? 40  A   B N3    1 
ATOM   792  C C4    . A   B 2 15 ? -5.824  -5.725  -21.697 1.00 33.50 ? 40  A   B C4    1 
ATOM   793  P P     . A   B 2 16 ? -0.356  -3.408  -18.434 1.00 29.98 ? 41  A   B P     1 
ATOM   794  O OP1   . A   B 2 16 ? 1.103   -3.477  -18.156 1.00 27.99 ? 41  A   B OP1   1 
ATOM   795  O OP2   . A   B 2 16 ? -1.269  -2.790  -17.441 1.00 27.22 ? 41  A   B OP2   1 
ATOM   796  O "O5'" . A   B 2 16 ? -0.545  -2.629  -19.805 1.00 32.79 ? 41  A   B "O5'" 1 
ATOM   797  C "C5'" . A   B 2 16 ? 0.300   -2.879  -20.922 1.00 27.52 ? 41  A   B "C5'" 1 
ATOM   798  C "C4'" . A   B 2 16 ? -0.265  -2.181  -22.127 1.00 30.46 ? 41  A   B "C4'" 1 
ATOM   799  O "O4'" . A   B 2 16 ? -1.618  -2.671  -22.281 1.00 30.32 ? 41  A   B "O4'" 1 
ATOM   800  C "C3'" . A   B 2 16 ? -0.388  -0.672  -21.944 1.00 31.16 ? 41  A   B "C3'" 1 
ATOM   801  O "O3'" . A   B 2 16 ? 0.752   -0.036  -22.522 1.00 29.62 ? 41  A   B "O3'" 1 
ATOM   802  C "C2'" . A   B 2 16 ? -1.666  -0.327  -22.710 1.00 29.55 ? 41  A   B "C2'" 1 
ATOM   803  O "O2'" . A   B 2 16 ? -1.436  -0.078  -24.080 1.00 27.60 ? 41  A   B "O2'" 1 
ATOM   804  C "C1'" . A   B 2 16 ? -2.496  -1.601  -22.557 1.00 31.22 ? 41  A   B "C1'" 1 
ATOM   805  N N9    . A   B 2 16 ? -3.508  -1.553  -21.504 1.00 31.12 ? 41  A   B N9    1 
ATOM   806  C C8    . A   B 2 16 ? -3.340  -1.321  -20.161 1.00 32.54 ? 41  A   B C8    1 
ATOM   807  N N7    . A   B 2 16 ? -4.461  -1.325  -19.481 1.00 30.02 ? 41  A   B N7    1 
ATOM   808  C C5    . A   B 2 16 ? -5.432  -1.580  -20.440 1.00 30.82 ? 41  A   B C5    1 
ATOM   809  C C6    . A   B 2 16 ? -6.835  -1.699  -20.366 1.00 33.27 ? 41  A   B C6    1 
ATOM   810  N N6    . A   B 2 16 ? -7.535  -1.555  -19.243 1.00 33.09 ? 41  A   B N6    1 
ATOM   811  N N1    . A   B 2 16 ? -7.504  -1.969  -21.508 1.00 32.25 ? 41  A   B N1    1 
ATOM   812  C C2    . A   B 2 16 ? -6.803  -2.100  -22.644 1.00 33.76 ? 41  A   B C2    1 
ATOM   813  N N3    . A   B 2 16 ? -5.490  -2.001  -22.842 1.00 35.82 ? 41  A   B N3    1 
ATOM   814  C C4    . A   B 2 16 ? -4.857  -1.734  -21.687 1.00 30.84 ? 41  A   B C4    1 
ATOM   815  P P     . G   B 2 17 ? 1.890   0.606   -21.574 1.00 34.50 ? 42  G   B P     1 
ATOM   816  O OP1   . G   B 2 17 ? 3.013   0.993   -22.461 1.00 33.63 ? 42  G   B OP1   1 
ATOM   817  O OP2   . G   B 2 17 ? 2.149   -0.302  -20.421 1.00 31.23 ? 42  G   B OP2   1 
ATOM   818  O "O5'" . G   B 2 17 ? 1.232   1.934   -20.981 1.00 31.02 ? 42  G   B "O5'" 1 
ATOM   819  C "C5'" . G   B 2 17 ? 0.433   2.798   -21.777 1.00 26.85 ? 42  G   B "C5'" 1 
ATOM   820  C "C4'" . G   B 2 17 ? 0.274   4.134   -21.085 1.00 31.43 ? 42  G   B "C4'" 1 
ATOM   821  O "O4'" . G   B 2 17 ? -0.383  3.939   -19.799 1.00 33.07 ? 42  G   B "O4'" 1 
ATOM   822  C "C3'" . G   B 2 17 ? 1.563   4.886   -20.772 1.00 31.90 ? 42  G   B "C3'" 1 
ATOM   823  O "O3'" . G   B 2 17 ? 1.885   5.772   -21.836 1.00 33.34 ? 42  G   B "O3'" 1 
ATOM   824  C "C2'" . G   B 2 17 ? 1.188   5.683   -19.528 1.00 35.38 ? 42  G   B "C2'" 1 
ATOM   825  O "O2'" . G   B 2 17 ? 0.518   6.892   -19.817 1.00 38.18 ? 42  G   B "O2'" 1 
ATOM   826  C "C1'" . G   B 2 17 ? 0.275   4.700   -18.797 1.00 31.35 ? 42  G   B "C1'" 1 
ATOM   827  N N9    . G   B 2 17 ? 1.039   3.791   -17.948 1.00 28.76 ? 42  G   B N9    1 
ATOM   828  C C8    . G   B 2 17 ? 1.155   2.425   -18.076 1.00 32.58 ? 42  G   B C8    1 
ATOM   829  N N7    . G   B 2 17 ? 1.973   1.897   -17.204 1.00 32.12 ? 42  G   B N7    1 
ATOM   830  C C5    . G   B 2 17 ? 2.415   2.978   -16.448 1.00 31.51 ? 42  G   B C5    1 
ATOM   831  C C6    . G   B 2 17 ? 3.344   3.031   -15.374 1.00 37.98 ? 42  G   B C6    1 
ATOM   832  O O6    . G   B 2 17 ? 4.010   2.106   -14.875 1.00 33.41 ? 42  G   B O6    1 
ATOM   833  N N1    . G   B 2 17 ? 3.486   4.330   -14.888 1.00 38.70 ? 42  G   B N1    1 
ATOM   834  C C2    . G   B 2 17 ? 2.833   5.435   -15.383 1.00 39.83 ? 42  G   B C2    1 
ATOM   835  N N2    . G   B 2 17 ? 3.096   6.607   -14.782 1.00 40.12 ? 42  G   B N2    1 
ATOM   836  N N3    . G   B 2 17 ? 1.983   5.397   -16.392 1.00 37.86 ? 42  G   B N3    1 
ATOM   837  C C4    . G   B 2 17 ? 1.825   4.148   -16.875 1.00 33.25 ? 42  G   B C4    1 
ATOM   838  P P     . U   B 2 18 ? 3.411   6.224   -22.065 1.00 39.53 ? 43  U   B P     1 
ATOM   839  O OP1   . U   B 2 18 ? 3.412   7.189   -23.192 1.00 40.18 ? 43  U   B OP1   1 
ATOM   840  O OP2   . U   B 2 18 ? 4.282   5.021   -22.138 1.00 40.51 ? 43  U   B OP2   1 
ATOM   841  O "O5'" . U   B 2 18 ? 3.791   6.976   -20.711 1.00 40.41 ? 43  U   B "O5'" 1 
ATOM   842  C "C5'" . U   B 2 18 ? 3.271   8.261   -20.398 1.00 35.40 ? 43  U   B "C5'" 1 
ATOM   843  C "C4'" . U   B 2 18 ? 4.014   8.832   -19.214 1.00 38.67 ? 43  U   B "C4'" 1 
ATOM   844  O "O4'" . U   B 2 18 ? 3.807   7.957   -18.073 1.00 39.11 ? 43  U   B "O4'" 1 
ATOM   845  C "C3'" . U   B 2 18 ? 5.527   8.873   -19.370 1.00 41.35 ? 43  U   B "C3'" 1 
ATOM   846  O "O3'" . U   B 2 18 ? 5.950   10.048  -20.051 1.00 44.90 ? 43  U   B "O3'" 1 
ATOM   847  C "C2'" . U   B 2 18 ? 6.002   8.859   -17.924 1.00 41.87 ? 43  U   B "C2'" 1 
ATOM   848  O "O2'" . U   B 2 18 ? 5.957   10.122  -17.296 1.00 44.62 ? 43  U   B "O2'" 1 
ATOM   849  C "C1'" . U   B 2 18 ? 4.983   7.920   -17.280 1.00 42.52 ? 43  U   B "C1'" 1 
ATOM   850  N N1    . U   B 2 18 ? 5.465   6.536   -17.225 1.00 40.58 ? 43  U   B N1    1 
ATOM   851  C C2    . U   B 2 18 ? 6.418   6.238   -16.275 1.00 41.04 ? 43  U   B C2    1 
ATOM   852  O O2    . U   B 2 18 ? 6.869   7.076   -15.506 1.00 43.24 ? 43  U   B O2    1 
ATOM   853  N N3    . U   B 2 18 ? 6.827   4.930   -16.257 1.00 37.80 ? 43  U   B N3    1 
ATOM   854  C C4    . U   B 2 18 ? 6.394   3.912   -17.075 1.00 39.74 ? 43  U   B C4    1 
ATOM   855  O O4    . U   B 2 18 ? 6.877   2.786   -16.943 1.00 39.32 ? 43  U   B O4    1 
ATOM   856  C C5    . U   B 2 18 ? 5.407   4.299   -18.040 1.00 36.85 ? 43  U   B C5    1 
ATOM   857  C C6    . U   B 2 18 ? 4.989   5.568   -18.081 1.00 38.83 ? 43  U   B C6    1 
ATOM   858  P P     . C   B 2 19 ? 7.182   9.968   -21.083 1.00 45.52 ? 44  C   B P     1 
ATOM   859  O OP1   . C   B 2 19 ? 7.063   11.146  -21.978 1.00 51.39 ? 44  C   B OP1   1 
ATOM   860  O OP2   . C   B 2 19 ? 7.217   8.606   -21.672 1.00 46.18 ? 44  C   B OP2   1 
ATOM   861  O "O5'" . C   B 2 19 ? 8.468   10.150  -20.158 1.00 46.45 ? 44  C   B "O5'" 1 
ATOM   862  C "C5'" . C   B 2 19 ? 8.681   11.358  -19.431 1.00 46.08 ? 44  C   B "C5'" 1 
ATOM   863  C "C4'" . C   B 2 19 ? 9.730   11.152  -18.363 1.00 47.46 ? 44  C   B "C4'" 1 
ATOM   864  O "O4'" . C   B 2 19 ? 9.255   10.162  -17.411 1.00 50.42 ? 44  C   B "O4'" 1 
ATOM   865  C "C3'" . C   B 2 19 ? 11.068  10.605  -18.835 1.00 49.60 ? 44  C   B "C3'" 1 
ATOM   866  O "O3'" . C   B 2 19 ? 11.924  11.652  -19.274 1.00 46.91 ? 44  C   B "O3'" 1 
ATOM   867  C "C2'" . C   B 2 19 ? 11.614  9.960   -17.569 1.00 47.61 ? 44  C   B "C2'" 1 
ATOM   868  O "O2'" . C   B 2 19 ? 12.220  10.885  -16.691 1.00 50.62 ? 44  C   B "O2'" 1 
ATOM   869  C "C1'" . C   B 2 19 ? 10.342  9.380   -16.950 1.00 49.14 ? 44  C   B "C1'" 1 
ATOM   870  N N1    . C   B 2 19 ? 10.116  7.983   -17.348 1.00 47.43 ? 44  C   B N1    1 
ATOM   871  C C2    . C   B 2 19 ? 10.862  6.991   -16.727 1.00 49.39 ? 44  C   B C2    1 
ATOM   872  O O2    . C   B 2 19 ? 11.673  7.319   -15.850 1.00 49.66 ? 44  C   B O2    1 
ATOM   873  N N3    . C   B 2 19 ? 10.686  5.699   -17.092 1.00 44.44 ? 44  C   B N3    1 
ATOM   874  C C4    . C   B 2 19 ? 9.799   5.391   -18.038 1.00 43.19 ? 44  C   B C4    1 
ATOM   875  N N4    . C   B 2 19 ? 9.659   4.103   -18.365 1.00 40.23 ? 44  C   B N4    1 
ATOM   876  C C5    . C   B 2 19 ? 9.018   6.385   -18.688 1.00 44.18 ? 44  C   B C5    1 
ATOM   877  C C6    . C   B 2 19 ? 9.206   7.659   -18.315 1.00 45.71 ? 44  C   B C6    1 
ATOM   878  P P     . G   B 2 20 ? 13.097  11.331  -20.323 1.00 48.88 ? 45  G   B P     1 
ATOM   879  O OP1   . G   B 2 20 ? 13.687  12.630  -20.731 1.00 60.62 ? 45  G   B OP1   1 
ATOM   880  O OP2   . G   B 2 20 ? 12.571  10.407  -21.358 1.00 50.30 ? 45  G   B OP2   1 
ATOM   881  O "O5'" . G   B 2 20 ? 14.189  10.547  -19.471 1.00 49.09 ? 45  G   B "O5'" 1 
ATOM   882  C "C5'" . G   B 2 20 ? 14.891  11.191  -18.417 1.00 46.87 ? 45  G   B "C5'" 1 
ATOM   883  C "C4'" . G   B 2 20 ? 15.771  10.200  -17.700 1.00 45.78 ? 45  G   B "C4'" 1 
ATOM   884  O "O4'" . G   B 2 20 ? 14.950  9.226   -17.007 1.00 47.75 ? 45  G   B "O4'" 1 
ATOM   885  C "C3'" . G   B 2 20 ? 16.651  9.354   -18.600 1.00 49.14 ? 45  G   B "C3'" 1 
ATOM   886  O "O3'" . G   B 2 20 ? 17.836  10.041  -18.966 1.00 50.49 ? 45  G   B "O3'" 1 
ATOM   887  C "C2'" . G   B 2 20 ? 16.952  8.161   -17.707 1.00 46.64 ? 45  G   B "C2'" 1 
ATOM   888  O "O2'" . G   B 2 20 ? 17.983  8.418   -16.777 1.00 51.11 ? 45  G   B "O2'" 1 
ATOM   889  C "C1'" . G   B 2 20 ? 15.606  7.964   -17.009 1.00 48.07 ? 45  G   B "C1'" 1 
ATOM   890  N N9    . G   B 2 20 ? 14.769  7.014   -17.731 1.00 46.27 ? 45  G   B N9    1 
ATOM   891  C C8    . G   B 2 20 ? 13.663  7.294   -18.497 1.00 45.25 ? 45  G   B C8    1 
ATOM   892  N N7    . G   B 2 20 ? 13.136  6.233   -19.045 1.00 44.83 ? 45  G   B N7    1 
ATOM   893  C C5    . G   B 2 20 ? 13.937  5.187   -18.607 1.00 48.04 ? 45  G   B C5    1 
ATOM   894  C C6    . G   B 2 20 ? 13.862  3.793   -18.878 1.00 44.98 ? 45  G   B C6    1 
ATOM   895  O O6    . G   B 2 20 ? 13.035  3.181   -19.566 1.00 47.43 ? 45  G   B O6    1 
ATOM   896  N N1    . G   B 2 20 ? 14.885  3.098   -18.246 1.00 45.67 ? 45  G   B N1    1 
ATOM   897  C C2    . G   B 2 20 ? 15.853  3.664   -17.451 1.00 45.67 ? 45  G   B C2    1 
ATOM   898  N N2    . G   B 2 20 ? 16.762  2.826   -16.943 1.00 45.09 ? 45  G   B N2    1 
ATOM   899  N N3    . G   B 2 20 ? 15.925  4.956   -17.181 1.00 46.48 ? 45  G   B N3    1 
ATOM   900  C C4    . G   B 2 20 ? 14.946  5.653   -17.793 1.00 47.00 ? 45  G   B C4    1 
ATOM   901  P P     . C   B 2 21 ? 18.585  9.652   -20.331 1.00 50.71 ? 46  C   B P     1 
ATOM   902  O OP1   . C   B 2 21 ? 19.730  10.586  -20.482 1.00 55.55 ? 46  C   B OP1   1 
ATOM   903  O OP2   . C   B 2 21 ? 17.568  9.557   -21.413 1.00 45.91 ? 46  C   B OP2   1 
ATOM   904  O "O5'" . C   B 2 21 ? 19.162  8.190   -20.053 1.00 52.78 ? 46  C   B "O5'" 1 
ATOM   905  C "C5'" . C   B 2 21 ? 20.132  7.968   -19.031 1.00 50.31 ? 46  C   B "C5'" 1 
ATOM   906  C "C4'" . C   B 2 21 ? 20.382  6.488   -18.859 1.00 50.24 ? 46  C   B "C4'" 1 
ATOM   907  O "O4'" . C   B 2 21 ? 19.142  5.824   -18.502 1.00 53.29 ? 46  C   B "O4'" 1 
ATOM   908  C "C3'" . C   B 2 21 ? 20.841  5.737   -20.099 1.00 52.56 ? 46  C   B "C3'" 1 
ATOM   909  O "O3'" . C   B 2 21 ? 22.214  5.918   -20.456 1.00 61.66 ? 46  C   B "O3'" 1 
ATOM   910  C "C2'" . C   B 2 21 ? 20.478  4.303   -19.750 1.00 54.07 ? 46  C   B "C2'" 1 
ATOM   911  O "O2'" . C   B 2 21 ? 21.414  3.683   -18.891 1.00 55.10 ? 46  C   B "O2'" 1 
ATOM   912  C "C1'" . C   B 2 21 ? 19.143  4.506   -19.030 1.00 52.48 ? 46  C   B "C1'" 1 
ATOM   913  N N1    . C   B 2 21 ? 17.988  4.354   -19.928 1.00 48.40 ? 46  C   B N1    1 
ATOM   914  C C2    . C   B 2 21 ? 17.583  3.064   -20.271 1.00 51.71 ? 46  C   B C2    1 
ATOM   915  O O2    . C   B 2 21 ? 18.209  2.098   -19.803 1.00 53.48 ? 46  C   B O2    1 
ATOM   916  N N3    . C   B 2 21 ? 16.524  2.898   -21.102 1.00 45.92 ? 46  C   B N3    1 
ATOM   917  C C4    . C   B 2 21 ? 15.881  3.961   -21.580 1.00 42.87 ? 46  C   B C4    1 
ATOM   918  N N4    . C   B 2 21 ? 14.845  3.748   -22.385 1.00 43.57 ? 46  C   B N4    1 
ATOM   919  C C5    . C   B 2 21 ? 16.273  5.292   -21.247 1.00 47.44 ? 46  C   B C5    1 
ATOM   920  C C6    . C   B 2 21 ? 17.323  5.441   -20.425 1.00 46.76 ? 46  C   B C6    1 
HETATM 921  C C11   . GET C 3 .  ? -2.418  1.567   14.746  1.00 25.32 ? 101 GET A C11   1 
HETATM 922  O O11   . GET C 3 .  ? -3.026  1.740   16.024  1.00 27.64 ? 101 GET A O11   1 
HETATM 923  C C21   . GET C 3 .  ? -1.103  0.730   14.893  1.00 27.61 ? 101 GET A C21   1 
HETATM 924  N N21   . GET C 3 .  ? -1.388  -0.593  15.466  1.00 29.18 ? 101 GET A N21   1 
HETATM 925  C C31   . GET C 3 .  ? -0.091  1.496   15.776  1.00 28.53 ? 101 GET A C31   1 
HETATM 926  O O31   . GET C 3 .  ? 1.116   0.737   15.891  1.00 28.44 ? 101 GET A O31   1 
HETATM 927  C C41   . GET C 3 .  ? 0.166   2.892   15.147  1.00 31.12 ? 101 GET A C41   1 
HETATM 928  O O41   . GET C 3 .  ? 1.104   3.623   15.967  1.00 33.26 ? 101 GET A O41   1 
HETATM 929  C C51   . GET C 3 .  ? -1.213  3.665   15.042  1.00 27.22 ? 101 GET A C51   1 
HETATM 930  O O51   . GET C 3 .  ? -2.147  2.887   14.215  1.00 29.72 ? 101 GET A O51   1 
HETATM 931  C C61   . GET C 3 .  ? -1.064  5.073   14.395  1.00 29.67 ? 101 GET A C61   1 
HETATM 932  O O61   . GET C 3 .  ? -2.350  5.720   14.344  1.00 31.61 ? 101 GET A O61   1 
HETATM 933  C C71   . GET C 3 .  ? -0.546  4.981   12.976  1.00 31.38 ? 101 GET A C71   1 
HETATM 934  C C12   . GET C 3 .  ? -6.986  1.271   17.538  1.00 29.31 ? 101 GET A C12   1 
HETATM 935  N N12   . GET C 3 .  ? -8.434  1.404   17.732  1.00 28.05 ? 101 GET A N12   1 
HETATM 936  C C22   . GET C 3 .  ? -6.385  2.720   17.538  1.00 28.70 ? 101 GET A C22   1 
HETATM 937  C C32   . GET C 3 .  ? -4.843  2.586   17.364  1.00 28.25 ? 101 GET A C32   1 
HETATM 938  N N32   . GET C 3 .  ? -4.224  3.932   17.337  1.00 26.72 ? 101 GET A N32   1 
HETATM 939  C C42   . GET C 3 .  ? -4.487  1.853   16.051  1.00 26.07 ? 101 GET A C42   1 
HETATM 940  C C52   . GET C 3 .  ? -5.148  0.456   16.034  1.00 27.98 ? 101 GET A C52   1 
HETATM 941  O O52   . GET C 3 .  ? -4.825  -0.182  14.797  1.00 29.73 ? 101 GET A O52   1 
HETATM 942  C C62   . GET C 3 .  ? -6.681  0.572   16.140  1.00 27.31 ? 101 GET A C62   1 
HETATM 943  O O62   . GET C 3 .  ? -7.186  -0.759  16.106  1.00 32.44 ? 101 GET A O62   1 
HETATM 944  C C13   . GET C 3 .  ? -8.423  -0.947  15.380  1.00 32.57 ? 101 GET A C13   1 
HETATM 945  C C23   . GET C 3 .  ? -9.256  -1.947  16.264  1.00 28.34 ? 101 GET A C23   1 
HETATM 946  O O23   . GET C 3 .  ? -9.505  -1.363  17.520  1.00 27.85 ? 101 GET A O23   1 
HETATM 947  C C33   . GET C 3 .  ? -8.448  -3.289  16.424  1.00 37.55 ? 101 GET A C33   1 
HETATM 948  N N33   . GET C 3 .  ? -9.184  -4.259  17.281  1.00 38.93 ? 101 GET A N33   1 
HETATM 949  C C93   . GET C 3 .  ? -8.603  -4.210  18.637  1.00 34.09 ? 101 GET A C93   1 
HETATM 950  C C43   . GET C 3 .  ? -8.203  -3.900  15.008  1.00 37.34 ? 101 GET A C43   1 
HETATM 951  O O43   . GET C 3 .  ? -9.455  -4.195  14.394  1.00 38.54 ? 101 GET A O43   1 
HETATM 952  C C83   . GET C 3 .  ? -7.411  -5.206  15.072  1.00 36.35 ? 101 GET A C83   1 
HETATM 953  C C53   . GET C 3 .  ? -7.427  -2.849  14.138  1.00 35.04 ? 101 GET A C53   1 
HETATM 954  O O53   . GET C 3 .  ? -8.152  -1.550  14.061  1.00 29.55 ? 101 GET A O53   1 
HETATM 955  C C11   . GET D 3 .  ? 2.369   -2.253  -14.055 1.00 34.65 ? 101 GET B C11   1 
HETATM 956  O O11   . GET D 3 .  ? 2.809   -2.258  -15.427 1.00 35.16 ? 101 GET B O11   1 
HETATM 957  C C21   . GET D 3 .  ? 1.950   -3.699  -13.615 1.00 30.06 ? 101 GET B C21   1 
HETATM 958  N N21   . GET D 3 .  ? 3.065   -4.648  -13.770 1.00 28.47 ? 101 GET B N21   1 
HETATM 959  C C31   . GET D 3 .  ? 0.732   -4.169  -14.443 1.00 31.51 ? 101 GET B C31   1 
HETATM 960  O O31   . GET D 3 .  ? 0.335   -5.485  -14.029 1.00 35.61 ? 101 GET B O31   1 
HETATM 961  C C41   . GET D 3 .  ? -0.414  -3.147  -14.263 1.00 33.92 ? 101 GET B C41   1 
HETATM 962  O O41   . GET D 3 .  ? -1.543  -3.578  -15.029 1.00 36.32 ? 101 GET B O41   1 
HETATM 963  C C51   . GET D 3 .  ? 0.091   -1.729  -14.737 1.00 34.14 ? 101 GET B C51   1 
HETATM 964  O O51   . GET D 3 .  ? 1.259   -1.319  -13.944 1.00 32.30 ? 101 GET B O51   1 
HETATM 965  C C61   . GET D 3 .  ? -0.992  -0.628  -14.589 1.00 34.49 ? 101 GET B C61   1 
HETATM 966  O O61   . GET D 3 .  ? -0.439  0.600   -15.047 1.00 36.99 ? 101 GET B O61   1 
HETATM 967  C C71   . GET D 3 .  ? -1.425  -0.432  -13.146 1.00 35.39 ? 101 GET B C71   1 
HETATM 968  C C12   . GET D 3 .  ? 6.156   -0.506  -17.445 1.00 34.90 ? 101 GET B C12   1 
HETATM 969  N N12   . GET D 3 .  ? 7.107   0.453   -18.001 1.00 31.98 ? 101 GET B N12   1 
HETATM 970  C C22   . GET D 3 .  ? 4.728   -0.111  -17.956 1.00 34.26 ? 101 GET B C22   1 
HETATM 971  C C32   . GET D 3 .  ? 3.720   -1.170  -17.384 1.00 36.17 ? 101 GET B C32   1 
HETATM 972  N N32   . GET D 3 .  ? 2.337   -0.860  -17.823 1.00 26.55 ? 101 GET B N32   1 
HETATM 973  C C42   . GET D 3 .  ? 3.750   -1.193  -15.839 1.00 33.06 ? 101 GET B C42   1 
HETATM 974  C C52   . GET D 3 .  ? 5.186   -1.498  -15.364 1.00 31.47 ? 101 GET B C52   1 
HETATM 975  O O52   . GET D 3 .  ? 5.175   -1.472  -13.951 1.00 34.55 ? 101 GET B O52   1 
HETATM 976  C C62   . GET D 3 .  ? 6.201   -0.436  -15.859 1.00 35.23 ? 101 GET B C62   1 
HETATM 977  O O62   . GET D 3 .  ? 7.501   -0.834  -15.382 1.00 34.48 ? 101 GET B O62   1 
HETATM 978  C C13   . GET D 3 .  ? 8.396   0.197   -14.891 1.00 35.47 ? 101 GET B C13   1 
HETATM 979  C C23   . GET D 3 .  ? 9.843   -0.244  -15.369 1.00 36.96 ? 101 GET B C23   1 
HETATM 980  O O23   . GET D 3 .  ? 9.916   -0.269  -16.785 1.00 34.08 ? 101 GET B O23   1 
HETATM 981  C C33   . GET D 3 .  ? 10.150  -1.672  -14.781 1.00 37.75 ? 101 GET B C33   1 
HETATM 982  N N33   . GET D 3 .  ? 11.489  -2.145  -15.215 1.00 38.23 ? 101 GET B N33   1 
HETATM 983  C C93   . GET D 3 .  ? 11.307  -3.068  -16.359 1.00 37.79 ? 101 GET B C93   1 
HETATM 984  C C43   . GET D 3 .  ? 10.077  -1.603  -13.229 1.00 35.24 ? 101 GET B C43   1 
HETATM 985  O O43   . GET D 3 .  ? 11.058  -0.693  -12.772 1.00 39.49 ? 101 GET B O43   1 
HETATM 986  C C83   . GET D 3 .  ? 10.349  -2.962  -12.583 1.00 39.25 ? 101 GET B C83   1 
HETATM 987  C C53   . GET D 3 .  ? 8.664   -1.094  -12.799 1.00 33.59 ? 101 GET B C53   1 
HETATM 988  O O53   . GET D 3 .  ? 8.357   0.217   -13.413 1.00 38.17 ? 101 GET B O53   1 
HETATM 989  O O     . HOH E 4 .  ? -6.902  2.037   -10.607 1.00 42.09 ? 201 HOH A O     1 
HETATM 990  O O     . HOH E 4 .  ? -5.101  -9.176  -4.545  1.00 45.82 ? 202 HOH A O     1 
HETATM 991  O O     . HOH E 4 .  ? -21.717 0.955   20.084  1.00 49.30 ? 203 HOH A O     1 
HETATM 992  O O     . HOH E 4 .  ? 1.961   -0.435  -4.909  1.00 37.95 ? 204 HOH A O     1 
HETATM 993  O O     . HOH E 4 .  ? 7.214   -1.115  11.024  1.00 31.77 ? 205 HOH A O     1 
HETATM 994  O O     . HOH E 4 .  ? -2.763  -0.579  12.115  1.00 41.76 ? 206 HOH A O     1 
HETATM 995  O O     . HOH E 4 .  ? 11.723  1.523   -22.544 1.00 45.45 ? 207 HOH A O     1 
HETATM 996  O O     . HOH E 4 .  ? -5.401  -2.324  -1.071  1.00 43.27 ? 208 HOH A O     1 
HETATM 997  O O     . HOH E 4 .  ? -0.283  -0.732  2.635   1.00 45.86 ? 209 HOH A O     1 
HETATM 998  O O     . HOH E 4 .  ? 4.602   7.443   29.506  1.00 44.81 ? 210 HOH A O     1 
HETATM 999  O O     . HOH E 4 .  ? -2.752  -1.471  -0.266  1.00 45.35 ? 211 HOH A O     1 
HETATM 1000 O O     . HOH E 4 .  ? 3.578   4.650   15.409  1.00 31.04 ? 212 HOH A O     1 
HETATM 1001 O O     . HOH E 4 .  ? -17.254 2.649   20.865  1.00 40.61 ? 213 HOH A O     1 
HETATM 1002 O O     . HOH E 4 .  ? -3.386  -2.359  14.600  1.00 38.22 ? 214 HOH A O     1 
HETATM 1003 O O     . HOH E 4 .  ? 15.887  -8.527  -25.510 1.00 59.02 ? 215 HOH A O     1 
HETATM 1004 O O     . HOH E 4 .  ? -14.796 5.545   10.206  1.00 34.81 ? 216 HOH A O     1 
HETATM 1005 O O     . HOH E 4 .  ? 8.735   -2.781  -33.686 1.00 40.21 ? 217 HOH A O     1 
HETATM 1006 O O     . HOH E 4 .  ? -13.597 1.521   19.908  1.00 44.10 ? 218 HOH A O     1 
HETATM 1007 O O     . HOH E 4 .  ? 1.812   7.547   17.717  1.00 32.98 ? 219 HOH A O     1 
HETATM 1008 O O     . HOH E 4 .  ? 7.053   -5.793  7.961   1.00 33.79 ? 220 HOH A O     1 
HETATM 1009 O O     . HOH E 4 .  ? -7.920  9.469   11.419  1.00 41.58 ? 221 HOH A O     1 
HETATM 1010 O O     . HOH E 4 .  ? -0.570  -10.401 0.016   1.00 49.98 ? 222 HOH A O     1 
HETATM 1011 O O     . HOH E 4 .  ? -0.343  -2.795  12.577  1.00 30.74 ? 223 HOH A O     1 
HETATM 1012 O O     . HOH E 4 .  ? -11.943 4.097   18.837  1.00 36.12 ? 224 HOH A O     1 
HETATM 1013 O O     . HOH E 4 .  ? -12.263 6.792   17.894  1.00 33.91 ? 225 HOH A O     1 
HETATM 1014 O O     . HOH E 4 .  ? -5.636  -3.972  -8.481  1.00 52.81 ? 226 HOH A O     1 
HETATM 1015 O O     . HOH E 4 .  ? -20.277 2.960   18.887  1.00 39.66 ? 227 HOH A O     1 
HETATM 1016 O O     . HOH E 4 .  ? -13.820 10.362  18.209  1.00 41.81 ? 228 HOH A O     1 
HETATM 1017 O O     . HOH E 4 .  ? 1.544   7.217   29.244  1.00 45.33 ? 229 HOH A O     1 
HETATM 1018 O O     . HOH E 4 .  ? -8.573  6.265   18.340  1.00 36.61 ? 230 HOH A O     1 
HETATM 1019 O O     . HOH E 4 .  ? -10.243 8.120   9.872   1.00 33.93 ? 231 HOH A O     1 
HETATM 1020 O O     . HOH E 4 .  ? -4.101  -4.797  4.880   1.00 42.95 ? 232 HOH A O     1 
HETATM 1021 O O     . HOH E 4 .  ? -0.784  -6.767  10.113  1.00 37.43 ? 233 HOH A O     1 
HETATM 1022 O O     . HOH E 4 .  ? -1.955  1.777   20.098  1.00 36.90 ? 234 HOH A O     1 
HETATM 1023 O O     . HOH E 4 .  ? 6.924   2.500   17.785  1.00 25.71 ? 235 HOH A O     1 
HETATM 1024 O O     . HOH E 4 .  ? 10.883  -4.059  -20.485 1.00 43.51 ? 236 HOH A O     1 
HETATM 1025 O O     . HOH E 4 .  ? 5.099   3.783   11.997  1.00 28.29 ? 237 HOH A O     1 
HETATM 1026 O O     . HOH E 4 .  ? 0.439   -2.677  15.952  1.00 34.16 ? 238 HOH A O     1 
HETATM 1027 O O     . HOH E 4 .  ? 2.090   13.853  26.036  1.00 47.70 ? 239 HOH A O     1 
HETATM 1028 O O     . HOH E 4 .  ? -3.332  6.996   11.971  1.00 40.77 ? 240 HOH A O     1 
HETATM 1029 O O     . HOH E 4 .  ? 3.238   6.675   10.841  1.00 31.65 ? 241 HOH A O     1 
HETATM 1030 O O     . HOH E 4 .  ? -2.210  7.238   16.796  1.00 39.50 ? 242 HOH A O     1 
HETATM 1031 O O     . HOH E 4 .  ? -4.563  11.914  20.585  1.00 41.44 ? 243 HOH A O     1 
HETATM 1032 O O     . HOH E 4 .  ? 15.833  -3.130  -26.538 1.00 47.96 ? 244 HOH A O     1 
HETATM 1033 O O     . HOH E 4 .  ? 10.606  -1.349  -20.370 1.00 39.57 ? 245 HOH A O     1 
HETATM 1034 O O     . HOH E 4 .  ? -1.214  4.170   23.743  1.00 37.02 ? 246 HOH A O     1 
HETATM 1035 O O     . HOH E 4 .  ? -1.820  6.972   -12.930 1.00 51.14 ? 247 HOH A O     1 
HETATM 1036 O O     . HOH E 4 .  ? -1.445  -3.911  10.436  1.00 43.73 ? 248 HOH A O     1 
HETATM 1037 O O     . HOH E 4 .  ? -3.797  10.604  23.744  1.00 48.98 ? 249 HOH A O     1 
HETATM 1038 O O     . HOH E 4 .  ? 12.335  -10.248 -18.507 1.00 42.04 ? 250 HOH A O     1 
HETATM 1039 O O     . HOH E 4 .  ? 5.963   -8.426  4.211   1.00 41.37 ? 251 HOH A O     1 
HETATM 1040 O O     . HOH E 4 .  ? -2.223  -0.647  18.410  1.00 27.87 ? 252 HOH A O     1 
HETATM 1041 O O     . HOH E 4 .  ? 8.549   -5.070  -29.534 1.00 48.68 ? 253 HOH A O     1 
HETATM 1042 O O     . HOH E 4 .  ? -2.966  -3.123  2.831   1.00 39.61 ? 254 HOH A O     1 
HETATM 1043 O O     . HOH E 4 .  ? -4.898  -6.805  -8.294  1.00 39.99 ? 255 HOH A O     1 
HETATM 1044 O O     . HOH E 4 .  ? -1.691  -10.438 12.023  1.00 53.35 ? 256 HOH A O     1 
HETATM 1045 O O     . HOH E 4 .  ? -15.575 5.601   18.758  1.00 44.77 ? 257 HOH A O     1 
HETATM 1046 O O     . HOH E 4 .  ? 7.626   -10.582 9.561   1.00 62.05 ? 258 HOH A O     1 
HETATM 1047 O O     . HOH E 4 .  ? -11.033 1.511   19.815  1.00 34.26 ? 259 HOH A O     1 
HETATM 1048 O O     . HOH E 4 .  ? 7.703   -1.274  18.563  1.00 37.54 ? 260 HOH A O     1 
HETATM 1049 O O     . HOH E 4 .  ? 18.949  -6.015  -13.800 1.00 45.56 ? 261 HOH A O     1 
HETATM 1050 O O     . HOH E 4 .  ? -3.217  12.494  16.439  1.00 43.16 ? 262 HOH A O     1 
HETATM 1051 O O     . HOH E 4 .  ? -4.102  5.735   -13.412 1.00 48.63 ? 263 HOH A O     1 
HETATM 1052 O O     . HOH E 4 .  ? 6.922   3.118   20.435  1.00 39.28 ? 264 HOH A O     1 
HETATM 1053 O O     . HOH E 4 .  ? -6.755  3.041   -0.404  1.00 53.14 ? 265 HOH A O     1 
HETATM 1054 O O     . HOH E 4 .  ? -1.404  -4.178  17.031  1.00 36.78 ? 266 HOH A O     1 
HETATM 1055 O O     . HOH E 4 .  ? 1.062   -12.351 1.478   1.00 49.55 ? 267 HOH A O     1 
HETATM 1056 O O     . HOH E 4 .  ? -2.017  0.796   -1.268  1.00 46.07 ? 268 HOH A O     1 
HETATM 1057 O O     . HOH E 4 .  ? 4.185   6.134   18.034  0.65 32.10 ? 269 HOH A O     1 
HETATM 1058 O O     . HOH E 4 .  ? -16.156 9.828   20.236  1.00 51.20 ? 270 HOH A O     1 
HETATM 1059 O O     . HOH E 4 .  ? -4.490  9.131   10.954  1.00 44.93 ? 271 HOH A O     1 
HETATM 1060 O O     . HOH E 4 .  ? -19.417 3.807   21.208  1.00 46.84 ? 272 HOH A O     1 
HETATM 1061 O O     . HOH E 4 .  ? 8.384   -0.916  -5.935  1.00 49.60 ? 273 HOH A O     1 
HETATM 1062 O O     . HOH E 4 .  ? -23.179 3.392   11.472  1.00 47.00 ? 274 HOH A O     1 
HETATM 1063 O O     . HOH E 4 .  ? -1.092  -7.871  16.786  1.00 51.12 ? 275 HOH A O     1 
HETATM 1064 O O     . HOH E 4 .  ? 8.074   -14.337 4.957   1.00 48.56 ? 276 HOH A O     1 
HETATM 1065 O O     . HOH F 4 .  ? -2.473  -9.559  -7.984  1.00 41.85 ? 201 HOH B O     1 
HETATM 1066 O O     . HOH F 4 .  ? 8.294   -1.818  -3.312  1.00 47.87 ? 202 HOH B O     1 
HETATM 1067 O O     . HOH F 4 .  ? 5.700   -9.337  0.157   1.00 44.34 ? 203 HOH B O     1 
HETATM 1068 O O     . HOH F 4 .  ? -6.576  -2.393  24.988  1.00 49.80 ? 204 HOH B O     1 
HETATM 1069 O O     . HOH F 4 .  ? -16.657 -0.439  7.593   1.00 29.55 ? 205 HOH B O     1 
HETATM 1070 O O     . HOH F 4 .  ? -3.898  -3.157  -14.289 1.00 38.42 ? 206 HOH B O     1 
HETATM 1071 O O     . HOH F 4 .  ? 3.296   -5.698  -10.776 1.00 42.34 ? 207 HOH B O     1 
HETATM 1072 O O     . HOH F 4 .  ? -1.088  0.441   5.636   1.00 35.59 ? 208 HOH B O     1 
HETATM 1073 O O     . HOH F 4 .  ? -5.152  -0.888  28.289  1.00 52.28 ? 209 HOH B O     1 
HETATM 1074 O O     . HOH F 4 .  ? 12.393  9.522   -14.529 1.00 52.25 ? 210 HOH B O     1 
HETATM 1075 O O     . HOH F 4 .  ? 6.807   0.350   -20.601 1.00 46.78 ? 211 HOH B O     1 
HETATM 1076 O O     . HOH F 4 .  ? 10.641  -0.196  6.429   1.00 37.18 ? 212 HOH B O     1 
HETATM 1077 O O     . HOH F 4 .  ? -1.240  -0.186  -17.861 1.00 38.42 ? 213 HOH B O     1 
HETATM 1078 O O     . HOH F 4 .  ? 6.222   -13.244 -5.851  1.00 59.61 ? 214 HOH B O     1 
HETATM 1079 O O     . HOH F 4 .  ? 5.617   -3.928  -13.029 1.00 29.92 ? 215 HOH B O     1 
HETATM 1080 O O     . HOH F 4 .  ? -12.316 5.606   8.567   1.00 35.57 ? 216 HOH B O     1 
HETATM 1081 O O     . HOH F 4 .  ? 13.284  5.677   -23.354 1.00 41.42 ? 217 HOH B O     1 
HETATM 1082 O O     . HOH F 4 .  ? 6.048   4.833   9.078   1.00 28.80 ? 218 HOH B O     1 
HETATM 1083 O O     . HOH F 4 .  ? 5.079   -2.741  -7.203  1.00 46.50 ? 219 HOH B O     1 
HETATM 1084 O O     . HOH F 4 .  ? -14.231 2.927   10.706  1.00 32.38 ? 220 HOH B O     1 
HETATM 1085 O O     . HOH F 4 .  ? 6.593   9.503   -14.266 1.00 53.72 ? 221 HOH B O     1 
HETATM 1086 O O     . HOH F 4 .  ? 4.241   -2.026  -20.854 1.00 35.80 ? 222 HOH B O     1 
HETATM 1087 O O     . HOH F 4 .  ? 19.725  0.745   -17.956 1.00 49.41 ? 223 HOH B O     1 
HETATM 1088 O O     . HOH F 4 .  ? 0.085   7.955   10.428  1.00 40.89 ? 224 HOH B O     1 
HETATM 1089 O O     . HOH F 4 .  ? -10.720 -6.587  7.592   1.00 55.28 ? 225 HOH B O     1 
HETATM 1090 O O     . HOH F 4 .  ? 6.579   9.205   6.788   1.00 32.15 ? 226 HOH B O     1 
HETATM 1091 O O     . HOH F 4 .  ? -15.025 -3.739  5.977   1.00 38.27 ? 227 HOH B O     1 
HETATM 1092 O O     . HOH F 4 .  ? 1.931   4.525   2.816   1.00 33.26 ? 228 HOH B O     1 
HETATM 1093 O O     . HOH F 4 .  ? -13.928 -7.928  23.449  1.00 46.84 ? 229 HOH B O     1 
HETATM 1094 O O     . HOH F 4 .  ? 4.979   2.580   -20.933 1.00 41.50 ? 230 HOH B O     1 
HETATM 1095 O O     . HOH F 4 .  ? 5.184   3.657   1.460   1.00 31.00 ? 231 HOH B O     1 
HETATM 1096 O O     . HOH F 4 .  ? -10.314 -1.254  -18.722 1.00 51.19 ? 232 HOH B O     1 
HETATM 1097 O O     . HOH F 4 .  ? 8.340   -5.536  4.295   1.00 39.77 ? 233 HOH B O     1 
HETATM 1098 O O     . HOH F 4 .  ? -16.504 -7.903  17.350  1.00 45.92 ? 234 HOH B O     1 
HETATM 1099 O O     . HOH F 4 .  ? 7.335   1.570   -1.078  1.00 42.59 ? 235 HOH B O     1 
HETATM 1100 O O     . HOH F 4 .  ? 0.471   -13.616 -11.413 1.00 47.39 ? 236 HOH B O     1 
HETATM 1101 O O     . HOH F 4 .  ? 2.816   -10.479 1.004   1.00 46.17 ? 237 HOH B O     1 
HETATM 1102 O O     . HOH F 4 .  ? 3.320   -7.604  -14.083 1.00 37.91 ? 238 HOH B O     1 
HETATM 1103 O O     . HOH F 4 .  ? 5.072   -0.833  -1.699  1.00 42.23 ? 239 HOH B O     1 
HETATM 1104 O O     . HOH F 4 .  ? -0.941  3.296   4.224   1.00 38.07 ? 240 HOH B O     1 
HETATM 1105 O O     . HOH F 4 .  ? 13.138  3.415   2.265   1.00 37.33 ? 241 HOH B O     1 
HETATM 1106 O O     . HOH F 4 .  ? -5.727  2.038   4.958   1.00 34.72 ? 242 HOH B O     1 
HETATM 1107 O O     . HOH F 4 .  ? -9.251  -3.315  10.658  1.00 34.14 ? 243 HOH B O     1 
HETATM 1108 O O     . HOH F 4 .  ? 22.784  4.385   -23.010 1.00 50.29 ? 244 HOH B O     1 
HETATM 1109 O O     . HOH F 4 .  ? 3.543   3.393   -24.647 1.00 41.02 ? 245 HOH B O     1 
HETATM 1110 O O     . HOH F 4 .  ? -6.170  -1.804  -11.326 1.00 49.75 ? 246 HOH B O     1 
HETATM 1111 O O     . HOH F 4 .  ? -9.555  -10.263 25.090  1.00 50.40 ? 247 HOH B O     1 
HETATM 1112 O O     . HOH F 4 .  ? 9.592   0.855   -19.888 1.00 39.11 ? 248 HOH B O     1 
HETATM 1113 O O     . HOH F 4 .  ? 7.928   2.802   -20.663 1.00 44.87 ? 249 HOH B O     1 
HETATM 1114 O O     . HOH F 4 .  ? 16.233  12.268  -22.573 1.00 48.61 ? 250 HOH B O     1 
HETATM 1115 O O     . HOH F 4 .  ? -10.394 -3.957  -19.193 1.00 48.72 ? 251 HOH B O     1 
HETATM 1116 O O     . HOH F 4 .  ? -11.613 -12.524 17.890  1.00 50.16 ? 252 HOH B O     1 
HETATM 1117 O O     . HOH F 4 .  ? 7.201   2.100   11.667  0.38 30.45 ? 253 HOH B O     1 
HETATM 1118 O O     . HOH F 4 .  ? -6.379  -2.008  3.752   1.00 52.82 ? 254 HOH B O     1 
HETATM 1119 O O     . HOH F 4 .  ? 10.363  -8.093  -8.405  1.00 51.92 ? 255 HOH B O     1 
HETATM 1120 O O     . HOH F 4 .  ? 7.856   -3.332  -18.244 1.00 45.82 ? 256 HOH B O     1 
HETATM 1121 O O     . HOH F 4 .  ? 7.729   -4.722  -14.862 1.00 43.73 ? 257 HOH B O     1 
HETATM 1122 O O     . HOH F 4 .  ? -4.495  -1.324  24.401  1.00 56.36 ? 258 HOH B O     1 
HETATM 1123 O O     . HOH F 4 .  ? 9.367   -12.481 -4.379  1.00 47.85 ? 259 HOH B O     1 
HETATM 1124 O O     . HOH F 4 .  ? 5.841   -7.714  -14.742 1.00 47.33 ? 260 HOH B O     1 
HETATM 1125 O O     . HOH F 4 .  ? -6.632  10.807  3.818   1.00 47.11 ? 261 HOH B O     1 
HETATM 1126 O O     . HOH F 4 .  ? -13.421 -11.218 13.228  1.00 50.38 ? 262 HOH B O     1 
HETATM 1127 O O     . HOH F 4 .  ? 2.712   5.158   -1.485  1.00 53.82 ? 263 HOH B O     1 
HETATM 1128 O O     . HOH F 4 .  ? 14.387  3.720   -1.631  1.00 51.93 ? 264 HOH B O     1 
HETATM 1129 O O     . HOH F 4 .  ? -10.778 -12.272 22.093  1.00 48.29 ? 265 HOH B O     1 
HETATM 1130 O O     . HOH F 4 .  ? -3.166  1.000   23.866  1.00 53.58 ? 266 HOH B O     1 
# 
loop_
_pdbx_poly_seq_scheme.asym_id 
_pdbx_poly_seq_scheme.entity_id 
_pdbx_poly_seq_scheme.seq_id 
_pdbx_poly_seq_scheme.mon_id 
_pdbx_poly_seq_scheme.ndb_seq_num 
_pdbx_poly_seq_scheme.pdb_seq_num 
_pdbx_poly_seq_scheme.auth_seq_num 
_pdbx_poly_seq_scheme.pdb_mon_id 
_pdbx_poly_seq_scheme.auth_mon_id 
_pdbx_poly_seq_scheme.pdb_strand_id 
_pdbx_poly_seq_scheme.pdb_ins_code 
_pdbx_poly_seq_scheme.hetero 
A 1 1  U   1  2  2  U   U   A . n 
A 1 2  G   2  3  3  G   G   A . n 
A 1 3  C   3  4  4  C   C   A . n 
A 1 4  G   4  5  5  G   G   A . n 
A 1 5  U   5  6  6  U   U   A . n 
A 1 6  C   6  7  7  C   C   A . n 
A 1 7  1MA 7  8  8  1MA 1MA A . n 
A 1 8  C   8  9  9  C   C   A . n 
A 1 9  G   9  10 10 G   G   A . n 
A 1 10 U   10 11 11 U   U   A . n 
A 1 11 C   11 12 12 C   C   A . n 
A 1 12 G   12 13 13 G   G   A . n 
A 1 13 A   13 14 14 A   A   A . n 
A 1 14 C   14 15 15 C   C   A . n 
A 1 15 G   15 16 16 G   G   A . n 
A 1 16 A   16 17 17 A   A   A . n 
A 1 17 A   17 18 18 A   A   A . n 
A 1 18 G   18 19 19 G   G   A . n 
A 1 19 U   19 20 20 U   U   A . n 
A 1 20 C   20 21 21 C   C   A . n 
A 1 21 G   21 22 22 G   G   A . n 
A 1 22 C   22 23 23 C   C   A . n 
B 2 1  G   1  26 26 G   G   B . n 
B 2 2  C   2  27 27 C   C   B . n 
B 2 3  G   3  28 28 G   G   B . n 
B 2 4  U   4  29 29 U   U   B . n 
B 2 5  C   5  30 30 C   C   B . n 
B 2 6  1MA 6  31 31 1MA 1MA B . n 
B 2 7  C   7  32 32 C   C   B . n 
B 2 8  G   8  33 33 G   G   B . n 
B 2 9  U   9  34 34 U   U   B . n 
B 2 10 C   10 35 35 C   C   B . n 
B 2 11 G   11 36 36 G   G   B . n 
B 2 12 A   12 37 37 A   A   B . n 
B 2 13 C   13 38 38 C   C   B . n 
B 2 14 G   14 39 39 G   G   B . n 
B 2 15 A   15 40 40 A   A   B . n 
B 2 16 A   16 41 41 A   A   B . n 
B 2 17 G   17 42 42 G   G   B . n 
B 2 18 U   18 43 43 U   U   B . n 
B 2 19 C   19 44 44 C   C   B . n 
B 2 20 G   20 45 45 G   G   B . n 
B 2 21 C   21 46 46 C   C   B . n 
# 
loop_
_pdbx_nonpoly_scheme.asym_id 
_pdbx_nonpoly_scheme.entity_id 
_pdbx_nonpoly_scheme.mon_id 
_pdbx_nonpoly_scheme.ndb_seq_num 
_pdbx_nonpoly_scheme.pdb_seq_num 
_pdbx_nonpoly_scheme.auth_seq_num 
_pdbx_nonpoly_scheme.pdb_mon_id 
_pdbx_nonpoly_scheme.auth_mon_id 
_pdbx_nonpoly_scheme.pdb_strand_id 
_pdbx_nonpoly_scheme.pdb_ins_code 
C 3 GET 1  101 101 GET GET A . 
D 3 GET 1  101 101 GET GET B . 
E 4 HOH 1  201 265 HOH HOH A . 
E 4 HOH 2  202 255 HOH HOH A . 
E 4 HOH 3  203 201 HOH HOH A . 
E 4 HOH 4  204 254 HOH HOH A . 
E 4 HOH 5  205 202 HOH HOH A . 
E 4 HOH 6  206 269 HOH HOH A . 
E 4 HOH 7  207 203 HOH HOH A . 
E 4 HOH 8  208 246 HOH HOH A . 
E 4 HOH 9  209 274 HOH HOH A . 
E 4 HOH 10 210 204 HOH HOH A . 
E 4 HOH 11 211 270 HOH HOH A . 
E 4 HOH 12 212 205 HOH HOH A . 
E 4 HOH 13 213 206 HOH HOH A . 
E 4 HOH 14 214 239 HOH HOH A . 
E 4 HOH 15 215 235 HOH HOH A . 
E 4 HOH 16 216 207 HOH HOH A . 
E 4 HOH 17 217 208 HOH HOH A . 
E 4 HOH 18 218 267 HOH HOH A . 
E 4 HOH 19 219 209 HOH HOH A . 
E 4 HOH 20 220 210 HOH HOH A . 
E 4 HOH 21 221 211 HOH HOH A . 
E 4 HOH 22 222 247 HOH HOH A . 
E 4 HOH 23 223 244 HOH HOH A . 
E 4 HOH 24 224 262 HOH HOH A . 
E 4 HOH 25 225 242 HOH HOH A . 
E 4 HOH 26 226 245 HOH HOH A . 
E 4 HOH 27 227 252 HOH HOH A . 
E 4 HOH 28 228 271 HOH HOH A . 
E 4 HOH 29 229 212 HOH HOH A . 
E 4 HOH 30 230 243 HOH HOH A . 
E 4 HOH 31 231 213 HOH HOH A . 
E 4 HOH 32 232 273 HOH HOH A . 
E 4 HOH 33 233 249 HOH HOH A . 
E 4 HOH 34 234 264 HOH HOH A . 
E 4 HOH 35 235 214 HOH HOH A . 
E 4 HOH 36 236 272 HOH HOH A . 
E 4 HOH 37 237 215 HOH HOH A . 
E 4 HOH 38 238 250 HOH HOH A . 
E 4 HOH 39 239 216 HOH HOH A . 
E 4 HOH 40 240 261 HOH HOH A . 
E 4 HOH 41 241 217 HOH HOH A . 
E 4 HOH 42 242 218 HOH HOH A . 
E 4 HOH 43 243 219 HOH HOH A . 
E 4 HOH 44 244 220 HOH HOH A . 
E 4 HOH 45 245 236 HOH HOH A . 
E 4 HOH 46 246 221 HOH HOH A . 
E 4 HOH 47 247 259 HOH HOH A . 
E 4 HOH 48 248 275 HOH HOH A . 
E 4 HOH 49 249 222 HOH HOH A . 
E 4 HOH 50 250 223 HOH HOH A . 
E 4 HOH 51 251 258 HOH HOH A . 
E 4 HOH 52 252 238 HOH HOH A . 
E 4 HOH 53 253 276 HOH HOH A . 
E 4 HOH 54 254 260 HOH HOH A . 
E 4 HOH 55 255 237 HOH HOH A . 
E 4 HOH 56 256 256 HOH HOH A . 
E 4 HOH 57 257 251 HOH HOH A . 
E 4 HOH 58 258 224 HOH HOH A . 
E 4 HOH 59 259 263 HOH HOH A . 
E 4 HOH 60 260 225 HOH HOH A . 
E 4 HOH 61 261 226 HOH HOH A . 
E 4 HOH 62 262 227 HOH HOH A . 
E 4 HOH 63 263 228 HOH HOH A . 
E 4 HOH 64 264 229 HOH HOH A . 
E 4 HOH 65 265 240 HOH HOH A . 
E 4 HOH 66 266 268 HOH HOH A . 
E 4 HOH 67 267 248 HOH HOH A . 
E 4 HOH 68 268 241 HOH HOH A . 
E 4 HOH 69 269 230 HOH HOH A . 
E 4 HOH 70 270 231 HOH HOH A . 
E 4 HOH 71 271 232 HOH HOH A . 
E 4 HOH 72 272 233 HOH HOH A . 
E 4 HOH 73 273 253 HOH HOH A . 
E 4 HOH 74 274 234 HOH HOH A . 
E 4 HOH 75 275 257 HOH HOH A . 
E 4 HOH 76 276 266 HOH HOH A . 
F 4 HOH 1  201 255 HOH HOH B . 
F 4 HOH 2  202 264 HOH HOH B . 
F 4 HOH 3  203 259 HOH HOH B . 
F 4 HOH 4  204 258 HOH HOH B . 
F 4 HOH 5  205 201 HOH HOH B . 
F 4 HOH 6  206 234 HOH HOH B . 
F 4 HOH 7  207 263 HOH HOH B . 
F 4 HOH 8  208 231 HOH HOH B . 
F 4 HOH 9  209 202 HOH HOH B . 
F 4 HOH 10 210 233 HOH HOH B . 
F 4 HOH 11 211 248 HOH HOH B . 
F 4 HOH 12 212 203 HOH HOH B . 
F 4 HOH 13 213 204 HOH HOH B . 
F 4 HOH 14 214 228 HOH HOH B . 
F 4 HOH 15 215 227 HOH HOH B . 
F 4 HOH 16 216 205 HOH HOH B . 
F 4 HOH 17 217 206 HOH HOH B . 
F 4 HOH 18 218 207 HOH HOH B . 
F 4 HOH 19 219 243 HOH HOH B . 
F 4 HOH 20 220 208 HOH HOH B . 
F 4 HOH 21 221 245 HOH HOH B . 
F 4 HOH 22 222 230 HOH HOH B . 
F 4 HOH 23 223 209 HOH HOH B . 
F 4 HOH 24 224 252 HOH HOH B . 
F 4 HOH 25 225 249 HOH HOH B . 
F 4 HOH 26 226 210 HOH HOH B . 
F 4 HOH 27 227 211 HOH HOH B . 
F 4 HOH 28 228 239 HOH HOH B . 
F 4 HOH 29 229 212 HOH HOH B . 
F 4 HOH 30 230 247 HOH HOH B . 
F 4 HOH 31 231 238 HOH HOH B . 
F 4 HOH 32 232 213 HOH HOH B . 
F 4 HOH 33 233 214 HOH HOH B . 
F 4 HOH 34 234 215 HOH HOH B . 
F 4 HOH 35 235 242 HOH HOH B . 
F 4 HOH 36 236 216 HOH HOH B . 
F 4 HOH 37 237 241 HOH HOH B . 
F 4 HOH 38 238 254 HOH HOH B . 
F 4 HOH 39 239 261 HOH HOH B . 
F 4 HOH 40 240 240 HOH HOH B . 
F 4 HOH 41 241 217 HOH HOH B . 
F 4 HOH 42 242 236 HOH HOH B . 
F 4 HOH 43 243 229 HOH HOH B . 
F 4 HOH 44 244 218 HOH HOH B . 
F 4 HOH 45 245 219 HOH HOH B . 
F 4 HOH 46 246 262 HOH HOH B . 
F 4 HOH 47 247 265 HOH HOH B . 
F 4 HOH 48 248 260 HOH HOH B . 
F 4 HOH 49 249 232 HOH HOH B . 
F 4 HOH 50 250 220 HOH HOH B . 
F 4 HOH 51 251 221 HOH HOH B . 
F 4 HOH 52 252 222 HOH HOH B . 
F 4 HOH 53 253 223 HOH HOH B . 
F 4 HOH 54 254 235 HOH HOH B . 
F 4 HOH 55 255 244 HOH HOH B . 
F 4 HOH 56 256 246 HOH HOH B . 
F 4 HOH 57 257 266 HOH HOH B . 
F 4 HOH 58 258 224 HOH HOH B . 
F 4 HOH 59 259 256 HOH HOH B . 
F 4 HOH 60 260 253 HOH HOH B . 
F 4 HOH 61 261 237 HOH HOH B . 
F 4 HOH 62 262 251 HOH HOH B . 
F 4 HOH 63 263 250 HOH HOH B . 
F 4 HOH 64 264 226 HOH HOH B . 
F 4 HOH 65 265 225 HOH HOH B . 
F 4 HOH 66 266 257 HOH HOH B . 
# 
_pdbx_struct_assembly.id                   1 
_pdbx_struct_assembly.details              author_and_software_defined_assembly 
_pdbx_struct_assembly.method_details       PISA 
_pdbx_struct_assembly.oligomeric_details   dimeric 
_pdbx_struct_assembly.oligomeric_count     2 
# 
_pdbx_struct_assembly_gen.assembly_id       1 
_pdbx_struct_assembly_gen.oper_expression   1 
_pdbx_struct_assembly_gen.asym_id_list      A,B,C,D,E,F 
# 
loop_
_pdbx_struct_assembly_prop.biol_id 
_pdbx_struct_assembly_prop.type 
_pdbx_struct_assembly_prop.value 
_pdbx_struct_assembly_prop.details 
1 'ABSA (A^2)' 5170 ? 
1 MORE         -46  ? 
1 'SSA (A^2)'  7720 ? 
# 
_pdbx_struct_oper_list.id                   1 
_pdbx_struct_oper_list.type                 'identity operation' 
_pdbx_struct_oper_list.name                 1_555 
_pdbx_struct_oper_list.symmetry_operation   x,y,z 
_pdbx_struct_oper_list.matrix[1][1]         1.0000000000 
_pdbx_struct_oper_list.matrix[1][2]         0.0000000000 
_pdbx_struct_oper_list.matrix[1][3]         0.0000000000 
_pdbx_struct_oper_list.vector[1]            0.0000000000 
_pdbx_struct_oper_list.matrix[2][1]         0.0000000000 
_pdbx_struct_oper_list.matrix[2][2]         1.0000000000 
_pdbx_struct_oper_list.matrix[2][3]         0.0000000000 
_pdbx_struct_oper_list.vector[2]            0.0000000000 
_pdbx_struct_oper_list.matrix[3][1]         0.0000000000 
_pdbx_struct_oper_list.matrix[3][2]         0.0000000000 
_pdbx_struct_oper_list.matrix[3][3]         1.0000000000 
_pdbx_struct_oper_list.vector[3]            0.0000000000 
# 
loop_
_pdbx_struct_special_symmetry.id 
_pdbx_struct_special_symmetry.PDB_model_num 
_pdbx_struct_special_symmetry.auth_asym_id 
_pdbx_struct_special_symmetry.auth_comp_id 
_pdbx_struct_special_symmetry.auth_seq_id 
_pdbx_struct_special_symmetry.PDB_ins_code 
_pdbx_struct_special_symmetry.label_asym_id 
_pdbx_struct_special_symmetry.label_comp_id 
_pdbx_struct_special_symmetry.label_seq_id 
1 1 A HOH 269 ? E HOH . 
2 1 B HOH 253 ? F HOH . 
# 
loop_
_pdbx_audit_revision_history.ordinal 
_pdbx_audit_revision_history.data_content_type 
_pdbx_audit_revision_history.major_revision 
_pdbx_audit_revision_history.minor_revision 
_pdbx_audit_revision_history.revision_date 
1 'Structure model' 1 0 2018-03-21 
2 'Structure model' 1 1 2023-11-22 
# 
_pdbx_audit_revision_details.ordinal             1 
_pdbx_audit_revision_details.revision_ordinal    1 
_pdbx_audit_revision_details.data_content_type   'Structure model' 
_pdbx_audit_revision_details.provider            repository 
_pdbx_audit_revision_details.type                'Initial release' 
_pdbx_audit_revision_details.description         ? 
_pdbx_audit_revision_details.details             ? 
# 
loop_
_pdbx_audit_revision_group.ordinal 
_pdbx_audit_revision_group.revision_ordinal 
_pdbx_audit_revision_group.data_content_type 
_pdbx_audit_revision_group.group 
1 2 'Structure model' 'Data collection'        
2 2 'Structure model' 'Database references'    
3 2 'Structure model' 'Refinement description' 
# 
loop_
_pdbx_audit_revision_category.ordinal 
_pdbx_audit_revision_category.revision_ordinal 
_pdbx_audit_revision_category.data_content_type 
_pdbx_audit_revision_category.category 
1 2 'Structure model' chem_comp_atom                
2 2 'Structure model' chem_comp_bond                
3 2 'Structure model' database_2                    
4 2 'Structure model' pdbx_initial_refinement_model 
# 
loop_
_pdbx_audit_revision_item.ordinal 
_pdbx_audit_revision_item.revision_ordinal 
_pdbx_audit_revision_item.data_content_type 
_pdbx_audit_revision_item.item 
1 2 'Structure model' '_database_2.pdbx_DOI'                
2 2 'Structure model' '_database_2.pdbx_database_accession' 
# 
loop_
_software.citation_id 
_software.classification 
_software.compiler_name 
_software.compiler_version 
_software.contact_author 
_software.contact_author_email 
_software.date 
_software.description 
_software.dependencies 
_software.hardware 
_software.language 
_software.location 
_software.mods 
_software.name 
_software.os 
_software.os_version 
_software.type 
_software.version 
_software.pdbx_ordinal 
? refinement        ? ? ? ? ? ? ? ? ? ? ? PHENIX       ? ? ? 1.8.3_1479 1 
? 'data extraction' ? ? ? ? ? ? ? ? ? ? ? PDB_EXTRACT  ? ? ? 3.22       2 
? 'data scaling'    ? ? ? ? ? ? ? ? ? ? ? CrystalClear ? ? ? .          3 
? phasing           ? ? ? ? ? ? ? ? ? ? ? PHENIX       ? ? ? .          4 
? 'model building'  ? ? ? ? ? ? ? ? ? ? ? Coot         ? ? ? .          5 
? 'data reduction'  ? ? ? ? ? ? ? ? ? ? ? d*TREK       ? ? ? .          6 
? 'data scaling'    ? ? ? ? ? ? ? ? ? ? ? d*TREK       ? ? ? .          7 
? phasing           ? ? ? ? ? ? ? ? ? ? ? PHASER       ? ? ? .          8 
# 
loop_
_pdbx_distant_solvent_atoms.id 
_pdbx_distant_solvent_atoms.PDB_model_num 
_pdbx_distant_solvent_atoms.auth_atom_id 
_pdbx_distant_solvent_atoms.label_alt_id 
_pdbx_distant_solvent_atoms.auth_asym_id 
_pdbx_distant_solvent_atoms.auth_comp_id 
_pdbx_distant_solvent_atoms.auth_seq_id 
_pdbx_distant_solvent_atoms.PDB_ins_code 
_pdbx_distant_solvent_atoms.neighbor_macromolecule_distance 
_pdbx_distant_solvent_atoms.neighbor_ligand_distance 
1 1 O ? A HOH 276 ? 7.74 . 
2 1 O ? B HOH 266 ? 5.93 . 
# 
loop_
_chem_comp_atom.comp_id 
_chem_comp_atom.atom_id 
_chem_comp_atom.type_symbol 
_chem_comp_atom.pdbx_aromatic_flag 
_chem_comp_atom.pdbx_stereo_config 
_chem_comp_atom.pdbx_ordinal 
1MA P      P N N 1   
1MA OP1    O N N 2   
1MA OP2    O N N 3   
1MA OP3    O N N 4   
1MA "O5'"  O N N 5   
1MA "C5'"  C N N 6   
1MA "C4'"  C N R 7   
1MA "O4'"  O N N 8   
1MA "C3'"  C N S 9   
1MA "O3'"  O N N 10  
1MA "C2'"  C N R 11  
1MA "O2'"  O N N 12  
1MA "C1'"  C N R 13  
1MA N9     N Y N 14  
1MA C8     C Y N 15  
1MA N7     N Y N 16  
1MA C5     C Y N 17  
1MA C6     C N N 18  
1MA N6     N N N 19  
1MA N1     N N N 20  
1MA CM1    C N N 21  
1MA C2     C N N 22  
1MA N3     N N N 23  
1MA C4     C Y N 24  
1MA HOP2   H N N 25  
1MA HOP3   H N N 26  
1MA "H5'"  H N N 27  
1MA "H5''" H N N 28  
1MA "H4'"  H N N 29  
1MA "H3'"  H N N 30  
1MA "HO3'" H N N 31  
1MA "H2'"  H N N 32  
1MA "HO2'" H N N 33  
1MA "H1'"  H N N 34  
1MA H8     H N N 35  
1MA HN61   H N N 36  
1MA HM11   H N N 37  
1MA HM12   H N N 38  
1MA HM13   H N N 39  
1MA H2     H N N 40  
A   OP3    O N N 41  
A   P      P N N 42  
A   OP1    O N N 43  
A   OP2    O N N 44  
A   "O5'"  O N N 45  
A   "C5'"  C N N 46  
A   "C4'"  C N R 47  
A   "O4'"  O N N 48  
A   "C3'"  C N S 49  
A   "O3'"  O N N 50  
A   "C2'"  C N R 51  
A   "O2'"  O N N 52  
A   "C1'"  C N R 53  
A   N9     N Y N 54  
A   C8     C Y N 55  
A   N7     N Y N 56  
A   C5     C Y N 57  
A   C6     C Y N 58  
A   N6     N N N 59  
A   N1     N Y N 60  
A   C2     C Y N 61  
A   N3     N Y N 62  
A   C4     C Y N 63  
A   HOP3   H N N 64  
A   HOP2   H N N 65  
A   "H5'"  H N N 66  
A   "H5''" H N N 67  
A   "H4'"  H N N 68  
A   "H3'"  H N N 69  
A   "HO3'" H N N 70  
A   "H2'"  H N N 71  
A   "HO2'" H N N 72  
A   "H1'"  H N N 73  
A   H8     H N N 74  
A   H61    H N N 75  
A   H62    H N N 76  
A   H2     H N N 77  
C   OP3    O N N 78  
C   P      P N N 79  
C   OP1    O N N 80  
C   OP2    O N N 81  
C   "O5'"  O N N 82  
C   "C5'"  C N N 83  
C   "C4'"  C N R 84  
C   "O4'"  O N N 85  
C   "C3'"  C N S 86  
C   "O3'"  O N N 87  
C   "C2'"  C N R 88  
C   "O2'"  O N N 89  
C   "C1'"  C N R 90  
C   N1     N N N 91  
C   C2     C N N 92  
C   O2     O N N 93  
C   N3     N N N 94  
C   C4     C N N 95  
C   N4     N N N 96  
C   C5     C N N 97  
C   C6     C N N 98  
C   HOP3   H N N 99  
C   HOP2   H N N 100 
C   "H5'"  H N N 101 
C   "H5''" H N N 102 
C   "H4'"  H N N 103 
C   "H3'"  H N N 104 
C   "HO3'" H N N 105 
C   "H2'"  H N N 106 
C   "HO2'" H N N 107 
C   "H1'"  H N N 108 
C   H41    H N N 109 
C   H42    H N N 110 
C   H5     H N N 111 
C   H6     H N N 112 
G   OP3    O N N 113 
G   P      P N N 114 
G   OP1    O N N 115 
G   OP2    O N N 116 
G   "O5'"  O N N 117 
G   "C5'"  C N N 118 
G   "C4'"  C N R 119 
G   "O4'"  O N N 120 
G   "C3'"  C N S 121 
G   "O3'"  O N N 122 
G   "C2'"  C N R 123 
G   "O2'"  O N N 124 
G   "C1'"  C N R 125 
G   N9     N Y N 126 
G   C8     C Y N 127 
G   N7     N Y N 128 
G   C5     C Y N 129 
G   C6     C N N 130 
G   O6     O N N 131 
G   N1     N N N 132 
G   C2     C N N 133 
G   N2     N N N 134 
G   N3     N N N 135 
G   C4     C Y N 136 
G   HOP3   H N N 137 
G   HOP2   H N N 138 
G   "H5'"  H N N 139 
G   "H5''" H N N 140 
G   "H4'"  H N N 141 
G   "H3'"  H N N 142 
G   "HO3'" H N N 143 
G   "H2'"  H N N 144 
G   "HO2'" H N N 145 
G   "H1'"  H N N 146 
G   H8     H N N 147 
G   H1     H N N 148 
G   H21    H N N 149 
G   H22    H N N 150 
GET C11    C N S 151 
GET O11    O N N 152 
GET C21    C N R 153 
GET N21    N N N 154 
GET C31    C N R 155 
GET O31    O N N 156 
GET C41    C N S 157 
GET O41    O N N 158 
GET C51    C N R 159 
GET O51    O N N 160 
GET C61    C N R 161 
GET O61    O N N 162 
GET C71    C N N 163 
GET C12    C N R 164 
GET N12    N N N 165 
GET C22    C N N 166 
GET C32    C N S 167 
GET N32    N N N 168 
GET C42    C N R 169 
GET C52    C N S 170 
GET O52    O N N 171 
GET C62    C N S 172 
GET O62    O N N 173 
GET C13    C N R 174 
GET C23    C N R 175 
GET O23    O N N 176 
GET C33    C N R 177 
GET N33    N N N 178 
GET C93    C N N 179 
GET C43    C N R 180 
GET O43    O N N 181 
GET C83    C N N 182 
GET C53    C N N 183 
GET O53    O N N 184 
GET H111   H N N 185 
GET H21    H N N 186 
GET H211   H N N 187 
GET H212   H N N 188 
GET H311   H N N 189 
GET H31    H N N 190 
GET H411   H N N 191 
GET H41    H N N 192 
GET H511   H N N 193 
GET H611   H N N 194 
GET H61    H N N 195 
GET H711   H N N 196 
GET H712   H N N 197 
GET H713   H N N 198 
GET H12    H N N 199 
GET H121   H N N 200 
GET H122   H N N 201 
GET H221   H N N 202 
GET H222   H N N 203 
GET H32    H N N 204 
GET H321   H N N 205 
GET H322   H N N 206 
GET H421   H N N 207 
GET H521   H N N 208 
GET H52    H N N 209 
GET H621   H N N 210 
GET H131   H N N 211 
GET H231   H N N 212 
GET H23    H N N 213 
GET H331   H N N 214 
GET H33    H N N 215 
GET H931   H N N 216 
GET H932   H N N 217 
GET H933   H N N 218 
GET H43    H N N 219 
GET H831   H N N 220 
GET H832   H N N 221 
GET H833   H N N 222 
GET H531   H N N 223 
GET H532   H N N 224 
HOH O      O N N 225 
HOH H1     H N N 226 
HOH H2     H N N 227 
U   OP3    O N N 228 
U   P      P N N 229 
U   OP1    O N N 230 
U   OP2    O N N 231 
U   "O5'"  O N N 232 
U   "C5'"  C N N 233 
U   "C4'"  C N R 234 
U   "O4'"  O N N 235 
U   "C3'"  C N S 236 
U   "O3'"  O N N 237 
U   "C2'"  C N R 238 
U   "O2'"  O N N 239 
U   "C1'"  C N R 240 
U   N1     N N N 241 
U   C2     C N N 242 
U   O2     O N N 243 
U   N3     N N N 244 
U   C4     C N N 245 
U   O4     O N N 246 
U   C5     C N N 247 
U   C6     C N N 248 
U   HOP3   H N N 249 
U   HOP2   H N N 250 
U   "H5'"  H N N 251 
U   "H5''" H N N 252 
U   "H4'"  H N N 253 
U   "H3'"  H N N 254 
U   "HO3'" H N N 255 
U   "H2'"  H N N 256 
U   "HO2'" H N N 257 
U   "H1'"  H N N 258 
U   H3     H N N 259 
U   H5     H N N 260 
U   H6     H N N 261 
# 
loop_
_chem_comp_bond.comp_id 
_chem_comp_bond.atom_id_1 
_chem_comp_bond.atom_id_2 
_chem_comp_bond.value_order 
_chem_comp_bond.pdbx_aromatic_flag 
_chem_comp_bond.pdbx_stereo_config 
_chem_comp_bond.pdbx_ordinal 
1MA P     OP1    doub N N 1   
1MA P     OP2    sing N N 2   
1MA P     OP3    sing N N 3   
1MA P     "O5'"  sing N N 4   
1MA OP2   HOP2   sing N N 5   
1MA OP3   HOP3   sing N N 6   
1MA "O5'" "C5'"  sing N N 7   
1MA "C5'" "C4'"  sing N N 8   
1MA "C5'" "H5'"  sing N N 9   
1MA "C5'" "H5''" sing N N 10  
1MA "C4'" "O4'"  sing N N 11  
1MA "C4'" "C3'"  sing N N 12  
1MA "C4'" "H4'"  sing N N 13  
1MA "O4'" "C1'"  sing N N 14  
1MA "C3'" "O3'"  sing N N 15  
1MA "C3'" "C2'"  sing N N 16  
1MA "C3'" "H3'"  sing N N 17  
1MA "O3'" "HO3'" sing N N 18  
1MA "C2'" "O2'"  sing N N 19  
1MA "C2'" "C1'"  sing N N 20  
1MA "C2'" "H2'"  sing N N 21  
1MA "O2'" "HO2'" sing N N 22  
1MA "C1'" N9     sing N N 23  
1MA "C1'" "H1'"  sing N N 24  
1MA N9    C8     sing Y N 25  
1MA N9    C4     sing Y N 26  
1MA C8    N7     doub Y N 27  
1MA C8    H8     sing N N 28  
1MA N7    C5     sing Y N 29  
1MA C5    C6     sing N N 30  
1MA C5    C4     doub Y N 31  
1MA C6    N6     doub N N 32  
1MA C6    N1     sing N N 33  
1MA N6    HN61   sing N N 34  
1MA N1    CM1    sing N N 35  
1MA N1    C2     sing N N 36  
1MA CM1   HM11   sing N N 37  
1MA CM1   HM12   sing N N 38  
1MA CM1   HM13   sing N N 39  
1MA C2    N3     doub N N 40  
1MA C2    H2     sing N N 41  
1MA N3    C4     sing N N 42  
A   OP3   P      sing N N 43  
A   OP3   HOP3   sing N N 44  
A   P     OP1    doub N N 45  
A   P     OP2    sing N N 46  
A   P     "O5'"  sing N N 47  
A   OP2   HOP2   sing N N 48  
A   "O5'" "C5'"  sing N N 49  
A   "C5'" "C4'"  sing N N 50  
A   "C5'" "H5'"  sing N N 51  
A   "C5'" "H5''" sing N N 52  
A   "C4'" "O4'"  sing N N 53  
A   "C4'" "C3'"  sing N N 54  
A   "C4'" "H4'"  sing N N 55  
A   "O4'" "C1'"  sing N N 56  
A   "C3'" "O3'"  sing N N 57  
A   "C3'" "C2'"  sing N N 58  
A   "C3'" "H3'"  sing N N 59  
A   "O3'" "HO3'" sing N N 60  
A   "C2'" "O2'"  sing N N 61  
A   "C2'" "C1'"  sing N N 62  
A   "C2'" "H2'"  sing N N 63  
A   "O2'" "HO2'" sing N N 64  
A   "C1'" N9     sing N N 65  
A   "C1'" "H1'"  sing N N 66  
A   N9    C8     sing Y N 67  
A   N9    C4     sing Y N 68  
A   C8    N7     doub Y N 69  
A   C8    H8     sing N N 70  
A   N7    C5     sing Y N 71  
A   C5    C6     sing Y N 72  
A   C5    C4     doub Y N 73  
A   C6    N6     sing N N 74  
A   C6    N1     doub Y N 75  
A   N6    H61    sing N N 76  
A   N6    H62    sing N N 77  
A   N1    C2     sing Y N 78  
A   C2    N3     doub Y N 79  
A   C2    H2     sing N N 80  
A   N3    C4     sing Y N 81  
C   OP3   P      sing N N 82  
C   OP3   HOP3   sing N N 83  
C   P     OP1    doub N N 84  
C   P     OP2    sing N N 85  
C   P     "O5'"  sing N N 86  
C   OP2   HOP2   sing N N 87  
C   "O5'" "C5'"  sing N N 88  
C   "C5'" "C4'"  sing N N 89  
C   "C5'" "H5'"  sing N N 90  
C   "C5'" "H5''" sing N N 91  
C   "C4'" "O4'"  sing N N 92  
C   "C4'" "C3'"  sing N N 93  
C   "C4'" "H4'"  sing N N 94  
C   "O4'" "C1'"  sing N N 95  
C   "C3'" "O3'"  sing N N 96  
C   "C3'" "C2'"  sing N N 97  
C   "C3'" "H3'"  sing N N 98  
C   "O3'" "HO3'" sing N N 99  
C   "C2'" "O2'"  sing N N 100 
C   "C2'" "C1'"  sing N N 101 
C   "C2'" "H2'"  sing N N 102 
C   "O2'" "HO2'" sing N N 103 
C   "C1'" N1     sing N N 104 
C   "C1'" "H1'"  sing N N 105 
C   N1    C2     sing N N 106 
C   N1    C6     sing N N 107 
C   C2    O2     doub N N 108 
C   C2    N3     sing N N 109 
C   N3    C4     doub N N 110 
C   C4    N4     sing N N 111 
C   C4    C5     sing N N 112 
C   N4    H41    sing N N 113 
C   N4    H42    sing N N 114 
C   C5    C6     doub N N 115 
C   C5    H5     sing N N 116 
C   C6    H6     sing N N 117 
G   OP3   P      sing N N 118 
G   OP3   HOP3   sing N N 119 
G   P     OP1    doub N N 120 
G   P     OP2    sing N N 121 
G   P     "O5'"  sing N N 122 
G   OP2   HOP2   sing N N 123 
G   "O5'" "C5'"  sing N N 124 
G   "C5'" "C4'"  sing N N 125 
G   "C5'" "H5'"  sing N N 126 
G   "C5'" "H5''" sing N N 127 
G   "C4'" "O4'"  sing N N 128 
G   "C4'" "C3'"  sing N N 129 
G   "C4'" "H4'"  sing N N 130 
G   "O4'" "C1'"  sing N N 131 
G   "C3'" "O3'"  sing N N 132 
G   "C3'" "C2'"  sing N N 133 
G   "C3'" "H3'"  sing N N 134 
G   "O3'" "HO3'" sing N N 135 
G   "C2'" "O2'"  sing N N 136 
G   "C2'" "C1'"  sing N N 137 
G   "C2'" "H2'"  sing N N 138 
G   "O2'" "HO2'" sing N N 139 
G   "C1'" N9     sing N N 140 
G   "C1'" "H1'"  sing N N 141 
G   N9    C8     sing Y N 142 
G   N9    C4     sing Y N 143 
G   C8    N7     doub Y N 144 
G   C8    H8     sing N N 145 
G   N7    C5     sing Y N 146 
G   C5    C6     sing N N 147 
G   C5    C4     doub Y N 148 
G   C6    O6     doub N N 149 
G   C6    N1     sing N N 150 
G   N1    C2     sing N N 151 
G   N1    H1     sing N N 152 
G   C2    N2     sing N N 153 
G   C2    N3     doub N N 154 
G   N2    H21    sing N N 155 
G   N2    H22    sing N N 156 
G   N3    C4     sing N N 157 
GET C11   O11    sing N N 158 
GET C11   C21    sing N N 159 
GET C11   O51    sing N N 160 
GET C11   H111   sing N N 161 
GET O11   C42    sing N N 162 
GET C21   N21    sing N N 163 
GET C21   C31    sing N N 164 
GET C21   H21    sing N N 165 
GET N21   H211   sing N N 166 
GET N21   H212   sing N N 167 
GET C31   O31    sing N N 168 
GET C31   C41    sing N N 169 
GET C31   H311   sing N N 170 
GET O31   H31    sing N N 171 
GET C41   O41    sing N N 172 
GET C41   C51    sing N N 173 
GET C41   H411   sing N N 174 
GET O41   H41    sing N N 175 
GET C51   O51    sing N N 176 
GET C51   C61    sing N N 177 
GET C51   H511   sing N N 178 
GET C61   O61    sing N N 179 
GET C61   C71    sing N N 180 
GET C61   H611   sing N N 181 
GET O61   H61    sing N N 182 
GET C71   H711   sing N N 183 
GET C71   H712   sing N N 184 
GET C71   H713   sing N N 185 
GET C12   N12    sing N N 186 
GET C12   C22    sing N N 187 
GET C12   C62    sing N N 188 
GET C12   H12    sing N N 189 
GET N12   H121   sing N N 190 
GET N12   H122   sing N N 191 
GET C22   C32    sing N N 192 
GET C22   H221   sing N N 193 
GET C22   H222   sing N N 194 
GET C32   N32    sing N N 195 
GET C32   C42    sing N N 196 
GET C32   H32    sing N N 197 
GET N32   H321   sing N N 198 
GET N32   H322   sing N N 199 
GET C42   C52    sing N N 200 
GET C42   H421   sing N N 201 
GET C52   O52    sing N N 202 
GET C52   C62    sing N N 203 
GET C52   H521   sing N N 204 
GET O52   H52    sing N N 205 
GET C62   O62    sing N N 206 
GET C62   H621   sing N N 207 
GET O62   C13    sing N N 208 
GET C13   C23    sing N N 209 
GET C13   O53    sing N N 210 
GET C13   H131   sing N N 211 
GET C23   O23    sing N N 212 
GET C23   C33    sing N N 213 
GET C23   H231   sing N N 214 
GET O23   H23    sing N N 215 
GET C33   N33    sing N N 216 
GET C33   C43    sing N N 217 
GET C33   H331   sing N N 218 
GET N33   C93    sing N N 219 
GET N33   H33    sing N N 220 
GET C93   H931   sing N N 221 
GET C93   H932   sing N N 222 
GET C93   H933   sing N N 223 
GET C43   O43    sing N N 224 
GET C43   C83    sing N N 225 
GET C43   C53    sing N N 226 
GET O43   H43    sing N N 227 
GET C83   H831   sing N N 228 
GET C83   H832   sing N N 229 
GET C83   H833   sing N N 230 
GET C53   O53    sing N N 231 
GET C53   H531   sing N N 232 
GET C53   H532   sing N N 233 
HOH O     H1     sing N N 234 
HOH O     H2     sing N N 235 
U   OP3   P      sing N N 236 
U   OP3   HOP3   sing N N 237 
U   P     OP1    doub N N 238 
U   P     OP2    sing N N 239 
U   P     "O5'"  sing N N 240 
U   OP2   HOP2   sing N N 241 
U   "O5'" "C5'"  sing N N 242 
U   "C5'" "C4'"  sing N N 243 
U   "C5'" "H5'"  sing N N 244 
U   "C5'" "H5''" sing N N 245 
U   "C4'" "O4'"  sing N N 246 
U   "C4'" "C3'"  sing N N 247 
U   "C4'" "H4'"  sing N N 248 
U   "O4'" "C1'"  sing N N 249 
U   "C3'" "O3'"  sing N N 250 
U   "C3'" "C2'"  sing N N 251 
U   "C3'" "H3'"  sing N N 252 
U   "O3'" "HO3'" sing N N 253 
U   "C2'" "O2'"  sing N N 254 
U   "C2'" "C1'"  sing N N 255 
U   "C2'" "H2'"  sing N N 256 
U   "O2'" "HO2'" sing N N 257 
U   "C1'" N1     sing N N 258 
U   "C1'" "H1'"  sing N N 259 
U   N1    C2     sing N N 260 
U   N1    C6     sing N N 261 
U   C2    O2     doub N N 262 
U   C2    N3     sing N N 263 
U   N3    C4     sing N N 264 
U   N3    H3     sing N N 265 
U   C4    O4     doub N N 266 
U   C4    C5     sing N N 267 
U   C5    C6     doub N N 268 
U   C5    H5     sing N N 269 
U   C6    H6     sing N N 270 
# 
loop_
_ndb_struct_conf_na.entry_id 
_ndb_struct_conf_na.feature 
5ZEI 'double helix'        
5ZEI 'a-form double helix' 
# 
loop_
_ndb_struct_na_base_pair.model_number 
_ndb_struct_na_base_pair.i_label_asym_id 
_ndb_struct_na_base_pair.i_label_comp_id 
_ndb_struct_na_base_pair.i_label_seq_id 
_ndb_struct_na_base_pair.i_symmetry 
_ndb_struct_na_base_pair.j_label_asym_id 
_ndb_struct_na_base_pair.j_label_comp_id 
_ndb_struct_na_base_pair.j_label_seq_id 
_ndb_struct_na_base_pair.j_symmetry 
_ndb_struct_na_base_pair.shear 
_ndb_struct_na_base_pair.stretch 
_ndb_struct_na_base_pair.stagger 
_ndb_struct_na_base_pair.buckle 
_ndb_struct_na_base_pair.propeller 
_ndb_struct_na_base_pair.opening 
_ndb_struct_na_base_pair.pair_number 
_ndb_struct_na_base_pair.pair_name 
_ndb_struct_na_base_pair.i_auth_asym_id 
_ndb_struct_na_base_pair.i_auth_seq_id 
_ndb_struct_na_base_pair.i_PDB_ins_code 
_ndb_struct_na_base_pair.j_auth_asym_id 
_ndb_struct_na_base_pair.j_auth_seq_id 
_ndb_struct_na_base_pair.j_PDB_ins_code 
_ndb_struct_na_base_pair.hbond_type_28 
_ndb_struct_na_base_pair.hbond_type_12 
1 A G 2  1_555 B C 21 1_555 -0.523 -0.285 0.151  0.429   -5.651  1.507   1  A_G3:C46_B  A 3  ? B 46 ? 19 1 
1 A C 3  1_555 B G 20 1_555 0.098  -0.181 0.177  4.190   -3.083  0.411   2  A_C4:G45_B  A 4  ? B 45 ? 19 1 
1 A G 4  1_555 B C 19 1_555 -0.121 -0.186 -0.160 -1.619  -1.274  0.768   3  A_G5:C44_B  A 5  ? B 44 ? 19 1 
1 A U 5  1_555 B U 18 1_555 -2.099 -1.446 -0.723 3.698   -9.418  -15.222 4  A_U6:U43_B  A 6  ? B 43 ? ?  ? 
1 A C 6  1_555 B G 17 1_555 0.162  -0.033 0.170  -12.630 8.064   -2.715  5  A_C7:G42_B  A 7  ? B 42 ? 19 1 
1 A C 8  1_555 B G 14 1_555 0.215  -0.175 0.229  2.213   -16.496 1.377   6  A_C9:G39_B  A 9  ? B 39 ? 19 1 
1 A G 9  1_555 B C 13 1_555 -0.125 -0.291 -0.026 -4.182  -17.451 3.122   7  A_G10:C38_B A 10 ? B 38 ? 19 1 
1 A U 10 1_555 B A 12 1_555 -0.005 -0.193 0.123  -5.845  -16.379 1.192   8  A_U11:A37_B A 11 ? B 37 ? 20 1 
1 A C 11 1_555 B G 11 1_555 0.379  -0.181 0.241  -2.464  -11.866 1.935   9  A_C12:G36_B A 12 ? B 36 ? 19 1 
1 A G 12 1_555 B C 10 1_555 -0.247 -0.068 0.209  -1.839  -10.898 1.541   10 A_G13:C35_B A 13 ? B 35 ? 19 1 
1 A A 13 1_555 B U 9  1_555 0.058  -0.051 0.069  1.288   -14.630 -2.927  11 A_A14:U34_B A 14 ? B 34 ? 20 1 
1 A C 14 1_555 B G 8  1_555 0.228  -0.143 0.496  -0.474  -13.521 1.626   12 A_C15:G33_B A 15 ? B 33 ? 19 1 
1 A G 15 1_555 B C 7  1_555 -0.290 -0.230 0.128  -3.379  -17.229 -0.989  13 A_G16:C32_B A 16 ? B 32 ? 19 1 
1 A G 18 1_555 B C 5  1_555 0.087  -0.117 -0.216 3.080   -2.120  1.301   14 A_G19:C30_B A 19 ? B 30 ? 19 1 
1 A U 19 1_555 B U 4  1_555 2.140  -1.598 -0.442 -11.964 -9.989  -2.518  15 A_U20:U29_B A 20 ? B 29 ? 16 1 
1 A C 20 1_555 B G 3  1_555 0.271  -0.181 -0.588 7.317   -8.845  3.033   16 A_C21:G28_B A 21 ? B 28 ? 19 1 
1 A G 21 1_555 B C 2  1_555 0.026  -0.168 -0.366 -10.531 -7.168  -2.990  17 A_G22:C27_B A 22 ? B 27 ? 19 1 
1 A C 22 1_555 B G 1  1_555 0.522  -0.170 -0.219 3.431   3.394   -2.630  18 A_C23:G26_B A 23 ? B 26 ? 19 1 
# 
loop_
_ndb_struct_na_base_pair_step.model_number 
_ndb_struct_na_base_pair_step.i_label_asym_id_1 
_ndb_struct_na_base_pair_step.i_label_comp_id_1 
_ndb_struct_na_base_pair_step.i_label_seq_id_1 
_ndb_struct_na_base_pair_step.i_symmetry_1 
_ndb_struct_na_base_pair_step.j_label_asym_id_1 
_ndb_struct_na_base_pair_step.j_label_comp_id_1 
_ndb_struct_na_base_pair_step.j_label_seq_id_1 
_ndb_struct_na_base_pair_step.j_symmetry_1 
_ndb_struct_na_base_pair_step.i_label_asym_id_2 
_ndb_struct_na_base_pair_step.i_label_comp_id_2 
_ndb_struct_na_base_pair_step.i_label_seq_id_2 
_ndb_struct_na_base_pair_step.i_symmetry_2 
_ndb_struct_na_base_pair_step.j_label_asym_id_2 
_ndb_struct_na_base_pair_step.j_label_comp_id_2 
_ndb_struct_na_base_pair_step.j_label_seq_id_2 
_ndb_struct_na_base_pair_step.j_symmetry_2 
_ndb_struct_na_base_pair_step.shift 
_ndb_struct_na_base_pair_step.slide 
_ndb_struct_na_base_pair_step.rise 
_ndb_struct_na_base_pair_step.tilt 
_ndb_struct_na_base_pair_step.roll 
_ndb_struct_na_base_pair_step.twist 
_ndb_struct_na_base_pair_step.x_displacement 
_ndb_struct_na_base_pair_step.y_displacement 
_ndb_struct_na_base_pair_step.helical_rise 
_ndb_struct_na_base_pair_step.inclination 
_ndb_struct_na_base_pair_step.tip 
_ndb_struct_na_base_pair_step.helical_twist 
_ndb_struct_na_base_pair_step.step_number 
_ndb_struct_na_base_pair_step.step_name 
_ndb_struct_na_base_pair_step.i_auth_asym_id_1 
_ndb_struct_na_base_pair_step.i_auth_seq_id_1 
_ndb_struct_na_base_pair_step.i_PDB_ins_code_1 
_ndb_struct_na_base_pair_step.j_auth_asym_id_1 
_ndb_struct_na_base_pair_step.j_auth_seq_id_1 
_ndb_struct_na_base_pair_step.j_PDB_ins_code_1 
_ndb_struct_na_base_pair_step.i_auth_asym_id_2 
_ndb_struct_na_base_pair_step.i_auth_seq_id_2 
_ndb_struct_na_base_pair_step.i_PDB_ins_code_2 
_ndb_struct_na_base_pair_step.j_auth_asym_id_2 
_ndb_struct_na_base_pair_step.j_auth_seq_id_2 
_ndb_struct_na_base_pair_step.j_PDB_ins_code_2 
1 A G 2  1_555 B C 21 1_555 A C 3  1_555 B G 20 1_555 -0.480 -1.747 3.216 -2.523 -0.940 35.003 -2.756 0.420  3.286 -1.560 4.187   
35.103 1  AA_G3C4:G45C46_BB   A 3  ? B 46 ? A 4  ? B 45 ? 
1 A C 3  1_555 B G 20 1_555 A G 4  1_555 B C 19 1_555 0.096  -1.698 3.213 2.364  9.215  31.966 -4.364 0.192  2.635 16.288 -4.177  
33.316 2  AA_C4G5:C44G45_BB   A 4  ? B 45 ? A 5  ? B 44 ? 
1 A G 4  1_555 B C 19 1_555 A U 5  1_555 B U 18 1_555 -0.640 -2.051 3.084 1.142  3.097  25.706 -5.347 1.713  2.791 6.925  -2.553  
25.914 3  AA_G5U6:U43C44_BB   A 5  ? B 44 ? A 6  ? B 43 ? 
1 A U 5  1_555 B U 18 1_555 A C 6  1_555 B G 17 1_555 1.043  -2.493 3.906 -5.006 2.606  43.302 -3.642 -1.958 3.621 3.514  6.749   
43.651 4  AA_U6C7:G42U43_BB   A 6  ? B 43 ? A 7  ? B 42 ? 
1 A C 8  1_555 B G 14 1_555 A G 9  1_555 B C 13 1_555 0.042  -1.819 3.253 -0.585 11.538 31.930 -4.791 -0.157 2.465 20.166 1.022   
33.905 5  AA_C9G10:C38G39_BB  A 9  ? B 39 ? A 10 ? B 38 ? 
1 A G 9  1_555 B C 13 1_555 A U 10 1_555 B A 12 1_555 -0.603 -1.526 3.184 -2.421 4.871  31.495 -3.608 0.681  2.957 8.891  4.419   
31.949 6  AA_G10U11:A37C38_BB A 10 ? B 38 ? A 11 ? B 37 ? 
1 A U 10 1_555 B A 12 1_555 A C 11 1_555 B G 11 1_555 -0.050 -1.243 3.237 -1.576 4.521  33.472 -2.844 -0.160 3.047 7.801  2.718   
33.803 7  AA_U11C12:G36A37_BB A 11 ? B 37 ? A 12 ? B 36 ? 
1 A C 11 1_555 B G 11 1_555 A G 12 1_555 B C 10 1_555 0.103  -1.791 3.094 -0.031 8.042  26.575 -5.418 -0.221 2.456 17.006 0.065   
27.744 8  AA_C12G13:C35G36_BB A 12 ? B 36 ? A 13 ? B 35 ? 
1 A G 12 1_555 B C 10 1_555 A A 13 1_555 B U 9  1_555 -0.752 -1.415 3.268 -0.088 5.609  33.823 -3.252 1.263  3.003 9.560  0.149   
34.271 9  AA_G13A14:U34C35_BB A 13 ? B 35 ? A 14 ? B 34 ? 
1 A A 13 1_555 B U 9  1_555 A C 14 1_555 B G 8  1_555 0.645  -1.278 3.271 -0.639 7.417  32.671 -3.387 -1.221 2.906 12.976 1.119   
33.486 10 AA_A14C15:G33U34_BB A 14 ? B 34 ? A 15 ? B 33 ? 
1 A C 14 1_555 B G 8  1_555 A G 15 1_555 B C 7  1_555 0.370  -1.687 3.142 6.108  11.692 32.273 -4.400 0.206  2.432 20.021 -10.459 
34.798 11 AA_C15G16:C32G33_BB A 15 ? B 33 ? A 16 ? B 32 ? 
1 A G 18 1_555 B C 5  1_555 A U 19 1_555 B U 4  1_555 -0.728 -2.360 3.809 2.559  7.145  42.545 -3.978 1.266  3.342 9.754  -3.493  
43.185 12 AA_G19U20:U29C30_BB A 19 ? B 30 ? A 20 ? B 29 ? 
1 A U 19 1_555 B U 4  1_555 A C 20 1_555 B G 3  1_555 0.345  -1.536 2.687 2.627  -0.193 24.362 -3.569 -0.139 2.720 -0.455 -6.203  
24.502 13 AA_U20C21:G28U29_BB A 20 ? B 29 ? A 21 ? B 28 ? 
1 A C 20 1_555 B G 3  1_555 A G 21 1_555 B C 2  1_555 -0.755 -1.518 3.833 1.343  9.581  31.032 -4.565 1.610  3.200 17.386 -2.437  
32.470 14 AA_C21G22:C27G28_BB A 21 ? B 28 ? A 22 ? B 27 ? 
1 A G 21 1_555 B C 2  1_555 A C 22 1_555 B G 1  1_555 0.768  -1.304 3.061 0.764  2.337  33.751 -2.589 -1.206 2.982 4.019  -1.314  
33.838 15 AA_G22C23:G26C27_BB A 22 ? B 27 ? A 23 ? B 26 ? 
# 
loop_
_pdbx_audit_support.funding_organization 
_pdbx_audit_support.country 
_pdbx_audit_support.grant_number 
_pdbx_audit_support.ordinal 
'Ministry of Education, Culture, Sports, Science and Technology (Japan)' Japan 23790054   1 
'Ministry of Education, Culture, Sports, Science and Technology (Japan)' Japan 26860025   2 
'Ministry of Education, Culture, Sports, Science and Technology (Japan)' Japan 17K08248   3 
'Kurata Grant'                                                           Japan '2013- 20' 4 
'Ichiro Kanehara Foundation'                                             Japan 15KI192    5 
'Japan Science Society'                                                  Japan 28-325     6 
'Ministry of Education, Culture, Sports, Science and Technology (Japan)' Japan 17K08248   7 
# 
loop_
_pdbx_entity_nonpoly.entity_id 
_pdbx_entity_nonpoly.name 
_pdbx_entity_nonpoly.comp_id 
3 GENETICIN GET 
4 water     HOH 
# 
_pdbx_initial_refinement_model.id               1 
_pdbx_initial_refinement_model.entity_id_list   ? 
_pdbx_initial_refinement_model.type             'experimental model' 
_pdbx_initial_refinement_model.source_name      PDB 
_pdbx_initial_refinement_model.accession_code   3TD1 
_pdbx_initial_refinement_model.details          ? 
# 
_pdbx_struct_assembly_auth_evidence.id                     1 
_pdbx_struct_assembly_auth_evidence.assembly_id            1 
_pdbx_struct_assembly_auth_evidence.experimental_support   none 
_pdbx_struct_assembly_auth_evidence.details                ? 
# 
